data_4ANF
#
_entry.id   4ANF
#
_cell.length_a   167.907
_cell.length_b   167.907
_cell.length_c   167.907
_cell.angle_alpha   90.00
_cell.angle_beta   90.00
_cell.angle_gamma   90.00
#
_symmetry.space_group_name_H-M   'P 21 3'
#
loop_
_entity.id
_entity.type
_entity.pdbx_description
1 polymer 'ORNITHINE CARBAMOYLTRANSFERASE, CATABOLIC'
2 water water
#
_entity_poly.entity_id   1
_entity_poly.type   'polypeptide(L)'
_entity_poly.pdbx_seq_one_letter_code
;MGHHHHHHHHHHSSGHIDDDDKHMPVNLKGRSLDSLLNFTTEEVQHLIDLSIDLKKAKYQGLHINNRPLVGKNIAILFQK
DSTRTRCAFEVAASDLGAGVTYIGPSGSNMGKKESIEDTAKVLGRFYDGIEFRGFAQSDVDALVKYSGVPVWNGLTDDEH
PTQIIADFMTMKEKFGNLKNKKIVFIGDYKNNVGVSTMIGAAFNGMHVVMCGPDNYKNEIDKNVLAKCIELFKRNGGSLR
FSTDKILAAQDADVIYTDVWVSLGEPFELFDKRIGELKNFQVDMNMIKAAKNDVIFLHCLPAFHDDHTSFSKEVATTLGA
KYPIVAKGEMEVTDEVFQSLHNKAFDQAENRMHSIKAIILSTIGY
;
_entity_poly.pdbx_strand_id   A,B,C,D
#
# COMPACT_ATOMS: atom_id res chain seq x y z
N MET A 24 13.57 37.26 3.05
CA MET A 24 12.32 36.76 3.62
C MET A 24 11.45 36.02 2.59
N PRO A 25 10.91 34.84 3.00
CA PRO A 25 10.18 33.93 2.09
C PRO A 25 8.64 34.00 2.19
N VAL A 26 7.98 33.38 1.21
CA VAL A 26 6.53 33.19 1.29
C VAL A 26 6.23 32.11 2.33
N ASN A 27 6.60 32.39 3.57
CA ASN A 27 6.29 31.43 4.60
C ASN A 27 4.94 31.73 5.23
N LEU A 28 3.91 31.41 4.45
CA LEU A 28 2.54 31.63 4.89
C LEU A 28 2.17 30.68 6.03
N LYS A 29 3.01 29.67 6.27
CA LYS A 29 2.67 28.65 7.26
C LYS A 29 2.36 29.21 8.65
N GLY A 30 1.16 28.93 9.15
CA GLY A 30 0.76 29.42 10.46
C GLY A 30 0.00 30.75 10.43
N ARG A 31 0.03 31.42 9.27
CA ARG A 31 -0.65 32.71 9.08
C ARG A 31 -2.17 32.65 9.09
N SER A 32 -2.80 33.79 9.31
CA SER A 32 -4.23 33.90 9.21
C SER A 32 -4.59 34.83 8.05
N LEU A 33 -5.59 34.44 7.28
CA LEU A 33 -6.11 35.33 6.27
C LEU A 33 -7.14 36.26 6.94
N ASP A 34 -6.66 37.27 7.67
CA ASP A 34 -7.55 38.22 8.33
C ASP A 34 -7.93 39.41 7.43
N SER A 35 -6.92 40.06 6.88
CA SER A 35 -7.08 41.03 5.80
C SER A 35 -5.91 40.92 4.81
N LEU A 36 -6.22 40.97 3.52
CA LEU A 36 -5.19 40.81 2.50
C LEU A 36 -4.13 41.87 2.66
N LEU A 37 -4.48 42.97 3.30
CA LEU A 37 -3.53 44.06 3.45
C LEU A 37 -2.40 43.75 4.44
N ASN A 38 -2.51 42.66 5.20
CA ASN A 38 -1.37 42.20 6.00
C ASN A 38 -0.46 41.24 5.24
N PHE A 39 -0.57 41.22 3.92
CA PHE A 39 0.29 40.36 3.11
C PHE A 39 1.05 41.20 2.11
N THR A 40 2.19 40.68 1.63
CA THR A 40 2.97 41.33 0.58
C THR A 40 2.42 41.05 -0.80
N THR A 41 2.88 41.82 -1.77
CA THR A 41 2.56 41.57 -3.15
C THR A 41 2.99 40.14 -3.48
N GLU A 42 4.21 39.81 -3.08
CA GLU A 42 4.80 38.51 -3.40
C GLU A 42 4.04 37.32 -2.82
N GLU A 43 3.53 37.47 -1.59
CA GLU A 43 2.72 36.42 -0.97
C GLU A 43 1.34 36.24 -1.64
N VAL A 44 0.78 37.34 -2.11
CA VAL A 44 -0.52 37.33 -2.79
C VAL A 44 -0.43 36.73 -4.21
N GLN A 45 0.63 37.05 -4.94
CA GLN A 45 0.88 36.39 -6.22
C GLN A 45 0.98 34.89 -6.00
N HIS A 46 1.75 34.51 -4.98
CA HIS A 46 1.99 33.10 -4.67
C HIS A 46 0.68 32.35 -4.43
N LEU A 47 -0.21 32.93 -3.64
CA LEU A 47 -1.52 32.36 -3.44
C LEU A 47 -2.28 32.28 -4.76
N ILE A 48 -2.22 33.32 -5.57
CA ILE A 48 -2.89 33.25 -6.87
C ILE A 48 -2.27 32.16 -7.72
N ASP A 49 -0.94 32.04 -7.67
CA ASP A 49 -0.30 31.03 -8.50
C ASP A 49 -0.57 29.61 -8.00
N LEU A 50 -0.44 29.40 -6.69
CA LEU A 50 -0.73 28.09 -6.12
C LEU A 50 -2.16 27.65 -6.44
N SER A 51 -3.09 28.59 -6.45
CA SER A 51 -4.50 28.27 -6.72
C SER A 51 -4.66 27.66 -8.10
N ILE A 52 -4.00 28.24 -9.10
CA ILE A 52 -4.06 27.72 -10.45
C ILE A 52 -3.43 26.32 -10.52
N ASP A 53 -2.32 26.15 -9.81
CA ASP A 53 -1.66 24.86 -9.78
C ASP A 53 -2.54 23.78 -9.17
N LEU A 54 -3.20 24.11 -8.05
CA LEU A 54 -4.10 23.15 -7.40
C LEU A 54 -5.29 22.82 -8.29
N LYS A 55 -5.76 23.82 -9.03
CA LYS A 55 -6.87 23.64 -9.94
C LYS A 55 -6.50 22.71 -11.08
N LYS A 56 -5.26 22.82 -11.54
CA LYS A 56 -4.77 21.96 -12.62
C LYS A 56 -4.45 20.55 -12.16
N ALA A 57 -4.12 20.37 -10.90
CA ALA A 57 -3.81 19.03 -10.43
C ALA A 57 -5.08 18.24 -10.17
N LYS A 58 -6.13 18.89 -9.66
CA LYS A 58 -7.44 18.23 -9.52
C LYS A 58 -7.96 17.68 -10.85
N TYR A 59 -7.97 18.52 -11.88
CA TYR A 59 -8.39 18.05 -13.20
C TYR A 59 -7.60 16.84 -13.69
N GLN A 60 -6.39 16.61 -13.17
CA GLN A 60 -5.66 15.39 -13.56
C GLN A 60 -6.01 14.26 -12.61
N GLY A 61 -6.75 14.58 -11.55
CA GLY A 61 -7.14 13.57 -10.59
C GLY A 61 -6.04 13.27 -9.59
N LEU A 62 -5.07 14.17 -9.51
CA LEU A 62 -3.93 14.00 -8.60
C LEU A 62 -4.30 14.07 -7.14
N HIS A 63 -5.49 14.56 -6.85
CA HIS A 63 -5.93 14.69 -5.48
C HIS A 63 -6.49 13.37 -4.94
N ILE A 64 -6.65 12.38 -5.81
CA ILE A 64 -7.13 11.08 -5.33
C ILE A 64 -6.12 10.35 -4.42
N ASN A 65 -4.82 10.39 -4.74
CA ASN A 65 -3.83 9.72 -3.89
C ASN A 65 -2.97 10.72 -3.09
N ASN A 66 -3.13 12.00 -3.35
CA ASN A 66 -2.30 13.01 -2.71
C ASN A 66 -3.17 13.91 -1.83
N ARG A 67 -3.32 13.49 -0.57
CA ARG A 67 -4.24 14.13 0.37
C ARG A 67 -3.50 14.59 1.63
N PRO A 68 -2.84 15.75 1.56
CA PRO A 68 -1.83 16.14 2.55
C PRO A 68 -2.36 16.52 3.95
N LEU A 69 -3.67 16.72 4.11
CA LEU A 69 -4.16 17.12 5.45
C LEU A 69 -4.91 16.01 6.21
N VAL A 70 -4.73 14.77 5.79
CA VAL A 70 -5.32 13.68 6.54
C VAL A 70 -4.77 13.72 7.98
N GLY A 71 -5.68 13.76 8.96
CA GLY A 71 -5.29 13.86 10.36
C GLY A 71 -5.41 15.29 10.87
N LYS A 72 -6.02 16.14 10.05
CA LYS A 72 -6.24 17.55 10.34
C LYS A 72 -7.74 17.84 10.29
N ASN A 73 -8.23 18.78 11.10
CA ASN A 73 -9.66 19.08 11.11
C ASN A 73 -9.89 20.57 11.14
N ILE A 74 -10.90 21.04 10.42
CA ILE A 74 -11.19 22.46 10.51
C ILE A 74 -12.64 22.70 10.88
N ALA A 75 -12.86 23.83 11.55
CA ALA A 75 -14.17 24.31 11.88
C ALA A 75 -14.46 25.52 10.99
N ILE A 76 -15.65 25.56 10.41
CA ILE A 76 -16.03 26.69 9.58
C ILE A 76 -17.30 27.30 10.19
N LEU A 77 -17.19 28.52 10.72
CA LEU A 77 -18.35 29.15 11.37
C LEU A 77 -18.96 30.17 10.43
N PHE A 78 -20.29 30.13 10.31
CA PHE A 78 -21.00 31.16 9.58
C PHE A 78 -22.10 31.75 10.44
N GLN A 79 -22.01 33.04 10.75
CA GLN A 79 -23.12 33.60 11.48
C GLN A 79 -24.13 34.21 10.54
N LYS A 80 -23.85 34.09 9.24
CA LYS A 80 -24.84 34.40 8.23
C LYS A 80 -24.66 33.47 7.03
N ASP A 81 -25.68 32.68 6.72
CA ASP A 81 -25.55 31.73 5.64
C ASP A 81 -24.86 32.38 4.46
N SER A 82 -23.90 31.65 3.91
CA SER A 82 -23.10 32.09 2.77
C SER A 82 -22.77 30.88 1.90
N THR A 83 -23.80 30.33 1.28
CA THR A 83 -23.70 29.13 0.46
C THR A 83 -22.38 28.98 -0.30
N ARG A 84 -22.01 30.00 -1.07
CA ARG A 84 -20.87 29.89 -1.94
C ARG A 84 -19.58 29.68 -1.12
N THR A 85 -19.37 30.51 -0.10
CA THR A 85 -18.15 30.42 0.67
C THR A 85 -18.11 29.10 1.45
N ARG A 86 -19.26 28.68 1.94
CA ARG A 86 -19.31 27.42 2.66
C ARG A 86 -18.93 26.24 1.78
N CYS A 87 -19.57 26.13 0.62
CA CYS A 87 -19.31 25.02 -0.27
C CYS A 87 -17.86 25.04 -0.72
N ALA A 88 -17.31 26.21 -0.96
CA ALA A 88 -15.92 26.30 -1.36
C ALA A 88 -14.99 25.66 -0.30
N PHE A 89 -15.19 26.02 0.96
CA PHE A 89 -14.38 25.47 2.05
C PHE A 89 -14.62 23.97 2.23
N GLU A 90 -15.87 23.55 2.11
CA GLU A 90 -16.19 22.16 2.35
C GLU A 90 -15.54 21.23 1.33
N VAL A 91 -15.54 21.64 0.06
CA VAL A 91 -14.94 20.82 -0.99
C VAL A 91 -13.42 20.96 -1.00
N ALA A 92 -12.92 22.14 -0.67
CA ALA A 92 -11.48 22.36 -0.63
C ALA A 92 -10.87 21.51 0.49
N ALA A 93 -11.45 21.59 1.68
CA ALA A 93 -10.93 20.88 2.83
C ALA A 93 -10.98 19.36 2.60
N SER A 94 -12.11 18.91 2.06
CA SER A 94 -12.33 17.51 1.74
C SER A 94 -11.31 16.96 0.75
N ASP A 95 -11.07 17.69 -0.34
CA ASP A 95 -10.11 17.26 -1.35
C ASP A 95 -8.71 17.09 -0.77
N LEU A 96 -8.36 17.93 0.20
CA LEU A 96 -7.06 17.90 0.85
C LEU A 96 -6.95 16.77 1.90
N GLY A 97 -8.10 16.25 2.34
CA GLY A 97 -8.13 15.16 3.30
C GLY A 97 -8.47 15.56 4.74
N ALA A 98 -8.82 16.81 4.94
CA ALA A 98 -9.20 17.30 6.25
C ALA A 98 -10.68 17.02 6.55
N GLY A 99 -11.00 16.79 7.82
CA GLY A 99 -12.38 16.77 8.27
C GLY A 99 -12.88 18.20 8.37
N VAL A 100 -14.15 18.45 8.10
CA VAL A 100 -14.68 19.76 8.44
C VAL A 100 -15.95 19.64 9.27
N THR A 101 -16.13 20.59 10.18
CA THR A 101 -17.38 20.68 10.90
C THR A 101 -17.98 22.07 10.72
N TYR A 102 -19.17 22.08 10.14
CA TYR A 102 -19.84 23.29 9.78
C TYR A 102 -20.70 23.79 10.94
N ILE A 103 -20.48 25.02 11.36
CA ILE A 103 -21.25 25.65 12.44
C ILE A 103 -21.98 26.88 11.91
N GLY A 104 -23.30 26.76 11.76
CA GLY A 104 -24.11 27.80 11.18
C GLY A 104 -24.37 28.93 12.17
N PRO A 105 -25.31 29.84 11.82
CA PRO A 105 -25.62 31.04 12.62
C PRO A 105 -26.00 30.76 14.08
N SER A 106 -26.88 29.79 14.36
CA SER A 106 -27.23 29.55 15.77
C SER A 106 -26.01 29.21 16.65
N GLY A 107 -25.10 28.38 16.16
CA GLY A 107 -23.91 28.03 16.92
C GLY A 107 -22.75 29.03 16.86
N SER A 108 -22.77 29.94 15.89
CA SER A 108 -21.64 30.84 15.64
C SER A 108 -21.70 32.17 16.37
N ASN A 109 -22.59 32.30 17.34
CA ASN A 109 -22.72 33.57 18.06
C ASN A 109 -21.49 33.88 18.89
N MET A 110 -21.09 35.15 18.88
CA MET A 110 -19.94 35.57 19.68
C MET A 110 -20.35 36.69 20.64
N GLY A 111 -19.90 36.59 21.88
CA GLY A 111 -20.14 37.62 22.88
C GLY A 111 -21.55 37.65 23.48
N LYS A 112 -22.38 36.68 23.15
CA LYS A 112 -23.71 36.65 23.74
C LYS A 112 -23.67 35.96 25.09
N LYS A 113 -23.33 34.68 25.09
CA LYS A 113 -23.36 33.88 26.31
C LYS A 113 -21.97 33.42 26.67
N GLU A 114 -21.01 33.78 25.83
CA GLU A 114 -19.61 33.55 26.13
C GLU A 114 -18.74 34.56 25.39
N SER A 115 -17.65 34.96 26.04
CA SER A 115 -16.71 35.88 25.44
C SER A 115 -15.99 35.22 24.25
N ILE A 116 -15.88 35.94 23.14
CA ILE A 116 -15.23 35.39 21.96
C ILE A 116 -13.79 34.93 22.28
N GLU A 117 -13.22 35.48 23.34
CA GLU A 117 -11.87 35.13 23.74
C GLU A 117 -11.87 33.71 24.31
N ASP A 118 -12.88 33.41 25.12
CA ASP A 118 -13.02 32.08 25.70
C ASP A 118 -13.33 31.05 24.62
N THR A 119 -14.23 31.42 23.71
CA THR A 119 -14.62 30.53 22.61
C THR A 119 -13.42 30.22 21.71
N ALA A 120 -12.68 31.25 21.35
CA ALA A 120 -11.49 31.12 20.52
C ALA A 120 -10.50 30.11 21.11
N LYS A 121 -10.34 30.15 22.42
CA LYS A 121 -9.37 29.31 23.10
C LYS A 121 -9.73 27.84 23.03
N VAL A 122 -11.02 27.55 22.94
CA VAL A 122 -11.45 26.16 22.91
C VAL A 122 -11.38 25.59 21.49
N LEU A 123 -11.77 26.39 20.52
CA LEU A 123 -11.70 25.94 19.14
C LEU A 123 -10.26 25.65 18.82
N GLY A 124 -9.35 26.29 19.54
CA GLY A 124 -7.93 26.14 19.26
C GLY A 124 -7.43 24.81 19.78
N ARG A 125 -8.20 24.21 20.69
CA ARG A 125 -7.86 22.96 21.31
C ARG A 125 -8.32 21.81 20.42
N PHE A 126 -9.40 22.05 19.67
CA PHE A 126 -10.03 21.02 18.87
C PHE A 126 -9.56 21.00 17.41
N TYR A 127 -9.36 22.18 16.85
CA TYR A 127 -9.19 22.35 15.41
C TYR A 127 -7.79 22.77 15.01
N ASP A 128 -7.44 22.51 13.76
CA ASP A 128 -6.14 22.91 13.24
C ASP A 128 -6.28 24.20 12.45
N GLY A 129 -7.52 24.59 12.17
CA GLY A 129 -7.78 25.82 11.44
C GLY A 129 -9.22 26.26 11.62
N ILE A 130 -9.44 27.56 11.58
CA ILE A 130 -10.80 28.08 11.72
C ILE A 130 -11.17 29.09 10.64
N GLU A 131 -12.31 28.87 9.99
CA GLU A 131 -12.87 29.85 9.07
C GLU A 131 -13.96 30.59 9.82
N PHE A 132 -14.16 31.86 9.49
CA PHE A 132 -15.16 32.67 10.17
C PHE A 132 -15.79 33.70 9.23
N ARG A 133 -17.12 33.69 9.20
CA ARG A 133 -17.87 34.61 8.37
C ARG A 133 -18.88 35.34 9.26
N GLY A 134 -18.67 36.65 9.38
CA GLY A 134 -19.40 37.48 10.30
C GLY A 134 -19.07 38.95 10.09
N PHE A 135 -19.88 39.83 10.67
CA PHE A 135 -19.87 41.24 10.32
C PHE A 135 -18.69 41.98 10.90
N ALA A 136 -18.35 41.65 12.14
CA ALA A 136 -17.30 42.35 12.86
C ALA A 136 -15.92 41.81 12.51
N GLN A 137 -15.09 42.66 11.92
CA GLN A 137 -13.71 42.31 11.67
C GLN A 137 -13.00 42.07 13.00
N SER A 138 -13.47 42.75 14.03
CA SER A 138 -12.85 42.64 15.35
C SER A 138 -13.02 41.24 15.92
N ASP A 139 -14.03 40.49 15.44
CA ASP A 139 -14.19 39.07 15.81
C ASP A 139 -13.16 38.15 15.15
N VAL A 140 -12.80 38.42 13.90
CA VAL A 140 -11.70 37.72 13.22
C VAL A 140 -10.39 37.96 13.98
N ASP A 141 -10.12 39.22 14.32
CA ASP A 141 -8.97 39.58 15.11
C ASP A 141 -8.92 38.76 16.38
N ALA A 142 -10.02 38.77 17.14
CA ALA A 142 -10.06 38.04 18.38
C ALA A 142 -9.69 36.57 18.17
N LEU A 143 -10.21 35.98 17.10
CA LEU A 143 -10.02 34.56 16.85
C LEU A 143 -8.57 34.24 16.48
N VAL A 144 -7.99 35.13 15.67
CA VAL A 144 -6.59 35.01 15.31
C VAL A 144 -5.72 35.07 16.56
N LYS A 145 -6.03 36.02 17.43
CA LYS A 145 -5.25 36.26 18.63
C LYS A 145 -5.37 35.13 19.64
N TYR A 146 -6.57 34.57 19.80
CA TYR A 146 -6.82 33.69 20.94
C TYR A 146 -6.83 32.21 20.63
N SER A 147 -7.00 31.87 19.35
CA SER A 147 -7.07 30.47 18.94
C SER A 147 -5.67 29.88 18.80
N GLY A 148 -4.72 30.69 18.33
CA GLY A 148 -3.37 30.23 18.07
C GLY A 148 -3.25 29.23 16.93
N VAL A 149 -4.19 29.31 15.98
CA VAL A 149 -4.21 28.47 14.78
C VAL A 149 -4.67 29.36 13.65
N PRO A 150 -4.34 29.00 12.42
CA PRO A 150 -4.72 29.82 11.26
C PRO A 150 -6.23 30.09 11.16
N VAL A 151 -6.62 31.37 11.18
CA VAL A 151 -8.02 31.80 11.01
C VAL A 151 -8.23 32.44 9.62
N TRP A 152 -9.34 32.07 8.95
CA TRP A 152 -9.63 32.58 7.61
C TRP A 152 -10.93 33.37 7.59
N ASN A 153 -10.80 34.65 7.28
CA ASN A 153 -11.92 35.55 7.05
C ASN A 153 -12.81 35.11 5.87
N GLY A 154 -13.95 34.53 6.21
CA GLY A 154 -14.94 34.12 5.23
C GLY A 154 -15.72 35.26 4.58
N LEU A 155 -15.74 36.42 5.25
CA LEU A 155 -16.40 37.65 4.80
C LEU A 155 -16.78 38.49 6.01
N THR A 156 -16.36 39.75 6.03
CA THR A 156 -16.81 40.69 7.06
C THR A 156 -17.36 41.92 6.40
N ASP A 157 -17.87 42.84 7.21
CA ASP A 157 -18.32 44.14 6.71
C ASP A 157 -17.14 44.87 6.07
N ASP A 158 -15.92 44.57 6.52
CA ASP A 158 -14.70 45.24 6.05
C ASP A 158 -14.05 44.66 4.80
N GLU A 159 -14.11 43.33 4.63
CA GLU A 159 -13.33 42.68 3.57
C GLU A 159 -13.68 41.23 3.25
N HIS A 160 -13.35 40.81 2.04
CA HIS A 160 -13.68 39.49 1.50
C HIS A 160 -12.45 38.88 0.83
N PRO A 161 -11.43 38.54 1.64
CA PRO A 161 -10.09 38.18 1.12
C PRO A 161 -10.11 36.95 0.22
N THR A 162 -10.85 35.92 0.60
CA THR A 162 -10.89 34.70 -0.20
C THR A 162 -11.42 35.02 -1.60
N GLN A 163 -12.40 35.92 -1.66
CA GLN A 163 -12.99 36.35 -2.92
C GLN A 163 -11.98 37.12 -3.79
N ILE A 164 -11.08 37.86 -3.15
CA ILE A 164 -10.09 38.58 -3.93
C ILE A 164 -9.19 37.60 -4.68
N ILE A 165 -8.74 36.54 -4.01
CA ILE A 165 -7.84 35.59 -4.68
C ILE A 165 -8.55 34.85 -5.82
N ALA A 166 -9.81 34.51 -5.61
CA ALA A 166 -10.61 33.85 -6.63
C ALA A 166 -10.76 34.74 -7.84
N ASP A 167 -11.01 36.02 -7.58
CA ASP A 167 -11.28 36.96 -8.65
C ASP A 167 -10.08 37.21 -9.56
N PHE A 168 -8.92 37.47 -8.95
CA PHE A 168 -7.73 37.84 -9.73
C PHE A 168 -7.05 36.65 -10.36
N MET A 169 -7.16 35.51 -9.70
CA MET A 169 -6.91 34.24 -10.34
C MET A 169 -7.67 34.17 -11.68
N THR A 170 -8.98 34.38 -11.61
CA THR A 170 -9.82 34.28 -12.81
C THR A 170 -9.29 35.17 -13.95
N MET A 171 -8.99 36.43 -13.64
CA MET A 171 -8.43 37.35 -14.63
C MET A 171 -7.11 36.84 -15.21
N LYS A 172 -6.18 36.44 -14.34
CA LYS A 172 -4.90 35.90 -14.80
C LYS A 172 -5.07 34.65 -15.67
N GLU A 173 -6.02 33.80 -15.31
CA GLU A 173 -6.29 32.63 -16.12
C GLU A 173 -6.64 33.03 -17.54
N LYS A 174 -7.11 34.26 -17.71
CA LYS A 174 -7.67 34.72 -18.97
C LYS A 174 -6.73 35.65 -19.76
N PHE A 175 -5.92 36.42 -19.05
CA PHE A 175 -5.13 37.46 -19.68
C PHE A 175 -3.64 37.30 -19.42
N GLY A 176 -3.27 36.40 -18.52
CA GLY A 176 -1.88 36.25 -18.15
C GLY A 176 -1.45 37.33 -17.17
N ASN A 177 -0.16 37.64 -17.16
CA ASN A 177 0.35 38.73 -16.34
C ASN A 177 -0.63 39.90 -16.34
N LEU A 178 -1.02 40.34 -15.15
CA LEU A 178 -2.05 41.37 -15.00
C LEU A 178 -1.52 42.81 -14.98
N LYS A 179 -0.22 42.99 -14.82
CA LYS A 179 0.32 44.34 -14.68
C LYS A 179 -0.12 45.25 -15.83
N ASN A 180 -0.54 46.46 -15.46
CA ASN A 180 -1.05 47.47 -16.40
C ASN A 180 -2.28 47.11 -17.23
N LYS A 181 -3.04 46.10 -16.82
CA LYS A 181 -4.34 45.86 -17.44
C LYS A 181 -5.46 46.66 -16.76
N LYS A 182 -6.56 46.87 -17.49
CA LYS A 182 -7.63 47.77 -17.02
C LYS A 182 -8.87 47.05 -16.47
N ILE A 183 -9.21 47.34 -15.23
CA ILE A 183 -10.41 46.80 -14.65
C ILE A 183 -11.31 47.93 -14.19
N VAL A 184 -12.60 47.81 -14.49
CA VAL A 184 -13.60 48.76 -14.00
C VAL A 184 -14.49 48.08 -12.97
N PHE A 185 -14.51 48.61 -11.74
CA PHE A 185 -15.55 48.23 -10.83
C PHE A 185 -16.65 49.25 -10.91
N ILE A 186 -17.81 48.83 -11.41
CA ILE A 186 -18.93 49.74 -11.60
C ILE A 186 -20.07 49.51 -10.60
N GLY A 187 -20.66 50.61 -10.12
CA GLY A 187 -21.84 50.53 -9.28
C GLY A 187 -21.61 51.09 -7.89
N ASP A 188 -22.03 50.29 -6.90
CA ASP A 188 -21.87 50.63 -5.50
C ASP A 188 -20.44 50.30 -5.08
N TYR A 189 -19.49 51.00 -5.71
CA TYR A 189 -18.08 50.64 -5.61
C TYR A 189 -17.50 50.87 -4.22
N LYS A 190 -18.27 51.49 -3.34
CA LYS A 190 -17.78 51.79 -2.00
C LYS A 190 -18.13 50.67 -1.00
N ASN A 191 -18.86 49.63 -1.45
CA ASN A 191 -19.15 48.46 -0.59
C ASN A 191 -17.94 47.54 -0.44
N ASN A 192 -18.08 46.45 0.32
CA ASN A 192 -16.89 45.60 0.59
C ASN A 192 -16.35 44.87 -0.63
N VAL A 193 -17.22 44.51 -1.58
CA VAL A 193 -16.79 43.86 -2.80
C VAL A 193 -16.03 44.81 -3.72
N GLY A 194 -16.56 46.02 -3.88
CA GLY A 194 -15.89 47.04 -4.68
C GLY A 194 -14.55 47.38 -4.06
N VAL A 195 -14.53 47.50 -2.73
CA VAL A 195 -13.31 47.87 -2.01
C VAL A 195 -12.30 46.71 -1.98
N SER A 196 -12.81 45.49 -1.92
CA SER A 196 -11.94 44.32 -1.99
C SER A 196 -11.37 44.18 -3.40
N THR A 197 -12.19 44.49 -4.40
CA THR A 197 -11.70 44.49 -5.77
C THR A 197 -10.57 45.51 -5.95
N MET A 198 -10.73 46.71 -5.38
CA MET A 198 -9.67 47.74 -5.46
C MET A 198 -8.33 47.28 -4.85
N ILE A 199 -8.40 46.74 -3.64
CA ILE A 199 -7.24 46.14 -2.98
C ILE A 199 -6.49 45.14 -3.86
N GLY A 200 -7.18 44.12 -4.37
CA GLY A 200 -6.58 43.14 -5.27
C GLY A 200 -6.04 43.69 -6.58
N ALA A 201 -6.56 44.82 -7.03
CA ALA A 201 -6.09 45.39 -8.28
C ALA A 201 -4.78 46.09 -7.99
N ALA A 202 -4.63 46.57 -6.78
CA ALA A 202 -3.40 47.25 -6.44
C ALA A 202 -2.28 46.21 -6.28
N PHE A 203 -2.64 45.06 -5.70
CA PHE A 203 -1.69 43.98 -5.53
C PHE A 203 -1.23 43.45 -6.88
N ASN A 204 -2.05 43.62 -7.92
CA ASN A 204 -1.70 43.14 -9.24
C ASN A 204 -1.30 44.26 -10.19
N GLY A 205 -1.10 45.45 -9.63
CA GLY A 205 -0.62 46.57 -10.41
C GLY A 205 -1.46 46.84 -11.64
N MET A 206 -2.78 46.88 -11.45
CA MET A 206 -3.72 47.11 -12.54
C MET A 206 -4.24 48.54 -12.51
N HIS A 207 -4.73 49.01 -13.65
CA HIS A 207 -5.43 50.29 -13.69
C HIS A 207 -6.89 50.08 -13.29
N VAL A 208 -7.25 50.55 -12.10
CA VAL A 208 -8.63 50.45 -11.59
C VAL A 208 -9.42 51.70 -11.90
N VAL A 209 -10.62 51.53 -12.45
CA VAL A 209 -11.56 52.63 -12.51
C VAL A 209 -12.78 52.28 -11.66
N MET A 210 -12.98 53.04 -10.60
CA MET A 210 -14.20 52.90 -9.80
C MET A 210 -15.30 53.83 -10.38
N CYS A 211 -16.31 53.22 -11.00
CA CYS A 211 -17.33 53.95 -11.73
C CYS A 211 -18.68 53.87 -11.01
N GLY A 212 -19.17 55.02 -10.58
CA GLY A 212 -20.41 55.12 -9.82
C GLY A 212 -20.66 56.57 -9.42
N PRO A 213 -21.71 56.82 -8.63
CA PRO A 213 -22.00 58.16 -8.12
C PRO A 213 -20.77 58.81 -7.49
N ASP A 214 -20.60 60.12 -7.69
CA ASP A 214 -19.34 60.77 -7.35
C ASP A 214 -18.98 60.75 -5.87
N ASN A 215 -19.98 60.91 -5.00
CA ASN A 215 -19.70 60.99 -3.58
C ASN A 215 -19.44 59.65 -2.87
N TYR A 216 -19.50 58.54 -3.61
CA TYR A 216 -19.26 57.23 -3.01
C TYR A 216 -17.80 57.12 -2.53
N LYS A 217 -16.87 57.64 -3.33
CA LYS A 217 -15.46 57.62 -2.96
C LYS A 217 -15.19 58.26 -1.60
N ASN A 218 -16.03 59.22 -1.21
CA ASN A 218 -15.86 59.90 0.08
C ASN A 218 -16.19 58.98 1.25
N GLU A 219 -16.82 57.86 0.95
CA GLU A 219 -17.28 56.94 1.96
C GLU A 219 -16.31 55.78 2.22
N ILE A 220 -15.36 55.59 1.30
CA ILE A 220 -14.30 54.59 1.43
C ILE A 220 -13.28 54.99 2.49
N ASP A 221 -12.85 54.01 3.29
CA ASP A 221 -11.84 54.23 4.34
C ASP A 221 -10.59 54.88 3.73
N LYS A 222 -10.00 55.82 4.46
CA LYS A 222 -8.89 56.57 3.90
C LYS A 222 -7.52 55.86 4.00
N ASN A 223 -7.37 55.02 5.04
CA ASN A 223 -6.15 54.22 5.22
C ASN A 223 -6.02 53.13 4.16
N VAL A 224 -7.13 52.45 3.90
CA VAL A 224 -7.17 51.50 2.81
C VAL A 224 -6.71 52.16 1.49
N LEU A 225 -7.24 53.34 1.19
CA LEU A 225 -6.79 54.09 0.02
C LEU A 225 -5.28 54.32 0.08
N ALA A 226 -4.78 54.79 1.23
CA ALA A 226 -3.35 55.02 1.41
C ALA A 226 -2.57 53.78 1.02
N LYS A 227 -2.90 52.67 1.67
CA LYS A 227 -2.23 51.40 1.41
C LYS A 227 -2.32 51.00 -0.07
N CYS A 228 -3.52 51.09 -0.65
CA CYS A 228 -3.74 50.72 -2.05
C CYS A 228 -2.91 51.57 -3.00
N ILE A 229 -2.80 52.86 -2.69
CA ILE A 229 -2.02 53.79 -3.52
C ILE A 229 -0.53 53.48 -3.42
N GLU A 230 -0.05 53.19 -2.21
CA GLU A 230 1.34 52.76 -2.08
C GLU A 230 1.60 51.47 -2.85
N LEU A 231 0.56 50.64 -3.00
CA LEU A 231 0.72 49.42 -3.76
C LEU A 231 0.83 49.73 -5.26
N PHE A 232 -0.05 50.60 -5.75
CA PHE A 232 -0.01 50.97 -7.16
C PHE A 232 1.34 51.61 -7.49
N LYS A 233 1.91 52.31 -6.52
CA LYS A 233 3.20 52.95 -6.70
C LYS A 233 4.27 51.89 -6.95
N ARG A 234 4.25 50.81 -6.18
CA ARG A 234 5.25 49.73 -6.27
C ARG A 234 5.01 48.80 -7.44
N ASN A 235 3.75 48.40 -7.62
CA ASN A 235 3.41 47.37 -8.60
C ASN A 235 3.02 47.90 -9.96
N GLY A 236 2.61 49.16 -10.03
CA GLY A 236 2.08 49.71 -11.26
C GLY A 236 0.58 49.92 -11.22
N GLY A 237 -0.02 50.09 -12.39
CA GLY A 237 -1.43 50.44 -12.48
C GLY A 237 -1.73 51.81 -11.89
N SER A 238 -2.99 52.02 -11.50
CA SER A 238 -3.46 53.28 -10.95
C SER A 238 -4.90 53.17 -10.43
N LEU A 239 -5.37 54.25 -9.77
CA LEU A 239 -6.69 54.31 -9.16
C LEU A 239 -7.43 55.62 -9.53
N ARG A 240 -8.35 55.52 -10.48
CA ARG A 240 -9.17 56.67 -10.90
C ARG A 240 -10.66 56.51 -10.57
N PHE A 241 -11.37 57.62 -10.45
CA PHE A 241 -12.81 57.63 -10.19
C PHE A 241 -13.58 58.19 -11.38
N SER A 242 -14.73 57.60 -11.66
CA SER A 242 -15.50 57.93 -12.87
C SER A 242 -17.00 57.94 -12.59
N THR A 243 -17.70 58.68 -13.44
CA THR A 243 -19.10 58.98 -13.26
C THR A 243 -19.82 58.59 -14.56
N ASP A 244 -19.01 58.06 -15.48
CA ASP A 244 -19.45 57.78 -16.85
C ASP A 244 -19.03 56.39 -17.34
N LYS A 245 -19.99 55.47 -17.37
CA LYS A 245 -19.71 54.06 -17.61
C LYS A 245 -19.09 53.77 -18.98
N ILE A 246 -19.49 54.53 -20.00
CA ILE A 246 -18.98 54.29 -21.35
C ILE A 246 -17.55 54.79 -21.51
N LEU A 247 -17.28 55.96 -20.93
CA LEU A 247 -15.95 56.53 -21.00
C LEU A 247 -14.95 55.67 -20.22
N ALA A 248 -15.29 55.34 -18.98
CA ALA A 248 -14.47 54.46 -18.14
C ALA A 248 -14.28 53.04 -18.73
N ALA A 249 -15.27 52.52 -19.47
CA ALA A 249 -15.15 51.19 -20.06
C ALA A 249 -14.08 51.14 -21.17
N GLN A 250 -13.56 52.30 -21.53
CA GLN A 250 -12.63 52.43 -22.65
C GLN A 250 -11.34 51.63 -22.39
N ASP A 251 -11.04 50.69 -23.28
CA ASP A 251 -9.83 49.88 -23.18
C ASP A 251 -9.82 48.90 -22.01
N ALA A 252 -10.96 48.76 -21.33
CA ALA A 252 -11.05 47.91 -20.16
C ALA A 252 -10.87 46.46 -20.57
N ASP A 253 -10.19 45.68 -19.73
CA ASP A 253 -10.03 44.26 -19.96
C ASP A 253 -11.06 43.51 -19.14
N VAL A 254 -11.50 44.15 -18.06
CA VAL A 254 -12.46 43.55 -17.13
C VAL A 254 -13.44 44.60 -16.66
N ILE A 255 -14.72 44.26 -16.73
CA ILE A 255 -15.79 45.03 -16.07
C ILE A 255 -16.43 44.15 -14.98
N TYR A 256 -16.49 44.70 -13.77
CA TYR A 256 -16.91 43.97 -12.57
C TYR A 256 -17.98 44.76 -11.81
N THR A 257 -19.07 44.10 -11.48
CA THR A 257 -20.17 44.78 -10.80
C THR A 257 -20.85 43.92 -9.72
N ASP A 258 -21.88 44.47 -9.10
CA ASP A 258 -22.47 43.86 -7.90
C ASP A 258 -23.91 44.31 -7.73
N VAL A 259 -24.64 43.68 -6.82
CA VAL A 259 -26.02 44.08 -6.60
C VAL A 259 -26.11 45.50 -6.07
N TRP A 260 -27.23 46.15 -6.38
CA TRP A 260 -27.48 47.50 -5.90
C TRP A 260 -28.08 47.50 -4.49
N VAL A 261 -28.60 46.35 -4.08
CA VAL A 261 -29.36 46.28 -2.83
C VAL A 261 -28.66 45.44 -1.77
N SER A 262 -28.85 45.83 -0.51
CA SER A 262 -28.57 44.96 0.62
C SER A 262 -29.88 44.27 1.01
N LEU A 263 -29.92 42.94 0.90
CA LEU A 263 -31.16 42.18 1.13
C LEU A 263 -31.59 42.16 2.61
N GLY A 264 -32.86 42.47 2.85
CA GLY A 264 -33.38 42.67 4.19
C GLY A 264 -33.50 44.14 4.51
N GLU A 265 -32.62 44.94 3.89
CA GLU A 265 -32.71 46.39 3.95
C GLU A 265 -34.08 46.85 3.44
N PRO A 266 -34.66 47.88 4.08
CA PRO A 266 -36.03 48.33 3.80
C PRO A 266 -36.21 48.87 2.38
N PHE A 267 -37.13 49.81 2.23
CA PHE A 267 -37.43 50.36 0.92
C PHE A 267 -36.91 51.79 0.73
N GLU A 268 -37.11 52.65 1.73
CA GLU A 268 -36.66 54.04 1.65
C GLU A 268 -35.20 54.13 1.24
N LEU A 269 -34.41 53.17 1.72
CA LEU A 269 -33.00 53.06 1.36
C LEU A 269 -32.84 52.39 -0.01
N PHE A 270 -33.79 51.52 -0.35
CA PHE A 270 -33.72 50.79 -1.62
C PHE A 270 -33.99 51.70 -2.82
N ASP A 271 -35.16 52.33 -2.83
CA ASP A 271 -35.55 53.27 -3.88
C ASP A 271 -34.50 54.36 -4.00
N LYS A 272 -33.93 54.76 -2.88
CA LYS A 272 -32.86 55.75 -2.90
C LYS A 272 -31.67 55.22 -3.70
N ARG A 273 -31.26 53.99 -3.41
CA ARG A 273 -30.11 53.40 -4.10
C ARG A 273 -30.34 53.31 -5.59
N ILE A 274 -31.42 52.65 -5.98
CA ILE A 274 -31.65 52.43 -7.40
C ILE A 274 -31.75 53.77 -8.14
N GLY A 275 -32.25 54.77 -7.42
CA GLY A 275 -32.28 56.14 -7.91
C GLY A 275 -30.88 56.67 -8.20
N GLU A 276 -29.96 56.51 -7.23
CA GLU A 276 -28.57 56.96 -7.39
C GLU A 276 -27.78 56.16 -8.43
N LEU A 277 -28.18 54.91 -8.66
CA LEU A 277 -27.37 54.00 -9.46
C LEU A 277 -27.87 53.82 -10.89
N LYS A 278 -28.99 54.44 -11.23
CA LYS A 278 -29.70 54.09 -12.46
C LYS A 278 -28.93 54.30 -13.77
N ASN A 279 -27.80 55.00 -13.71
CA ASN A 279 -27.00 55.26 -14.90
C ASN A 279 -25.78 54.35 -14.96
N PHE A 280 -25.80 53.30 -14.14
CA PHE A 280 -24.64 52.43 -14.04
C PHE A 280 -24.94 50.94 -14.25
N GLN A 281 -26.04 50.65 -14.91
CA GLN A 281 -26.32 49.27 -15.22
C GLN A 281 -25.37 48.83 -16.31
N VAL A 282 -24.67 47.72 -16.07
CA VAL A 282 -23.74 47.22 -17.06
C VAL A 282 -24.53 46.62 -18.22
N ASP A 283 -24.46 47.27 -19.38
CA ASP A 283 -25.20 46.82 -20.56
C ASP A 283 -24.28 46.56 -21.76
N MET A 284 -24.82 45.90 -22.78
CA MET A 284 -24.02 45.55 -23.95
C MET A 284 -23.34 46.76 -24.56
N ASN A 285 -23.94 47.94 -24.42
CA ASN A 285 -23.27 49.11 -24.97
C ASN A 285 -21.95 49.30 -24.26
N MET A 286 -21.99 49.20 -22.94
CA MET A 286 -20.78 49.41 -22.16
C MET A 286 -19.74 48.40 -22.57
N ILE A 287 -20.20 47.17 -22.77
CA ILE A 287 -19.31 46.09 -23.15
C ILE A 287 -18.73 46.31 -24.53
N LYS A 288 -19.52 46.95 -25.39
CA LYS A 288 -19.06 47.26 -26.75
C LYS A 288 -17.98 48.34 -26.76
N ALA A 289 -18.02 49.23 -25.76
CA ALA A 289 -17.03 50.29 -25.61
C ALA A 289 -15.71 49.75 -25.06
N ALA A 290 -15.76 48.57 -24.45
CA ALA A 290 -14.57 47.95 -23.90
C ALA A 290 -13.81 47.18 -24.97
N LYS A 291 -12.62 46.71 -24.64
CA LYS A 291 -11.89 45.87 -25.58
C LYS A 291 -12.77 44.70 -26.02
N ASN A 292 -12.55 44.18 -27.23
CA ASN A 292 -13.30 43.02 -27.70
C ASN A 292 -13.14 41.87 -26.74
N ASP A 293 -12.03 41.90 -26.03
CA ASP A 293 -11.63 40.78 -25.20
C ASP A 293 -12.28 40.83 -23.82
N VAL A 294 -12.91 41.96 -23.51
CA VAL A 294 -13.36 42.22 -22.16
C VAL A 294 -14.09 41.04 -21.55
N ILE A 295 -13.94 40.87 -20.25
CA ILE A 295 -14.74 39.88 -19.54
C ILE A 295 -15.55 40.60 -18.47
N PHE A 296 -16.69 40.01 -18.14
CA PHE A 296 -17.58 40.54 -17.14
C PHE A 296 -17.55 39.69 -15.88
N LEU A 297 -17.34 40.32 -14.74
CA LEU A 297 -17.29 39.58 -13.49
C LEU A 297 -18.39 40.06 -12.54
N HIS A 298 -18.84 39.14 -11.70
CA HIS A 298 -19.82 39.44 -10.68
C HIS A 298 -19.65 38.34 -9.65
N CYS A 299 -19.63 38.69 -8.37
CA CYS A 299 -19.43 37.66 -7.35
C CYS A 299 -20.70 36.81 -7.13
N LEU A 300 -21.84 37.29 -7.60
CA LEU A 300 -23.10 36.53 -7.51
C LEU A 300 -23.67 36.47 -6.10
N PRO A 301 -25.00 36.36 -5.97
CA PRO A 301 -25.94 36.31 -7.10
C PRO A 301 -26.14 37.67 -7.76
N ALA A 302 -26.48 37.65 -9.05
CA ALA A 302 -26.84 38.88 -9.77
C ALA A 302 -28.31 38.89 -10.16
N PHE A 303 -28.89 40.09 -10.21
CA PHE A 303 -30.25 40.25 -10.71
C PHE A 303 -30.23 40.71 -12.16
N HIS A 304 -30.43 39.78 -13.08
CA HIS A 304 -30.24 40.08 -14.50
C HIS A 304 -31.46 39.66 -15.31
N ASP A 305 -32.51 39.26 -14.62
CA ASP A 305 -33.80 38.98 -15.25
C ASP A 305 -34.89 38.89 -14.19
N ASP A 306 -36.08 38.43 -14.58
CA ASP A 306 -37.22 38.38 -13.65
C ASP A 306 -37.43 36.99 -13.03
N HIS A 307 -36.41 36.14 -13.12
CA HIS A 307 -36.50 34.76 -12.66
C HIS A 307 -36.39 34.65 -11.15
N THR A 308 -36.36 35.76 -10.44
CA THR A 308 -36.30 35.70 -8.99
C THR A 308 -37.52 36.39 -8.41
N SER A 309 -38.04 35.87 -7.33
CA SER A 309 -39.22 36.48 -6.74
C SER A 309 -38.88 37.92 -6.34
N PHE A 310 -37.71 38.13 -5.77
CA PHE A 310 -37.30 39.47 -5.36
C PHE A 310 -37.21 40.47 -6.53
N SER A 311 -36.48 40.13 -7.59
CA SER A 311 -36.36 41.09 -8.70
C SER A 311 -37.70 41.32 -9.40
N LYS A 312 -38.68 40.47 -9.10
CA LYS A 312 -40.03 40.63 -9.63
C LYS A 312 -40.84 41.65 -8.81
N GLU A 313 -40.64 41.69 -7.50
CA GLU A 313 -41.23 42.74 -6.65
C GLU A 313 -40.67 44.10 -7.03
N VAL A 314 -39.45 44.11 -7.58
CA VAL A 314 -38.83 45.35 -7.99
C VAL A 314 -39.39 45.82 -9.33
N ALA A 315 -39.50 44.94 -10.30
CA ALA A 315 -40.11 45.29 -11.57
C ALA A 315 -41.54 45.77 -11.33
N THR A 316 -42.30 45.02 -10.55
CA THR A 316 -43.69 45.36 -10.31
C THR A 316 -43.78 46.76 -9.70
N THR A 317 -43.22 46.95 -8.51
CA THR A 317 -43.38 48.23 -7.80
C THR A 317 -42.61 49.42 -8.39
N LEU A 318 -41.33 49.22 -8.70
CA LEU A 318 -40.44 50.31 -9.09
C LEU A 318 -40.19 50.40 -10.59
N GLY A 319 -40.59 49.37 -11.33
CA GLY A 319 -40.31 49.30 -12.75
C GLY A 319 -41.01 50.41 -13.51
N ALA A 320 -41.91 51.11 -12.83
CA ALA A 320 -42.60 52.24 -13.40
C ALA A 320 -41.71 53.48 -13.39
N LYS A 321 -41.42 53.92 -12.16
CA LYS A 321 -40.52 55.03 -11.88
C LYS A 321 -39.15 54.88 -12.55
N TYR A 322 -38.73 53.63 -12.77
CA TYR A 322 -37.38 53.31 -13.26
C TYR A 322 -37.45 52.20 -14.29
N PRO A 323 -37.53 52.53 -15.58
CA PRO A 323 -37.68 51.51 -16.62
C PRO A 323 -36.50 50.52 -16.77
N ILE A 324 -35.32 50.87 -16.27
CA ILE A 324 -34.17 49.96 -16.31
C ILE A 324 -34.48 48.66 -15.56
N VAL A 325 -35.27 48.78 -14.49
CA VAL A 325 -35.62 47.62 -13.68
C VAL A 325 -37.00 47.08 -14.01
N ALA A 326 -37.57 47.52 -15.14
CA ALA A 326 -38.91 47.09 -15.51
C ALA A 326 -38.90 45.62 -15.89
N LYS A 327 -37.79 45.17 -16.50
CA LYS A 327 -37.66 43.75 -16.85
C LYS A 327 -37.03 42.91 -15.72
N GLY A 328 -36.80 43.53 -14.57
CA GLY A 328 -36.24 42.82 -13.43
C GLY A 328 -34.72 42.85 -13.37
N GLU A 329 -34.08 43.45 -14.36
CA GLU A 329 -32.63 43.54 -14.42
C GLU A 329 -32.16 44.82 -13.74
N MET A 330 -31.09 44.75 -12.95
CA MET A 330 -30.59 45.95 -12.30
C MET A 330 -29.14 46.26 -12.68
N GLU A 331 -28.19 45.66 -11.99
CA GLU A 331 -26.78 45.99 -12.20
C GLU A 331 -26.26 45.46 -13.54
N VAL A 332 -26.89 44.40 -14.06
CA VAL A 332 -26.50 43.88 -15.38
C VAL A 332 -27.70 43.34 -16.17
N THR A 333 -27.70 43.56 -17.49
CA THR A 333 -28.80 43.10 -18.34
C THR A 333 -28.67 41.63 -18.72
N ASP A 334 -29.79 40.93 -18.85
CA ASP A 334 -29.75 39.53 -19.20
C ASP A 334 -28.95 39.26 -20.45
N GLU A 335 -28.97 40.21 -21.38
CA GLU A 335 -28.23 40.09 -22.63
C GLU A 335 -26.72 39.96 -22.38
N VAL A 336 -26.21 40.81 -21.48
CA VAL A 336 -24.79 40.75 -21.09
C VAL A 336 -24.48 39.43 -20.36
N PHE A 337 -25.33 39.10 -19.38
CA PHE A 337 -25.13 37.93 -18.55
C PHE A 337 -25.25 36.62 -19.33
N GLN A 338 -25.93 36.63 -20.47
CA GLN A 338 -25.98 35.42 -21.29
C GLN A 338 -24.86 35.42 -22.33
N SER A 339 -24.16 36.55 -22.44
CA SER A 339 -23.06 36.70 -23.40
C SER A 339 -21.79 35.90 -23.09
N LEU A 340 -20.95 35.73 -24.11
CA LEU A 340 -19.68 35.02 -23.97
C LEU A 340 -18.68 35.79 -23.10
N HIS A 341 -19.01 37.05 -22.79
CA HIS A 341 -18.16 37.88 -21.94
C HIS A 341 -18.27 37.50 -20.48
N ASN A 342 -19.34 36.80 -20.12
CA ASN A 342 -19.61 36.50 -18.73
C ASN A 342 -18.75 35.33 -18.22
N LYS A 343 -17.75 35.65 -17.40
CA LYS A 343 -16.89 34.64 -16.79
C LYS A 343 -17.20 34.46 -15.30
N ALA A 344 -18.35 34.95 -14.88
CA ALA A 344 -18.69 35.00 -13.47
C ALA A 344 -18.80 33.60 -12.89
N PHE A 345 -18.99 32.62 -13.75
CA PHE A 345 -19.16 31.23 -13.32
C PHE A 345 -17.83 30.51 -13.15
N ASP A 346 -16.84 30.87 -13.96
CA ASP A 346 -15.49 30.40 -13.71
C ASP A 346 -15.01 30.97 -12.40
N GLN A 347 -15.32 32.25 -12.21
CA GLN A 347 -15.01 33.02 -11.01
C GLN A 347 -15.51 32.32 -9.76
N ALA A 348 -16.75 31.83 -9.81
CA ALA A 348 -17.31 31.10 -8.68
C ALA A 348 -16.57 29.79 -8.44
N GLU A 349 -16.31 29.02 -9.50
CA GLU A 349 -15.56 27.78 -9.34
C GLU A 349 -14.26 28.06 -8.66
N ASN A 350 -13.62 29.17 -9.02
CA ASN A 350 -12.32 29.49 -8.47
C ASN A 350 -12.37 29.89 -7.00
N ARG A 351 -13.57 30.04 -6.45
CA ARG A 351 -13.70 30.35 -5.02
C ARG A 351 -13.07 29.18 -4.33
N MET A 352 -13.42 27.99 -4.80
CA MET A 352 -12.90 26.72 -4.25
C MET A 352 -11.39 26.51 -4.39
N HIS A 353 -10.87 26.68 -5.59
CA HIS A 353 -9.44 26.50 -5.82
C HIS A 353 -8.61 27.45 -5.00
N SER A 354 -9.10 28.67 -4.84
CA SER A 354 -8.33 29.68 -4.15
C SER A 354 -8.36 29.42 -2.65
N ILE A 355 -9.52 29.06 -2.13
CA ILE A 355 -9.66 28.74 -0.72
C ILE A 355 -8.76 27.54 -0.35
N LYS A 356 -8.62 26.61 -1.29
CA LYS A 356 -7.73 25.45 -1.10
C LYS A 356 -6.28 25.89 -1.00
N ALA A 357 -5.89 26.89 -1.80
CA ALA A 357 -4.54 27.45 -1.74
C ALA A 357 -4.30 28.07 -0.38
N ILE A 358 -5.30 28.78 0.13
CA ILE A 358 -5.20 29.42 1.43
C ILE A 358 -5.08 28.40 2.56
N ILE A 359 -5.79 27.29 2.43
CA ILE A 359 -5.76 26.28 3.48
C ILE A 359 -4.44 25.52 3.53
N LEU A 360 -3.87 25.23 2.35
CA LEU A 360 -2.64 24.46 2.28
C LEU A 360 -1.37 25.26 2.64
N SER A 361 -1.24 26.48 2.12
CA SER A 361 -0.15 27.38 2.50
C SER A 361 -0.13 27.60 4.00
N THR A 362 -1.33 27.72 4.52
CA THR A 362 -1.55 28.22 5.84
C THR A 362 -1.53 27.12 6.90
N ILE A 363 -1.93 25.90 6.53
CA ILE A 363 -1.83 24.75 7.42
C ILE A 363 -0.51 24.03 7.18
N GLY A 364 -0.06 24.02 5.92
CA GLY A 364 1.15 23.31 5.53
C GLY A 364 0.88 21.85 5.17
N TYR A 365 1.65 21.29 4.25
CA TYR A 365 1.54 19.85 3.96
C TYR A 365 2.35 18.99 4.93
N MET B 24 -17.25 -35.26 -5.25
CA MET B 24 -15.92 -34.67 -5.45
C MET B 24 -15.95 -33.18 -5.82
N PRO B 25 -14.93 -32.44 -5.36
CA PRO B 25 -14.91 -30.97 -5.44
C PRO B 25 -14.95 -30.42 -6.88
N VAL B 26 -15.80 -29.42 -7.15
CA VAL B 26 -15.67 -28.67 -8.40
C VAL B 26 -14.28 -28.03 -8.35
N ASN B 27 -13.34 -28.62 -9.09
CA ASN B 27 -12.01 -28.06 -9.20
C ASN B 27 -11.57 -28.05 -10.67
N LEU B 28 -11.75 -26.89 -11.32
CA LEU B 28 -11.46 -26.76 -12.73
C LEU B 28 -10.05 -26.21 -12.91
N LYS B 29 -9.35 -26.01 -11.80
CA LYS B 29 -7.99 -25.50 -11.88
C LYS B 29 -7.10 -26.40 -12.73
N GLY B 30 -6.61 -25.86 -13.84
CA GLY B 30 -5.68 -26.58 -14.70
C GLY B 30 -6.33 -27.32 -15.85
N ARG B 31 -7.66 -27.30 -15.86
CA ARG B 31 -8.41 -27.93 -16.95
C ARG B 31 -8.45 -27.04 -18.19
N SER B 32 -8.45 -27.65 -19.37
CA SER B 32 -8.70 -26.92 -20.61
C SER B 32 -10.20 -26.97 -20.92
N LEU B 33 -10.71 -25.94 -21.60
CA LEU B 33 -12.11 -25.96 -22.03
C LEU B 33 -12.17 -26.35 -23.49
N ASP B 34 -11.89 -27.62 -23.79
CA ASP B 34 -11.89 -28.15 -25.16
C ASP B 34 -13.30 -28.48 -25.70
N SER B 35 -13.96 -29.43 -25.03
CA SER B 35 -15.38 -29.71 -25.25
C SER B 35 -16.05 -29.64 -23.91
N LEU B 36 -17.25 -29.06 -23.87
CA LEU B 36 -17.97 -28.90 -22.59
C LEU B 36 -18.40 -30.28 -22.09
N LEU B 37 -18.44 -31.24 -23.02
CA LEU B 37 -18.92 -32.59 -22.70
C LEU B 37 -17.94 -33.32 -21.80
N ASN B 38 -16.74 -32.77 -21.69
CA ASN B 38 -15.78 -33.33 -20.76
C ASN B 38 -15.99 -32.80 -19.34
N PHE B 39 -17.12 -32.18 -19.09
CA PHE B 39 -17.36 -31.59 -17.78
C PHE B 39 -18.61 -32.10 -17.10
N THR B 40 -18.55 -32.30 -15.79
CA THR B 40 -19.74 -32.66 -15.03
C THR B 40 -20.85 -31.57 -15.12
N THR B 41 -22.09 -31.99 -14.88
CA THR B 41 -23.20 -31.05 -14.84
C THR B 41 -22.98 -30.00 -13.75
N GLU B 42 -22.38 -30.43 -12.64
CA GLU B 42 -22.06 -29.51 -11.54
C GLU B 42 -21.01 -28.47 -11.93
N GLU B 43 -19.95 -28.92 -12.60
CA GLU B 43 -18.88 -28.04 -13.07
C GLU B 43 -19.39 -26.99 -14.05
N VAL B 44 -20.42 -27.33 -14.80
CA VAL B 44 -20.99 -26.43 -15.81
C VAL B 44 -21.91 -25.40 -15.15
N GLN B 45 -22.62 -25.82 -14.11
CA GLN B 45 -23.44 -24.91 -13.33
C GLN B 45 -22.60 -23.93 -12.48
N HIS B 46 -21.43 -24.39 -12.07
CA HIS B 46 -20.48 -23.54 -11.37
C HIS B 46 -20.07 -22.38 -12.27
N LEU B 47 -19.46 -22.72 -13.40
CA LEU B 47 -19.11 -21.73 -14.41
C LEU B 47 -20.21 -20.68 -14.65
N ILE B 48 -21.44 -21.11 -14.92
CA ILE B 48 -22.53 -20.16 -15.15
C ILE B 48 -22.80 -19.27 -13.93
N ASP B 49 -22.81 -19.86 -12.74
CA ASP B 49 -22.98 -19.09 -11.51
C ASP B 49 -21.86 -18.07 -11.29
N LEU B 50 -20.63 -18.53 -11.45
CA LEU B 50 -19.46 -17.68 -11.34
C LEU B 50 -19.49 -16.54 -12.37
N SER B 51 -19.90 -16.83 -13.60
CA SER B 51 -20.08 -15.79 -14.61
C SER B 51 -20.96 -14.64 -14.09
N ILE B 52 -22.08 -15.00 -13.45
CA ILE B 52 -23.04 -14.02 -12.98
C ILE B 52 -22.43 -13.24 -11.82
N ASP B 53 -21.88 -13.97 -10.85
CA ASP B 53 -21.20 -13.34 -9.72
C ASP B 53 -20.12 -12.33 -10.15
N LEU B 54 -19.29 -12.75 -11.12
CA LEU B 54 -18.24 -11.91 -11.67
C LEU B 54 -18.76 -10.69 -12.45
N LYS B 55 -19.95 -10.82 -13.03
CA LYS B 55 -20.61 -9.69 -13.67
C LYS B 55 -21.11 -8.70 -12.63
N LYS B 56 -21.62 -9.24 -11.52
CA LYS B 56 -22.13 -8.39 -10.44
C LYS B 56 -20.99 -7.66 -9.74
N ALA B 57 -19.83 -8.29 -9.69
CA ALA B 57 -18.70 -7.70 -8.99
C ALA B 57 -18.16 -6.53 -9.80
N LYS B 58 -18.16 -6.67 -11.14
CA LYS B 58 -17.64 -5.62 -11.97
C LYS B 58 -18.52 -4.36 -11.94
N TYR B 59 -19.84 -4.52 -11.85
CA TYR B 59 -20.72 -3.37 -11.80
C TYR B 59 -20.46 -2.54 -10.53
N GLN B 60 -19.83 -3.16 -9.53
CA GLN B 60 -19.53 -2.46 -8.30
C GLN B 60 -18.11 -1.90 -8.30
N GLY B 61 -17.36 -2.19 -9.35
CA GLY B 61 -15.98 -1.77 -9.43
C GLY B 61 -15.03 -2.60 -8.60
N LEU B 62 -15.45 -3.80 -8.22
CA LEU B 62 -14.58 -4.61 -7.38
C LEU B 62 -13.32 -5.11 -8.11
N HIS B 63 -13.35 -5.04 -9.43
CA HIS B 63 -12.22 -5.47 -10.26
C HIS B 63 -11.05 -4.51 -10.19
N ILE B 64 -11.29 -3.30 -9.69
CA ILE B 64 -10.24 -2.29 -9.64
C ILE B 64 -9.14 -2.60 -8.61
N ASN B 65 -9.51 -3.04 -7.42
CA ASN B 65 -8.49 -3.37 -6.42
C ASN B 65 -8.21 -4.86 -6.33
N ASN B 66 -8.98 -5.65 -7.06
CA ASN B 66 -8.89 -7.10 -6.92
C ASN B 66 -8.66 -7.76 -8.26
N ARG B 67 -7.39 -7.92 -8.60
CA ARG B 67 -6.93 -8.37 -9.91
C ARG B 67 -6.10 -9.59 -9.67
N PRO B 68 -6.75 -10.75 -9.63
CA PRO B 68 -6.06 -11.92 -9.10
C PRO B 68 -5.06 -12.55 -10.06
N LEU B 69 -5.07 -12.17 -11.34
CA LEU B 69 -4.10 -12.73 -12.28
C LEU B 69 -2.91 -11.81 -12.59
N VAL B 70 -2.63 -10.82 -11.74
CA VAL B 70 -1.45 -10.01 -11.99
C VAL B 70 -0.23 -10.95 -11.93
N GLY B 71 0.68 -10.81 -12.88
CA GLY B 71 1.83 -11.70 -12.94
C GLY B 71 1.59 -12.91 -13.83
N LYS B 72 0.45 -12.92 -14.49
CA LYS B 72 0.19 -13.96 -15.48
C LYS B 72 -0.05 -13.42 -16.91
N ASN B 73 0.27 -14.23 -17.92
CA ASN B 73 -0.06 -13.88 -19.32
C ASN B 73 -0.77 -15.01 -20.09
N ILE B 74 -1.70 -14.62 -20.94
CA ILE B 74 -2.35 -15.55 -21.85
C ILE B 74 -2.17 -15.08 -23.30
N ALA B 75 -2.08 -16.05 -24.21
CA ALA B 75 -2.04 -15.78 -25.63
C ALA B 75 -3.40 -16.14 -26.21
N ILE B 76 -3.90 -15.33 -27.13
CA ILE B 76 -5.16 -15.67 -27.77
C ILE B 76 -4.95 -15.82 -29.28
N LEU B 77 -5.14 -17.02 -29.82
CA LEU B 77 -4.89 -17.23 -31.26
C LEU B 77 -6.17 -17.35 -32.07
N PHE B 78 -6.19 -16.64 -33.20
CA PHE B 78 -7.33 -16.72 -34.10
C PHE B 78 -6.90 -17.02 -35.53
N GLN B 79 -7.21 -18.24 -35.97
CA GLN B 79 -6.94 -18.65 -37.33
C GLN B 79 -7.93 -18.02 -38.27
N LYS B 80 -8.92 -17.37 -37.68
CA LYS B 80 -9.95 -16.64 -38.42
C LYS B 80 -10.53 -15.61 -37.47
N ASP B 81 -10.78 -14.42 -37.98
CA ASP B 81 -11.18 -13.35 -37.08
C ASP B 81 -12.55 -13.56 -36.43
N SER B 82 -12.62 -13.25 -35.14
CA SER B 82 -13.85 -13.31 -34.35
C SER B 82 -13.90 -12.11 -33.40
N THR B 83 -14.49 -11.02 -33.86
CA THR B 83 -14.46 -9.81 -33.06
C THR B 83 -15.06 -9.99 -31.66
N ARG B 84 -16.21 -10.61 -31.56
CA ARG B 84 -16.82 -10.81 -30.26
C ARG B 84 -15.90 -11.63 -29.34
N THR B 85 -15.49 -12.81 -29.78
CA THR B 85 -14.68 -13.69 -28.96
C THR B 85 -13.32 -13.10 -28.53
N ARG B 86 -12.65 -12.41 -29.45
CA ARG B 86 -11.38 -11.77 -29.16
C ARG B 86 -11.53 -10.60 -28.17
N CYS B 87 -12.59 -9.82 -28.34
CA CYS B 87 -12.81 -8.71 -27.42
C CYS B 87 -13.19 -9.22 -26.05
N ALA B 88 -13.95 -10.32 -26.01
CA ALA B 88 -14.41 -10.84 -24.74
C ALA B 88 -13.23 -11.34 -23.94
N PHE B 89 -12.28 -11.99 -24.62
CA PHE B 89 -11.04 -12.45 -23.98
C PHE B 89 -10.13 -11.30 -23.59
N GLU B 90 -9.96 -10.35 -24.48
CA GLU B 90 -9.13 -9.19 -24.22
C GLU B 90 -9.59 -8.45 -22.94
N VAL B 91 -10.89 -8.20 -22.85
CA VAL B 91 -11.45 -7.49 -21.70
C VAL B 91 -11.46 -8.34 -20.41
N ALA B 92 -11.92 -9.59 -20.47
CA ALA B 92 -11.89 -10.48 -19.29
C ALA B 92 -10.48 -10.66 -18.70
N ALA B 93 -9.53 -11.05 -19.54
CA ALA B 93 -8.13 -11.14 -19.12
C ALA B 93 -7.61 -9.85 -18.47
N SER B 94 -7.86 -8.73 -19.15
CA SER B 94 -7.44 -7.43 -18.67
C SER B 94 -8.06 -7.08 -17.29
N ASP B 95 -9.37 -7.29 -17.15
CA ASP B 95 -10.05 -7.02 -15.88
C ASP B 95 -9.47 -7.84 -14.74
N LEU B 96 -8.87 -8.99 -15.07
CA LEU B 96 -8.38 -9.91 -14.05
C LEU B 96 -6.98 -9.57 -13.59
N GLY B 97 -6.26 -8.81 -14.41
CA GLY B 97 -4.87 -8.50 -14.12
C GLY B 97 -3.84 -9.13 -15.07
N ALA B 98 -4.32 -9.96 -15.99
CA ALA B 98 -3.46 -10.67 -16.94
C ALA B 98 -3.02 -9.83 -18.14
N GLY B 99 -1.80 -10.10 -18.62
CA GLY B 99 -1.38 -9.57 -19.90
C GLY B 99 -1.94 -10.45 -21.00
N VAL B 100 -2.34 -9.86 -22.11
CA VAL B 100 -2.74 -10.68 -23.25
C VAL B 100 -2.02 -10.32 -24.56
N THR B 101 -1.63 -11.35 -25.29
CA THR B 101 -1.07 -11.14 -26.61
C THR B 101 -1.97 -11.83 -27.67
N TYR B 102 -2.44 -11.02 -28.62
CA TYR B 102 -3.33 -11.49 -29.68
C TYR B 102 -2.55 -11.86 -30.92
N ILE B 103 -2.72 -13.09 -31.37
CA ILE B 103 -2.13 -13.56 -32.62
C ILE B 103 -3.27 -13.77 -33.61
N GLY B 104 -3.30 -12.96 -34.66
CA GLY B 104 -4.34 -13.06 -35.68
C GLY B 104 -4.12 -14.22 -36.63
N PRO B 105 -4.91 -14.26 -37.72
CA PRO B 105 -4.83 -15.33 -38.74
C PRO B 105 -3.42 -15.46 -39.36
N SER B 106 -2.81 -14.36 -39.77
CA SER B 106 -1.41 -14.39 -40.26
C SER B 106 -0.45 -15.22 -39.40
N GLY B 107 -0.63 -15.15 -38.07
CA GLY B 107 0.30 -15.79 -37.18
C GLY B 107 -0.22 -17.05 -36.54
N SER B 108 -1.48 -17.39 -36.76
CA SER B 108 -2.08 -18.50 -36.04
C SER B 108 -2.11 -19.83 -36.81
N ASN B 109 -1.81 -19.78 -38.11
CA ASN B 109 -1.77 -20.99 -38.94
C ASN B 109 -0.96 -22.13 -38.31
N MET B 110 -1.45 -23.36 -38.44
CA MET B 110 -0.87 -24.49 -37.70
C MET B 110 -0.56 -25.71 -38.56
N GLY B 111 0.51 -26.42 -38.20
CA GLY B 111 0.94 -27.61 -38.91
C GLY B 111 1.51 -27.38 -40.30
N LYS B 112 1.82 -26.12 -40.65
CA LYS B 112 2.28 -25.78 -42.00
C LYS B 112 3.79 -25.59 -42.11
N LYS B 113 4.32 -24.63 -41.36
CA LYS B 113 5.76 -24.40 -41.31
C LYS B 113 6.30 -24.83 -39.95
N GLU B 114 5.42 -25.39 -39.12
CA GLU B 114 5.83 -26.03 -37.86
C GLU B 114 4.74 -26.99 -37.43
N SER B 115 5.12 -28.13 -36.87
CA SER B 115 4.11 -29.07 -36.38
C SER B 115 3.39 -28.43 -35.19
N ILE B 116 2.12 -28.78 -34.98
CA ILE B 116 1.38 -28.15 -33.91
C ILE B 116 1.90 -28.64 -32.55
N GLU B 117 2.38 -29.87 -32.51
CA GLU B 117 2.99 -30.39 -31.30
C GLU B 117 4.05 -29.41 -30.79
N ASP B 118 4.90 -28.92 -31.70
CA ASP B 118 6.03 -28.07 -31.34
C ASP B 118 5.58 -26.66 -31.01
N THR B 119 4.61 -26.15 -31.75
CA THR B 119 4.08 -24.83 -31.46
C THR B 119 3.43 -24.79 -30.06
N ALA B 120 2.73 -25.87 -29.73
CA ALA B 120 2.07 -25.99 -28.44
C ALA B 120 3.09 -26.07 -27.29
N LYS B 121 4.20 -26.73 -27.53
CA LYS B 121 5.21 -26.91 -26.49
C LYS B 121 5.94 -25.59 -26.19
N VAL B 122 6.00 -24.70 -27.15
CA VAL B 122 6.68 -23.43 -26.95
C VAL B 122 5.76 -22.42 -26.26
N LEU B 123 4.55 -22.27 -26.80
CA LEU B 123 3.51 -21.45 -26.17
C LEU B 123 3.37 -21.75 -24.67
N GLY B 124 3.53 -23.03 -24.32
CA GLY B 124 3.45 -23.46 -22.93
C GLY B 124 4.60 -22.96 -22.08
N ARG B 125 5.73 -22.65 -22.70
CA ARG B 125 6.86 -22.07 -21.97
C ARG B 125 6.68 -20.57 -21.71
N PHE B 126 5.94 -19.88 -22.55
CA PHE B 126 5.77 -18.44 -22.39
C PHE B 126 4.53 -18.05 -21.58
N TYR B 127 3.43 -18.77 -21.78
CA TYR B 127 2.13 -18.30 -21.34
C TYR B 127 1.51 -19.22 -20.30
N ASP B 128 0.59 -18.67 -19.50
CA ASP B 128 -0.07 -19.43 -18.45
C ASP B 128 -1.41 -20.00 -18.95
N GLY B 129 -1.89 -19.49 -20.08
CA GLY B 129 -3.11 -19.99 -20.68
C GLY B 129 -3.15 -19.65 -22.16
N ILE B 130 -3.77 -20.50 -22.96
CA ILE B 130 -3.84 -20.31 -24.41
C ILE B 130 -5.27 -20.36 -24.93
N GLU B 131 -5.74 -19.31 -25.57
CA GLU B 131 -7.03 -19.37 -26.25
C GLU B 131 -6.78 -19.68 -27.73
N PHE B 132 -7.59 -20.56 -28.31
CA PHE B 132 -7.41 -20.93 -29.71
C PHE B 132 -8.73 -21.06 -30.48
N ARG B 133 -8.82 -20.38 -31.62
CA ARG B 133 -9.99 -20.40 -32.49
C ARG B 133 -9.57 -20.81 -33.90
N GLY B 134 -9.93 -22.02 -34.30
CA GLY B 134 -9.65 -22.54 -35.63
C GLY B 134 -10.64 -23.62 -36.02
N PHE B 135 -10.52 -24.16 -37.22
CA PHE B 135 -11.53 -25.07 -37.73
C PHE B 135 -11.47 -26.48 -37.14
N ALA B 136 -10.27 -26.97 -36.83
CA ALA B 136 -10.12 -28.33 -36.34
C ALA B 136 -10.01 -28.50 -34.82
N GLN B 137 -10.95 -29.26 -34.27
CA GLN B 137 -10.91 -29.77 -32.91
C GLN B 137 -9.63 -30.59 -32.61
N SER B 138 -8.98 -31.12 -33.63
CA SER B 138 -7.78 -31.89 -33.39
C SER B 138 -6.68 -30.90 -32.98
N ASP B 139 -6.67 -29.74 -33.63
CA ASP B 139 -5.76 -28.65 -33.27
C ASP B 139 -5.92 -28.21 -31.81
N VAL B 140 -7.15 -28.01 -31.35
CA VAL B 140 -7.38 -27.74 -29.94
C VAL B 140 -6.82 -28.89 -29.09
N ASP B 141 -7.04 -30.12 -29.54
CA ASP B 141 -6.57 -31.29 -28.81
C ASP B 141 -5.05 -31.38 -28.63
N ALA B 142 -4.30 -31.00 -29.67
CA ALA B 142 -2.85 -31.04 -29.59
C ALA B 142 -2.41 -29.95 -28.66
N LEU B 143 -3.06 -28.80 -28.81
CA LEU B 143 -2.84 -27.67 -27.93
C LEU B 143 -3.09 -28.11 -26.49
N VAL B 144 -4.16 -28.85 -26.22
CA VAL B 144 -4.38 -29.30 -24.85
C VAL B 144 -3.32 -30.29 -24.37
N LYS B 145 -2.94 -31.21 -25.25
CA LYS B 145 -2.09 -32.33 -24.84
C LYS B 145 -0.64 -31.91 -24.59
N TYR B 146 -0.14 -30.97 -25.38
CA TYR B 146 1.29 -30.70 -25.44
C TYR B 146 1.77 -29.41 -24.78
N SER B 147 0.83 -28.54 -24.41
CA SER B 147 1.21 -27.26 -23.82
C SER B 147 1.37 -27.32 -22.31
N GLY B 148 0.59 -28.17 -21.66
CA GLY B 148 0.63 -28.26 -20.21
C GLY B 148 -0.01 -27.08 -19.50
N VAL B 149 -0.74 -26.22 -20.21
CA VAL B 149 -1.45 -25.12 -19.58
C VAL B 149 -2.93 -25.16 -19.97
N PRO B 150 -3.77 -24.39 -19.29
CA PRO B 150 -5.18 -24.42 -19.70
C PRO B 150 -5.35 -23.89 -21.11
N VAL B 151 -5.94 -24.69 -21.99
CA VAL B 151 -6.30 -24.26 -23.33
C VAL B 151 -7.79 -23.98 -23.38
N TRP B 152 -8.19 -22.89 -24.02
CA TRP B 152 -9.61 -22.60 -24.19
C TRP B 152 -10.00 -22.51 -25.65
N ASN B 153 -11.02 -23.28 -25.98
CA ASN B 153 -11.59 -23.36 -27.32
C ASN B 153 -12.44 -22.14 -27.63
N GLY B 154 -11.88 -21.19 -28.38
CA GLY B 154 -12.62 -20.01 -28.81
C GLY B 154 -13.64 -20.20 -29.93
N LEU B 155 -13.77 -21.44 -30.42
CA LEU B 155 -14.71 -21.88 -31.48
C LEU B 155 -14.03 -22.73 -32.56
N THR B 156 -14.54 -23.95 -32.77
CA THR B 156 -14.09 -24.86 -33.82
C THR B 156 -15.26 -25.26 -34.72
N ASP B 157 -15.05 -26.20 -35.63
CA ASP B 157 -16.16 -26.75 -36.42
C ASP B 157 -17.13 -27.55 -35.53
N ASP B 158 -16.57 -28.22 -34.53
CA ASP B 158 -17.33 -29.09 -33.64
C ASP B 158 -18.15 -28.36 -32.59
N GLU B 159 -17.62 -27.26 -32.04
CA GLU B 159 -18.18 -26.71 -30.80
C GLU B 159 -17.83 -25.24 -30.48
N HIS B 160 -18.69 -24.61 -29.66
CA HIS B 160 -18.47 -23.25 -29.18
C HIS B 160 -18.68 -23.11 -27.63
N PRO B 161 -17.84 -23.79 -26.85
CA PRO B 161 -18.00 -23.93 -25.40
C PRO B 161 -18.16 -22.62 -24.66
N THR B 162 -17.40 -21.59 -24.99
CA THR B 162 -17.52 -20.33 -24.25
C THR B 162 -18.90 -19.70 -24.49
N GLN B 163 -19.39 -19.77 -25.72
CA GLN B 163 -20.69 -19.22 -26.06
C GLN B 163 -21.80 -19.96 -25.33
N ILE B 164 -21.68 -21.27 -25.18
CA ILE B 164 -22.66 -22.03 -24.42
C ILE B 164 -22.86 -21.43 -23.04
N ILE B 165 -21.76 -21.28 -22.31
CA ILE B 165 -21.82 -20.67 -20.99
C ILE B 165 -22.51 -19.30 -21.03
N ALA B 166 -22.12 -18.44 -21.97
CA ALA B 166 -22.74 -17.14 -22.11
C ALA B 166 -24.24 -17.25 -22.38
N ASP B 167 -24.61 -18.25 -23.18
CA ASP B 167 -26.00 -18.41 -23.57
C ASP B 167 -26.91 -18.73 -22.38
N PHE B 168 -26.59 -19.79 -21.65
CA PHE B 168 -27.45 -20.25 -20.57
C PHE B 168 -27.35 -19.39 -19.32
N MET B 169 -26.25 -18.67 -19.19
CA MET B 169 -26.13 -17.70 -18.12
C MET B 169 -27.18 -16.64 -18.38
N THR B 170 -27.34 -16.30 -19.65
CA THR B 170 -28.31 -15.30 -20.05
C THR B 170 -29.72 -15.78 -19.74
N MET B 171 -29.94 -17.07 -19.90
CA MET B 171 -31.27 -17.62 -19.70
C MET B 171 -31.55 -17.67 -18.22
N LYS B 172 -30.53 -18.00 -17.43
CA LYS B 172 -30.72 -18.16 -15.99
C LYS B 172 -31.02 -16.80 -15.33
N GLU B 173 -30.42 -15.75 -15.87
CA GLU B 173 -30.71 -14.41 -15.37
C GLU B 173 -32.16 -14.04 -15.65
N LYS B 174 -32.71 -14.58 -16.73
CA LYS B 174 -34.07 -14.21 -17.12
C LYS B 174 -35.14 -15.03 -16.41
N PHE B 175 -34.90 -16.33 -16.26
CA PHE B 175 -35.92 -17.23 -15.74
C PHE B 175 -35.58 -17.94 -14.43
N GLY B 176 -34.35 -17.81 -13.94
CA GLY B 176 -33.93 -18.61 -12.80
C GLY B 176 -33.61 -20.04 -13.20
N ASN B 177 -33.72 -20.98 -12.25
CA ASN B 177 -33.47 -22.40 -12.53
C ASN B 177 -34.11 -22.79 -13.85
N LEU B 178 -33.35 -23.49 -14.70
CA LEU B 178 -33.78 -23.76 -16.08
C LEU B 178 -34.43 -25.14 -16.29
N LYS B 179 -34.32 -26.00 -15.30
CA LYS B 179 -34.87 -27.36 -15.41
C LYS B 179 -36.30 -27.34 -15.91
N ASN B 180 -36.53 -28.08 -17.01
CA ASN B 180 -37.87 -28.27 -17.57
C ASN B 180 -38.41 -27.08 -18.36
N LYS B 181 -37.63 -26.02 -18.44
CA LYS B 181 -37.96 -24.89 -19.32
C LYS B 181 -37.66 -25.33 -20.74
N LYS B 182 -38.34 -24.71 -21.72
CA LYS B 182 -38.25 -25.16 -23.11
C LYS B 182 -37.52 -24.19 -24.02
N ILE B 183 -36.65 -24.72 -24.88
CA ILE B 183 -35.91 -23.91 -25.85
C ILE B 183 -35.90 -24.53 -27.23
N VAL B 184 -36.16 -23.70 -28.24
CA VAL B 184 -36.15 -24.13 -29.63
C VAL B 184 -34.93 -23.57 -30.38
N PHE B 185 -34.06 -24.45 -30.87
CA PHE B 185 -33.08 -24.00 -31.83
C PHE B 185 -33.57 -24.27 -33.23
N ILE B 186 -33.99 -23.21 -33.91
CA ILE B 186 -34.53 -23.31 -35.24
C ILE B 186 -33.51 -22.78 -36.25
N GLY B 187 -33.55 -23.34 -37.47
CA GLY B 187 -32.61 -22.96 -38.50
C GLY B 187 -31.63 -24.06 -38.84
N ASP B 188 -30.36 -23.69 -39.03
CA ASP B 188 -29.36 -24.66 -39.44
C ASP B 188 -28.85 -25.45 -38.23
N TYR B 189 -29.74 -26.22 -37.61
CA TYR B 189 -29.45 -26.79 -36.29
C TYR B 189 -28.40 -27.89 -36.21
N LYS B 190 -27.80 -28.23 -37.34
CA LYS B 190 -26.80 -29.28 -37.36
C LYS B 190 -25.42 -28.66 -37.21
N ASN B 191 -25.35 -27.34 -37.31
CA ASN B 191 -24.09 -26.61 -37.24
C ASN B 191 -23.63 -26.40 -35.79
N ASN B 192 -22.39 -25.94 -35.62
CA ASN B 192 -21.77 -25.90 -34.29
C ASN B 192 -22.57 -25.15 -33.21
N VAL B 193 -23.23 -24.06 -33.59
CA VAL B 193 -24.05 -23.34 -32.62
C VAL B 193 -25.20 -24.24 -32.16
N GLY B 194 -26.05 -24.63 -33.11
CA GLY B 194 -27.14 -25.54 -32.84
C GLY B 194 -26.74 -26.71 -31.98
N VAL B 195 -25.69 -27.42 -32.37
CA VAL B 195 -25.25 -28.57 -31.57
C VAL B 195 -24.77 -28.18 -30.16
N SER B 196 -24.09 -27.04 -30.06
CA SER B 196 -23.68 -26.52 -28.76
C SER B 196 -24.89 -26.22 -27.89
N THR B 197 -25.83 -25.46 -28.44
CA THR B 197 -27.08 -25.17 -27.74
C THR B 197 -27.76 -26.44 -27.19
N MET B 198 -27.69 -27.54 -27.93
CA MET B 198 -28.28 -28.81 -27.48
C MET B 198 -27.50 -29.29 -26.29
N ILE B 199 -26.17 -29.17 -26.38
CA ILE B 199 -25.30 -29.56 -25.28
C ILE B 199 -25.65 -28.79 -24.02
N GLY B 200 -25.71 -27.47 -24.15
CA GLY B 200 -26.13 -26.62 -23.06
C GLY B 200 -27.44 -27.03 -22.41
N ALA B 201 -28.49 -27.13 -23.23
CA ALA B 201 -29.80 -27.55 -22.74
C ALA B 201 -29.72 -28.87 -21.97
N ALA B 202 -28.94 -29.81 -22.47
CA ALA B 202 -28.77 -31.07 -21.78
C ALA B 202 -28.24 -30.87 -20.34
N PHE B 203 -27.17 -30.08 -20.21
CA PHE B 203 -26.59 -29.77 -18.89
C PHE B 203 -27.56 -29.04 -17.96
N ASN B 204 -28.49 -28.30 -18.55
CA ASN B 204 -29.43 -27.47 -17.82
C ASN B 204 -30.82 -28.14 -17.60
N GLY B 205 -30.91 -29.41 -18.00
CA GLY B 205 -32.15 -30.17 -17.95
C GLY B 205 -33.34 -29.51 -18.65
N MET B 206 -33.11 -28.93 -19.82
CA MET B 206 -34.15 -28.21 -20.56
C MET B 206 -34.76 -29.07 -21.68
N HIS B 207 -35.97 -28.73 -22.09
CA HIS B 207 -36.57 -29.41 -23.23
C HIS B 207 -36.18 -28.71 -24.51
N VAL B 208 -35.35 -29.35 -25.33
CA VAL B 208 -34.95 -28.76 -26.60
C VAL B 208 -35.76 -29.30 -27.76
N VAL B 209 -36.03 -28.41 -28.70
CA VAL B 209 -36.65 -28.81 -29.94
C VAL B 209 -35.79 -28.26 -31.07
N MET B 210 -34.99 -29.13 -31.69
CA MET B 210 -34.20 -28.76 -32.87
C MET B 210 -35.14 -28.63 -34.06
N CYS B 211 -35.46 -27.40 -34.44
CA CYS B 211 -36.46 -27.16 -35.49
C CYS B 211 -35.85 -26.68 -36.80
N GLY B 212 -36.19 -27.37 -37.87
CA GLY B 212 -35.67 -27.08 -39.20
C GLY B 212 -35.83 -28.34 -40.04
N PRO B 213 -35.10 -28.43 -41.16
CA PRO B 213 -35.17 -29.58 -42.07
C PRO B 213 -34.95 -30.93 -41.37
N ASP B 214 -35.66 -31.96 -41.81
CA ASP B 214 -35.60 -33.28 -41.17
C ASP B 214 -34.30 -34.01 -41.46
N ASN B 215 -33.89 -33.98 -42.71
CA ASN B 215 -32.60 -34.48 -43.13
C ASN B 215 -31.48 -34.15 -42.12
N TYR B 216 -31.52 -32.94 -41.58
CA TYR B 216 -30.41 -32.38 -40.79
C TYR B 216 -30.00 -33.16 -39.54
N LYS B 217 -30.95 -33.83 -38.90
CA LYS B 217 -30.63 -34.61 -37.71
C LYS B 217 -29.56 -35.66 -38.03
N ASN B 218 -29.61 -36.18 -39.25
CA ASN B 218 -28.77 -37.31 -39.61
C ASN B 218 -27.29 -36.99 -39.59
N GLU B 219 -26.95 -35.70 -39.53
CA GLU B 219 -25.56 -35.28 -39.65
C GLU B 219 -24.95 -34.76 -38.35
N ILE B 220 -25.45 -35.25 -37.22
CA ILE B 220 -24.95 -34.83 -35.93
C ILE B 220 -24.28 -36.01 -35.26
N ASP B 221 -23.01 -35.83 -34.87
CA ASP B 221 -22.21 -36.92 -34.29
C ASP B 221 -23.03 -37.78 -33.35
N LYS B 222 -22.97 -39.08 -33.55
CA LYS B 222 -23.79 -40.01 -32.78
C LYS B 222 -23.32 -40.15 -31.32
N ASN B 223 -22.04 -39.87 -31.09
CA ASN B 223 -21.53 -39.84 -29.73
C ASN B 223 -22.01 -38.62 -28.95
N VAL B 224 -22.08 -37.48 -29.63
CA VAL B 224 -22.62 -36.30 -28.99
C VAL B 224 -24.04 -36.52 -28.49
N LEU B 225 -24.91 -36.99 -29.39
CA LEU B 225 -26.30 -37.34 -29.04
C LEU B 225 -26.43 -38.25 -27.83
N ALA B 226 -25.65 -39.33 -27.80
CA ALA B 226 -25.71 -40.28 -26.69
C ALA B 226 -25.51 -39.58 -25.35
N LYS B 227 -24.46 -38.75 -25.29
CA LYS B 227 -24.07 -38.07 -24.08
C LYS B 227 -25.14 -37.09 -23.65
N CYS B 228 -25.72 -36.40 -24.63
CA CYS B 228 -26.78 -35.47 -24.32
C CYS B 228 -27.97 -36.24 -23.83
N ILE B 229 -28.22 -37.38 -24.45
CA ILE B 229 -29.39 -38.15 -24.07
C ILE B 229 -29.27 -38.69 -22.63
N GLU B 230 -28.08 -39.13 -22.24
CA GLU B 230 -27.81 -39.43 -20.83
C GLU B 230 -28.06 -38.20 -19.96
N LEU B 231 -27.51 -37.07 -20.41
CA LEU B 231 -27.59 -35.83 -19.65
C LEU B 231 -29.02 -35.42 -19.39
N PHE B 232 -29.88 -35.53 -20.41
CA PHE B 232 -31.30 -35.26 -20.23
C PHE B 232 -31.93 -36.22 -19.23
N LYS B 233 -31.49 -37.47 -19.25
CA LYS B 233 -31.99 -38.44 -18.27
C LYS B 233 -31.65 -37.96 -16.86
N ARG B 234 -30.37 -37.70 -16.64
CA ARG B 234 -29.86 -37.29 -15.34
C ARG B 234 -30.43 -35.96 -14.87
N ASN B 235 -30.48 -34.98 -15.75
CA ASN B 235 -30.80 -33.61 -15.37
C ASN B 235 -32.25 -33.26 -15.59
N GLY B 236 -32.87 -33.91 -16.56
CA GLY B 236 -34.29 -33.83 -16.75
C GLY B 236 -34.82 -32.93 -17.87
N GLY B 237 -34.27 -33.04 -19.07
CA GLY B 237 -34.91 -32.36 -20.18
C GLY B 237 -35.60 -33.35 -21.11
N SER B 238 -35.58 -33.02 -22.40
CA SER B 238 -35.90 -33.98 -23.45
C SER B 238 -35.27 -33.47 -24.75
N LEU B 239 -35.03 -34.38 -25.68
CA LEU B 239 -34.56 -34.00 -27.01
C LEU B 239 -35.58 -34.44 -28.02
N ARG B 240 -36.22 -33.48 -28.68
CA ARG B 240 -37.21 -33.81 -29.69
C ARG B 240 -36.86 -33.02 -30.95
N PHE B 241 -37.03 -33.62 -32.13
CA PHE B 241 -36.83 -32.90 -33.39
C PHE B 241 -38.15 -32.44 -33.96
N SER B 242 -38.11 -31.53 -34.93
CA SER B 242 -39.33 -30.87 -35.38
C SER B 242 -39.12 -30.16 -36.70
N THR B 243 -40.19 -30.13 -37.50
CA THR B 243 -40.13 -29.64 -38.86
C THR B 243 -41.10 -28.47 -39.02
N ASP B 244 -42.01 -28.35 -38.07
CA ASP B 244 -42.99 -27.28 -38.08
C ASP B 244 -42.61 -26.17 -37.10
N LYS B 245 -42.30 -25.00 -37.65
CA LYS B 245 -41.89 -23.83 -36.88
C LYS B 245 -42.93 -23.45 -35.81
N ILE B 246 -44.21 -23.50 -36.15
CA ILE B 246 -45.24 -23.05 -35.21
C ILE B 246 -45.55 -24.12 -34.15
N LEU B 247 -45.44 -25.37 -34.54
CA LEU B 247 -45.53 -26.47 -33.59
C LEU B 247 -44.47 -26.28 -32.52
N ALA B 248 -43.23 -26.14 -32.98
CA ALA B 248 -42.05 -26.03 -32.13
C ALA B 248 -42.18 -24.99 -31.03
N ALA B 249 -42.60 -23.80 -31.43
CA ALA B 249 -42.67 -22.63 -30.55
C ALA B 249 -43.64 -22.75 -29.38
N GLN B 250 -44.47 -23.80 -29.37
CA GLN B 250 -45.47 -24.02 -28.32
C GLN B 250 -44.87 -24.07 -26.91
N ASP B 251 -45.16 -23.07 -26.09
CA ASP B 251 -44.66 -23.02 -24.71
C ASP B 251 -43.14 -22.89 -24.59
N ALA B 252 -42.50 -22.46 -25.69
CA ALA B 252 -41.08 -22.16 -25.69
C ALA B 252 -40.83 -20.94 -24.83
N ASP B 253 -39.88 -21.04 -23.92
CA ASP B 253 -39.43 -19.88 -23.15
C ASP B 253 -38.37 -19.13 -23.96
N VAL B 254 -37.65 -19.89 -24.78
CA VAL B 254 -36.51 -19.39 -25.54
C VAL B 254 -36.58 -19.85 -26.99
N ILE B 255 -36.33 -18.93 -27.91
CA ILE B 255 -36.18 -19.25 -29.33
C ILE B 255 -34.85 -18.72 -29.82
N TYR B 256 -34.02 -19.65 -30.27
CA TYR B 256 -32.64 -19.37 -30.58
C TYR B 256 -32.35 -19.78 -32.02
N THR B 257 -31.84 -18.86 -32.83
CA THR B 257 -31.52 -19.15 -34.23
C THR B 257 -30.12 -18.64 -34.61
N ASP B 258 -29.77 -18.77 -35.89
CA ASP B 258 -28.42 -18.48 -36.36
C ASP B 258 -28.44 -18.30 -37.88
N VAL B 259 -27.39 -17.69 -38.46
CA VAL B 259 -27.39 -17.42 -39.90
C VAL B 259 -27.59 -18.70 -40.69
N TRP B 260 -28.20 -18.55 -41.87
CA TRP B 260 -28.39 -19.66 -42.81
C TRP B 260 -27.17 -19.81 -43.71
N VAL B 261 -26.47 -18.71 -43.94
CA VAL B 261 -25.36 -18.67 -44.87
C VAL B 261 -24.01 -18.46 -44.20
N SER B 262 -23.11 -19.41 -44.41
CA SER B 262 -21.71 -19.23 -44.09
C SER B 262 -21.05 -18.24 -45.07
N LEU B 263 -20.27 -17.31 -44.54
CA LEU B 263 -19.55 -16.35 -45.37
C LEU B 263 -18.27 -16.99 -45.92
N GLY B 264 -18.17 -17.04 -47.24
CA GLY B 264 -17.04 -17.68 -47.91
C GLY B 264 -17.46 -18.93 -48.65
N GLU B 265 -18.33 -18.73 -49.66
CA GLU B 265 -18.83 -19.84 -50.47
C GLU B 265 -19.72 -19.29 -51.60
N PRO B 266 -20.08 -20.16 -52.57
CA PRO B 266 -20.80 -19.70 -53.77
C PRO B 266 -22.31 -19.57 -53.58
N PHE B 267 -22.94 -18.76 -54.45
CA PHE B 267 -24.39 -18.54 -54.45
C PHE B 267 -25.18 -19.80 -54.81
N GLU B 268 -24.58 -20.66 -55.63
CA GLU B 268 -25.14 -21.97 -55.92
C GLU B 268 -25.39 -22.73 -54.61
N LEU B 269 -24.54 -22.47 -53.61
CA LEU B 269 -24.68 -23.08 -52.30
C LEU B 269 -25.59 -22.25 -51.39
N PHE B 270 -25.72 -20.96 -51.70
CA PHE B 270 -26.74 -20.13 -51.06
C PHE B 270 -28.10 -20.59 -51.51
N ASP B 271 -28.28 -20.67 -52.83
CA ASP B 271 -29.53 -21.12 -53.41
C ASP B 271 -30.02 -22.35 -52.66
N LYS B 272 -29.19 -23.39 -52.64
CA LYS B 272 -29.52 -24.62 -51.96
C LYS B 272 -29.91 -24.36 -50.50
N ARG B 273 -29.06 -23.66 -49.77
CA ARG B 273 -29.25 -23.49 -48.33
C ARG B 273 -30.51 -22.67 -47.96
N ILE B 274 -30.70 -21.50 -48.56
CA ILE B 274 -31.90 -20.73 -48.24
C ILE B 274 -33.16 -21.46 -48.72
N GLY B 275 -32.98 -22.35 -49.68
CA GLY B 275 -34.09 -23.11 -50.21
C GLY B 275 -34.62 -24.06 -49.15
N GLU B 276 -33.72 -24.85 -48.58
CA GLU B 276 -34.11 -25.84 -47.61
C GLU B 276 -34.43 -25.26 -46.23
N LEU B 277 -34.23 -23.94 -46.06
CA LEU B 277 -34.40 -23.32 -44.75
C LEU B 277 -35.45 -22.25 -44.75
N LYS B 278 -35.92 -21.91 -45.95
CA LYS B 278 -36.82 -20.78 -46.16
C LYS B 278 -38.10 -20.78 -45.33
N ASN B 279 -38.40 -21.90 -44.68
CA ASN B 279 -39.62 -21.99 -43.88
C ASN B 279 -39.37 -21.93 -42.38
N PHE B 280 -38.15 -21.57 -42.02
CA PHE B 280 -37.76 -21.58 -40.63
C PHE B 280 -37.28 -20.22 -40.16
N GLN B 281 -37.39 -19.22 -41.03
CA GLN B 281 -37.15 -17.84 -40.61
C GLN B 281 -37.97 -17.56 -39.37
N VAL B 282 -37.33 -16.98 -38.35
CA VAL B 282 -38.03 -16.54 -37.16
C VAL B 282 -38.79 -15.24 -37.46
N ASP B 283 -40.10 -15.26 -37.24
CA ASP B 283 -40.94 -14.08 -37.45
C ASP B 283 -41.97 -13.96 -36.36
N MET B 284 -42.63 -12.80 -36.34
CA MET B 284 -43.57 -12.47 -35.27
C MET B 284 -44.65 -13.53 -35.02
N ASN B 285 -44.99 -14.30 -36.06
CA ASN B 285 -45.88 -15.44 -35.89
C ASN B 285 -45.27 -16.38 -34.84
N MET B 286 -44.05 -16.80 -35.10
CA MET B 286 -43.43 -17.82 -34.26
C MET B 286 -43.31 -17.33 -32.83
N ILE B 287 -43.04 -16.02 -32.67
CA ILE B 287 -42.82 -15.47 -31.33
C ILE B 287 -44.07 -15.49 -30.50
N LYS B 288 -45.17 -15.00 -31.08
CA LYS B 288 -46.40 -14.93 -30.31
C LYS B 288 -47.06 -16.31 -30.23
N ALA B 289 -46.62 -17.21 -31.10
CA ALA B 289 -46.98 -18.63 -31.01
C ALA B 289 -46.33 -19.31 -29.79
N ALA B 290 -45.35 -18.64 -29.18
CA ALA B 290 -44.71 -19.12 -27.97
C ALA B 290 -45.27 -18.36 -26.77
N LYS B 291 -44.57 -18.41 -25.64
CA LYS B 291 -45.04 -17.68 -24.46
C LYS B 291 -44.96 -16.16 -24.64
N ASN B 292 -45.49 -15.44 -23.66
CA ASN B 292 -45.41 -13.98 -23.67
C ASN B 292 -43.99 -13.57 -23.30
N ASP B 293 -43.52 -14.10 -22.19
CA ASP B 293 -42.18 -13.81 -21.70
C ASP B 293 -41.13 -14.71 -22.35
N VAL B 294 -41.34 -15.03 -23.62
CA VAL B 294 -40.36 -15.77 -24.39
C VAL B 294 -39.22 -14.82 -24.79
N ILE B 295 -37.99 -15.32 -24.79
CA ILE B 295 -36.85 -14.50 -25.20
C ILE B 295 -36.19 -15.04 -26.46
N PHE B 296 -35.66 -14.12 -27.26
CA PHE B 296 -35.00 -14.43 -28.53
C PHE B 296 -33.46 -14.34 -28.46
N LEU B 297 -32.79 -15.43 -28.81
CA LEU B 297 -31.33 -15.47 -28.79
C LEU B 297 -30.72 -15.64 -30.17
N HIS B 298 -29.51 -15.14 -30.34
CA HIS B 298 -28.77 -15.18 -31.60
C HIS B 298 -27.36 -14.69 -31.28
N CYS B 299 -26.34 -15.41 -31.72
CA CYS B 299 -24.99 -15.04 -31.31
C CYS B 299 -24.33 -13.93 -32.15
N LEU B 300 -24.97 -13.59 -33.27
CA LEU B 300 -24.58 -12.45 -34.10
C LEU B 300 -23.27 -12.66 -34.86
N PRO B 301 -23.06 -11.90 -35.95
CA PRO B 301 -24.06 -10.98 -36.51
C PRO B 301 -25.30 -11.71 -37.02
N ALA B 302 -26.41 -10.99 -37.07
CA ALA B 302 -27.61 -11.51 -37.69
C ALA B 302 -27.95 -10.64 -38.88
N PHE B 303 -28.44 -11.25 -39.96
CA PHE B 303 -29.00 -10.45 -41.03
C PHE B 303 -30.49 -10.35 -40.81
N HIS B 304 -30.96 -9.16 -40.42
CA HIS B 304 -32.35 -8.97 -40.06
C HIS B 304 -32.97 -7.75 -40.74
N ASP B 305 -32.30 -7.26 -41.76
CA ASP B 305 -32.79 -6.14 -42.55
C ASP B 305 -31.82 -5.92 -43.71
N ASP B 306 -31.84 -4.75 -44.33
CA ASP B 306 -31.00 -4.50 -45.50
C ASP B 306 -29.85 -3.54 -45.21
N HIS B 307 -29.57 -3.31 -43.93
CA HIS B 307 -28.56 -2.33 -43.52
C HIS B 307 -27.12 -2.72 -43.85
N THR B 308 -26.92 -3.90 -44.39
CA THR B 308 -25.56 -4.32 -44.74
C THR B 308 -25.49 -4.60 -46.23
N SER B 309 -24.33 -4.38 -46.83
CA SER B 309 -24.18 -4.58 -48.25
C SER B 309 -24.41 -6.04 -48.62
N PHE B 310 -23.97 -6.94 -47.75
CA PHE B 310 -24.20 -8.36 -47.96
C PHE B 310 -25.70 -8.65 -48.03
N SER B 311 -26.48 -7.94 -47.20
CA SER B 311 -27.93 -8.09 -47.17
C SER B 311 -28.53 -7.59 -48.47
N LYS B 312 -28.24 -6.34 -48.79
CA LYS B 312 -28.71 -5.75 -50.04
C LYS B 312 -28.41 -6.69 -51.21
N GLU B 313 -27.25 -7.32 -51.20
CA GLU B 313 -26.82 -8.24 -52.26
C GLU B 313 -27.75 -9.45 -52.39
N VAL B 314 -28.00 -10.09 -51.27
CA VAL B 314 -28.83 -11.29 -51.22
C VAL B 314 -30.30 -10.98 -51.59
N ALA B 315 -30.84 -9.91 -51.01
CA ALA B 315 -32.24 -9.53 -51.22
C ALA B 315 -32.50 -9.07 -52.65
N THR B 316 -31.42 -8.74 -53.36
CA THR B 316 -31.53 -8.26 -54.73
C THR B 316 -31.42 -9.43 -55.71
N THR B 317 -30.36 -10.22 -55.59
CA THR B 317 -30.16 -11.33 -56.52
C THR B 317 -31.05 -12.55 -56.24
N LEU B 318 -31.61 -12.64 -55.04
CA LEU B 318 -32.50 -13.76 -54.68
C LEU B 318 -33.82 -13.29 -54.08
N GLY B 319 -34.04 -11.98 -54.08
CA GLY B 319 -35.26 -11.40 -53.56
C GLY B 319 -36.44 -11.62 -54.47
N ALA B 320 -36.19 -12.28 -55.60
CA ALA B 320 -37.25 -12.72 -56.51
C ALA B 320 -37.61 -14.16 -56.19
N LYS B 321 -36.65 -15.05 -56.44
CA LYS B 321 -36.78 -16.48 -56.18
C LYS B 321 -37.28 -16.82 -54.76
N TYR B 322 -37.11 -15.90 -53.81
CA TYR B 322 -37.56 -16.10 -52.44
C TYR B 322 -38.06 -14.79 -51.84
N PRO B 323 -39.34 -14.74 -51.44
CA PRO B 323 -39.84 -13.48 -50.91
C PRO B 323 -39.32 -13.14 -49.50
N ILE B 324 -38.97 -14.13 -48.68
CA ILE B 324 -38.60 -13.80 -47.30
C ILE B 324 -37.33 -12.92 -47.26
N VAL B 325 -36.32 -13.29 -48.03
CA VAL B 325 -35.07 -12.54 -48.07
C VAL B 325 -35.23 -11.25 -48.87
N ALA B 326 -36.38 -11.07 -49.51
CA ALA B 326 -36.59 -9.90 -50.35
C ALA B 326 -36.29 -8.60 -49.63
N LYS B 327 -36.36 -8.63 -48.30
CA LYS B 327 -36.15 -7.42 -47.51
C LYS B 327 -34.82 -7.38 -46.74
N GLY B 328 -33.85 -8.18 -47.17
CA GLY B 328 -32.56 -8.30 -46.51
C GLY B 328 -32.57 -9.33 -45.39
N GLU B 329 -33.74 -9.52 -44.78
CA GLU B 329 -33.93 -10.44 -43.68
C GLU B 329 -33.70 -11.89 -44.09
N MET B 330 -33.08 -12.68 -43.23
CA MET B 330 -32.94 -14.11 -43.49
C MET B 330 -33.46 -14.91 -42.30
N GLU B 331 -32.56 -15.33 -41.41
CA GLU B 331 -32.99 -16.16 -40.29
C GLU B 331 -33.94 -15.46 -39.28
N VAL B 332 -34.23 -14.19 -39.49
CA VAL B 332 -35.06 -13.45 -38.52
C VAL B 332 -35.55 -12.12 -39.10
N THR B 333 -36.78 -11.74 -38.75
CA THR B 333 -37.37 -10.51 -39.28
C THR B 333 -36.99 -9.31 -38.43
N ASP B 334 -36.75 -8.17 -39.08
CA ASP B 334 -36.35 -7.00 -38.35
C ASP B 334 -37.38 -6.73 -37.30
N GLU B 335 -38.61 -7.18 -37.54
CA GLU B 335 -39.66 -6.92 -36.58
C GLU B 335 -39.39 -7.65 -35.27
N VAL B 336 -38.93 -8.89 -35.37
CA VAL B 336 -38.58 -9.63 -34.16
C VAL B 336 -37.34 -9.03 -33.51
N PHE B 337 -36.33 -8.75 -34.31
CA PHE B 337 -35.06 -8.24 -33.82
C PHE B 337 -35.18 -6.94 -33.03
N GLN B 338 -36.14 -6.11 -33.40
CA GLN B 338 -36.31 -4.83 -32.71
C GLN B 338 -37.34 -4.93 -31.59
N SER B 339 -37.80 -6.15 -31.29
CA SER B 339 -38.86 -6.37 -30.30
C SER B 339 -38.29 -6.62 -28.91
N LEU B 340 -39.10 -6.37 -27.89
CA LEU B 340 -38.63 -6.50 -26.51
C LEU B 340 -38.18 -7.92 -26.20
N HIS B 341 -38.46 -8.83 -27.12
CA HIS B 341 -38.13 -10.23 -26.93
C HIS B 341 -36.66 -10.53 -27.18
N ASN B 342 -36.00 -9.68 -27.98
CA ASN B 342 -34.62 -9.94 -28.38
C ASN B 342 -33.63 -9.66 -27.27
N LYS B 343 -32.93 -10.71 -26.84
CA LYS B 343 -31.92 -10.60 -25.79
C LYS B 343 -30.50 -10.77 -26.32
N ALA B 344 -30.38 -10.81 -27.65
CA ALA B 344 -29.11 -11.05 -28.31
C ALA B 344 -27.97 -10.19 -27.78
N PHE B 345 -28.29 -8.96 -27.35
CA PHE B 345 -27.27 -8.00 -26.93
C PHE B 345 -26.82 -8.20 -25.49
N ASP B 346 -27.74 -8.65 -24.64
CA ASP B 346 -27.38 -9.11 -23.29
C ASP B 346 -26.51 -10.33 -23.42
N GLN B 347 -26.90 -11.19 -24.34
CA GLN B 347 -26.22 -12.45 -24.55
C GLN B 347 -24.81 -12.11 -25.00
N ALA B 348 -24.71 -11.05 -25.81
CA ALA B 348 -23.43 -10.60 -26.35
C ALA B 348 -22.49 -10.16 -25.24
N GLU B 349 -22.98 -9.25 -24.38
CA GLU B 349 -22.25 -8.77 -23.21
C GLU B 349 -21.76 -9.92 -22.35
N ASN B 350 -22.60 -10.93 -22.16
CA ASN B 350 -22.27 -12.09 -21.34
C ASN B 350 -21.15 -13.00 -21.88
N ARG B 351 -20.72 -12.78 -23.12
CA ARG B 351 -19.56 -13.50 -23.64
C ARG B 351 -18.35 -13.17 -22.78
N MET B 352 -18.26 -11.90 -22.37
CA MET B 352 -17.10 -11.43 -21.61
C MET B 352 -17.13 -11.93 -20.16
N HIS B 353 -18.30 -11.90 -19.52
CA HIS B 353 -18.43 -12.40 -18.13
C HIS B 353 -18.19 -13.89 -17.97
N SER B 354 -18.70 -14.67 -18.92
CA SER B 354 -18.56 -16.11 -18.84
C SER B 354 -17.14 -16.54 -19.22
N ILE B 355 -16.52 -15.84 -20.18
CA ILE B 355 -15.12 -16.13 -20.51
C ILE B 355 -14.22 -15.78 -19.32
N LYS B 356 -14.61 -14.75 -18.57
CA LYS B 356 -13.86 -14.38 -17.38
C LYS B 356 -13.95 -15.49 -16.33
N ALA B 357 -15.13 -16.11 -16.20
CA ALA B 357 -15.32 -17.26 -15.30
C ALA B 357 -14.49 -18.48 -15.72
N ILE B 358 -14.45 -18.73 -17.02
CA ILE B 358 -13.62 -19.80 -17.58
C ILE B 358 -12.12 -19.59 -17.26
N ILE B 359 -11.60 -18.41 -17.55
CA ILE B 359 -10.19 -18.11 -17.30
C ILE B 359 -9.83 -18.18 -15.81
N LEU B 360 -10.69 -17.62 -14.96
CA LEU B 360 -10.41 -17.57 -13.53
C LEU B 360 -10.39 -18.95 -12.91
N SER B 361 -11.41 -19.75 -13.16
CA SER B 361 -11.48 -21.12 -12.60
C SER B 361 -10.37 -22.02 -13.08
N THR B 362 -10.02 -21.89 -14.34
CA THR B 362 -9.00 -22.73 -14.92
C THR B 362 -7.56 -22.32 -14.49
N ILE B 363 -7.20 -21.06 -14.59
CA ILE B 363 -5.92 -20.57 -14.10
C ILE B 363 -5.93 -20.52 -12.56
N GLY B 364 -7.05 -20.15 -11.98
CA GLY B 364 -7.17 -20.09 -10.54
C GLY B 364 -6.62 -18.79 -9.95
N TYR B 365 -7.26 -18.31 -8.87
CA TYR B 365 -6.73 -17.15 -8.16
C TYR B 365 -5.46 -17.46 -7.35
N MET C 24 -4.77 28.71 27.13
CA MET C 24 -4.27 28.79 25.76
C MET C 24 -3.56 27.49 25.26
N PRO C 25 -3.92 27.05 24.04
CA PRO C 25 -3.40 25.81 23.44
C PRO C 25 -1.86 25.69 23.50
N VAL C 26 -1.36 24.51 23.82
CA VAL C 26 0.07 24.26 23.77
C VAL C 26 0.45 24.01 22.33
N ASN C 27 0.82 25.07 21.63
CA ASN C 27 1.06 24.98 20.19
C ASN C 27 2.44 25.52 19.87
N LEU C 28 3.38 24.58 19.78
CA LEU C 28 4.78 24.85 19.53
C LEU C 28 5.01 24.93 18.04
N LYS C 29 3.99 24.62 17.27
CA LYS C 29 4.15 24.59 15.83
C LYS C 29 4.65 25.97 15.34
N GLY C 30 5.78 25.95 14.62
CA GLY C 30 6.40 27.16 14.09
C GLY C 30 7.47 27.79 14.99
N ARG C 31 7.57 27.33 16.23
CA ARG C 31 8.42 27.94 17.24
C ARG C 31 9.88 27.57 17.15
N SER C 32 10.72 28.39 17.75
CA SER C 32 12.14 28.10 17.82
C SER C 32 12.55 27.81 19.25
N LEU C 33 13.45 26.84 19.42
CA LEU C 33 14.03 26.61 20.73
C LEU C 33 15.28 27.45 20.83
N ASP C 34 15.10 28.77 20.90
CA ASP C 34 16.22 29.70 21.06
C ASP C 34 16.75 29.68 22.49
N SER C 35 15.85 29.96 23.43
CA SER C 35 16.11 29.85 24.86
C SER C 35 14.85 29.25 25.50
N LEU C 36 15.03 28.38 26.47
CA LEU C 36 13.90 27.73 27.12
C LEU C 36 13.00 28.74 27.86
N LEU C 37 13.61 29.86 28.29
CA LEU C 37 12.91 30.85 29.10
C LEU C 37 11.86 31.57 28.27
N ASN C 38 11.84 31.25 26.98
CA ASN C 38 10.84 31.83 26.10
C ASN C 38 9.58 30.95 26.01
N PHE C 39 9.54 29.88 26.81
CA PHE C 39 8.41 28.98 26.79
C PHE C 39 7.75 28.92 28.14
N THR C 40 6.47 28.56 28.12
CA THR C 40 5.70 28.42 29.34
C THR C 40 6.09 27.13 30.07
N THR C 41 5.76 27.07 31.36
CA THR C 41 5.90 25.87 32.17
C THR C 41 5.12 24.69 31.56
N GLU C 42 3.95 25.00 31.02
CA GLU C 42 3.14 23.98 30.37
C GLU C 42 3.81 23.36 29.12
N GLU C 43 4.37 24.24 28.28
CA GLU C 43 5.07 23.84 27.07
C GLU C 43 6.31 22.97 27.34
N VAL C 44 7.17 23.41 28.26
CA VAL C 44 8.34 22.65 28.68
C VAL C 44 7.96 21.24 29.15
N GLN C 45 6.89 21.17 29.92
CA GLN C 45 6.39 19.90 30.47
C GLN C 45 5.79 19.02 29.40
N HIS C 46 5.21 19.67 28.41
CA HIS C 46 4.66 18.96 27.30
C HIS C 46 5.85 18.39 26.53
N LEU C 47 6.91 19.18 26.36
CA LEU C 47 8.11 18.64 25.74
C LEU C 47 8.70 17.44 26.50
N ILE C 48 8.86 17.53 27.82
CA ILE C 48 9.38 16.42 28.59
C ILE C 48 8.52 15.16 28.47
N ASP C 49 7.19 15.36 28.44
CA ASP C 49 6.24 14.24 28.31
C ASP C 49 6.21 13.64 26.90
N LEU C 50 6.23 14.48 25.88
CA LEU C 50 6.29 13.96 24.52
C LEU C 50 7.55 13.13 24.33
N SER C 51 8.66 13.61 24.89
CA SER C 51 9.94 12.90 24.83
C SER C 51 9.75 11.48 25.37
N ILE C 52 9.12 11.35 26.53
CA ILE C 52 8.90 10.03 27.10
C ILE C 52 8.03 9.16 26.20
N ASP C 53 6.98 9.74 25.63
CA ASP C 53 6.07 9.00 24.75
C ASP C 53 6.76 8.52 23.46
N LEU C 54 7.47 9.43 22.81
CA LEU C 54 8.24 9.12 21.61
C LEU C 54 9.25 7.96 21.78
N LYS C 55 9.86 7.86 22.95
CA LYS C 55 10.83 6.81 23.26
C LYS C 55 10.14 5.47 23.47
N LYS C 56 9.05 5.49 24.23
CA LYS C 56 8.24 4.30 24.43
C LYS C 56 7.71 3.77 23.09
N ALA C 57 7.45 4.69 22.16
CA ALA C 57 6.94 4.33 20.85
C ALA C 57 8.03 3.69 20.02
N LYS C 58 9.25 4.18 20.18
CA LYS C 58 10.35 3.59 19.43
C LYS C 58 10.68 2.18 19.92
N TYR C 59 10.67 1.96 21.24
CA TYR C 59 10.91 0.62 21.74
C TYR C 59 9.94 -0.45 21.18
N GLN C 60 8.78 -0.02 20.65
CA GLN C 60 7.77 -0.90 20.06
C GLN C 60 7.89 -1.00 18.54
N GLY C 61 8.79 -0.25 17.95
CA GLY C 61 8.96 -0.33 16.50
C GLY C 61 7.95 0.49 15.74
N LEU C 62 7.33 1.46 16.42
CA LEU C 62 6.26 2.25 15.79
C LEU C 62 6.79 3.32 14.82
N HIS C 63 8.07 3.63 14.90
CA HIS C 63 8.75 4.57 14.00
C HIS C 63 8.99 4.00 12.60
N ILE C 64 8.69 2.72 12.43
CA ILE C 64 8.92 2.08 11.13
C ILE C 64 7.85 2.50 10.11
N ASN C 65 6.59 2.41 10.52
CA ASN C 65 5.48 2.68 9.62
C ASN C 65 4.99 4.09 9.73
N ASN C 66 5.26 4.68 10.87
CA ASN C 66 4.76 5.99 11.19
C ASN C 66 5.87 7.04 11.22
N ARG C 67 6.04 7.71 10.09
CA ARG C 67 7.17 8.61 9.83
C ARG C 67 6.63 9.93 9.26
N PRO C 68 6.26 10.85 10.17
CA PRO C 68 5.47 12.05 9.83
C PRO C 68 6.22 13.17 9.09
N LEU C 69 7.54 13.11 9.04
CA LEU C 69 8.28 14.19 8.40
C LEU C 69 8.81 13.83 7.01
N VAL C 70 8.37 12.71 6.45
CA VAL C 70 8.77 12.41 5.09
C VAL C 70 8.32 13.60 4.22
N GLY C 71 9.24 14.19 3.47
CA GLY C 71 8.94 15.35 2.63
C GLY C 71 9.62 16.61 3.18
N LYS C 72 10.28 16.44 4.31
CA LYS C 72 10.93 17.55 5.00
C LYS C 72 12.41 17.32 5.25
N ASN C 73 13.18 18.41 5.30
CA ASN C 73 14.62 18.35 5.50
C ASN C 73 15.09 19.38 6.50
N ILE C 74 16.01 19.00 7.37
CA ILE C 74 16.59 19.98 8.30
C ILE C 74 18.08 20.09 8.07
N ALA C 75 18.62 21.26 8.37
CA ALA C 75 20.07 21.48 8.32
C ALA C 75 20.57 21.57 9.75
N ILE C 76 21.65 20.86 10.05
CA ILE C 76 22.20 20.92 11.40
C ILE C 76 23.64 21.48 11.41
N LEU C 77 23.78 22.73 11.83
CA LEU C 77 25.04 23.46 11.74
C LEU C 77 25.85 23.37 13.04
N PHE C 78 27.15 23.14 12.92
CA PHE C 78 28.01 23.04 14.09
C PHE C 78 29.32 23.83 13.97
N GLN C 79 29.30 25.08 14.44
CA GLN C 79 30.50 25.91 14.41
C GLN C 79 31.62 25.28 15.22
N LYS C 80 31.31 24.14 15.84
CA LYS C 80 32.24 23.46 16.72
C LYS C 80 31.73 22.03 16.93
N ASP C 81 32.61 21.06 16.81
CA ASP C 81 32.16 19.68 16.86
C ASP C 81 31.44 19.33 18.17
N SER C 82 30.25 18.75 18.05
CA SER C 82 29.59 18.11 19.19
C SER C 82 28.96 16.78 18.81
N THR C 83 29.67 15.72 19.15
CA THR C 83 29.33 14.38 18.72
C THR C 83 27.97 13.95 19.23
N ARG C 84 27.69 14.27 20.49
CA ARG C 84 26.46 13.84 21.13
C ARG C 84 25.22 14.53 20.53
N THR C 85 25.31 15.84 20.34
CA THR C 85 24.18 16.62 19.87
C THR C 85 23.90 16.27 18.43
N ARG C 86 24.96 16.15 17.63
CA ARG C 86 24.81 15.81 16.23
C ARG C 86 24.19 14.44 15.95
N CYS C 87 24.62 13.40 16.67
CA CYS C 87 24.03 12.07 16.51
C CYS C 87 22.60 12.05 17.00
N ALA C 88 22.32 12.76 18.09
CA ALA C 88 20.96 12.88 18.59
C ALA C 88 20.04 13.48 17.52
N PHE C 89 20.53 14.50 16.82
CA PHE C 89 19.73 15.17 15.78
C PHE C 89 19.56 14.26 14.54
N GLU C 90 20.65 13.63 14.13
CA GLU C 90 20.61 12.79 12.96
C GLU C 90 19.65 11.59 13.16
N VAL C 91 19.70 10.97 14.32
CA VAL C 91 18.86 9.80 14.55
C VAL C 91 17.39 10.16 14.76
N ALA C 92 17.12 11.22 15.53
CA ALA C 92 15.75 11.70 15.71
C ALA C 92 15.10 12.05 14.36
N ALA C 93 15.80 12.85 13.56
CA ALA C 93 15.25 13.30 12.29
C ALA C 93 15.15 12.16 11.28
N SER C 94 16.10 11.25 11.32
CA SER C 94 16.01 10.09 10.43
C SER C 94 14.79 9.22 10.78
N ASP C 95 14.61 8.93 12.06
CA ASP C 95 13.47 8.17 12.55
C ASP C 95 12.11 8.78 12.19
N LEU C 96 12.06 10.11 12.12
CA LEU C 96 10.81 10.83 11.80
C LEU C 96 10.54 10.85 10.32
N GLY C 97 11.57 10.55 9.54
CA GLY C 97 11.47 10.50 8.09
C GLY C 97 12.09 11.70 7.41
N ALA C 98 12.74 12.57 8.19
CA ALA C 98 13.42 13.77 7.66
C ALA C 98 14.78 13.50 7.04
N GLY C 99 15.06 14.22 5.98
CA GLY C 99 16.41 14.29 5.44
C GLY C 99 17.23 15.24 6.31
N VAL C 100 18.51 14.91 6.53
CA VAL C 100 19.40 15.82 7.24
C VAL C 100 20.74 16.05 6.55
N THR C 101 21.12 17.32 6.47
CA THR C 101 22.43 17.69 5.96
C THR C 101 23.28 18.33 7.09
N TYR C 102 24.32 17.62 7.51
CA TYR C 102 25.21 18.06 8.57
C TYR C 102 26.25 19.03 8.05
N ILE C 103 26.41 20.16 8.72
CA ILE C 103 27.39 21.15 8.29
C ILE C 103 28.40 21.44 9.39
N GLY C 104 29.63 20.98 9.20
CA GLY C 104 30.68 21.07 10.20
C GLY C 104 31.28 22.46 10.37
N PRO C 105 32.30 22.56 11.23
CA PRO C 105 32.90 23.87 11.56
C PRO C 105 33.33 24.71 10.35
N SER C 106 33.87 24.08 9.31
CA SER C 106 34.20 24.79 8.08
C SER C 106 32.97 25.44 7.43
N GLY C 107 31.84 24.76 7.45
CA GLY C 107 30.65 25.27 6.82
C GLY C 107 29.81 26.26 7.62
N SER C 108 30.00 26.29 8.92
CA SER C 108 29.03 26.94 9.80
C SER C 108 29.46 28.34 10.26
N ASN C 109 30.37 28.95 9.50
CA ASN C 109 30.78 30.29 9.85
C ASN C 109 29.70 31.32 9.56
N MET C 110 29.69 32.38 10.36
CA MET C 110 28.72 33.45 10.22
C MET C 110 29.45 34.76 10.43
N GLY C 111 28.99 35.81 9.76
CA GLY C 111 29.53 37.14 9.95
C GLY C 111 30.90 37.39 9.38
N LYS C 112 31.54 36.35 8.83
CA LYS C 112 32.89 36.49 8.29
C LYS C 112 32.86 36.75 6.79
N LYS C 113 32.30 35.81 6.04
CA LYS C 113 32.24 35.90 4.59
C LYS C 113 30.89 36.48 4.09
N GLU C 114 29.88 36.43 4.96
CA GLU C 114 28.54 36.85 4.61
C GLU C 114 27.78 37.25 5.88
N SER C 115 26.91 38.25 5.79
CA SER C 115 26.12 38.60 6.97
C SER C 115 25.31 37.36 7.43
N ILE C 116 25.08 37.23 8.74
CA ILE C 116 24.33 36.08 9.23
C ILE C 116 22.85 36.24 8.86
N GLU C 117 22.41 37.48 8.76
CA GLU C 117 21.03 37.76 8.37
C GLU C 117 20.77 37.20 6.96
N ASP C 118 21.80 37.21 6.14
CA ASP C 118 21.69 36.77 4.76
C ASP C 118 21.72 35.26 4.69
N THR C 119 22.58 34.65 5.50
CA THR C 119 22.72 33.20 5.48
C THR C 119 21.42 32.59 5.98
N ALA C 120 20.95 33.07 7.12
CA ALA C 120 19.66 32.68 7.66
C ALA C 120 18.59 32.59 6.56
N LYS C 121 18.38 33.68 5.80
CA LYS C 121 17.34 33.73 4.76
C LYS C 121 17.50 32.62 3.74
N VAL C 122 18.71 32.37 3.28
CA VAL C 122 18.93 31.34 2.27
C VAL C 122 18.59 29.97 2.87
N LEU C 123 19.23 29.65 3.99
CA LEU C 123 18.92 28.41 4.67
C LEU C 123 17.41 28.14 4.73
N GLY C 124 16.62 29.20 4.90
CA GLY C 124 15.20 29.04 5.12
C GLY C 124 14.43 28.76 3.84
N ARG C 125 15.10 28.93 2.71
CA ARG C 125 14.52 28.59 1.43
C ARG C 125 14.67 27.09 1.20
N PHE C 126 15.75 26.52 1.74
CA PHE C 126 16.08 25.11 1.47
C PHE C 126 15.53 24.13 2.49
N TYR C 127 15.48 24.54 3.75
CA TYR C 127 15.15 23.58 4.80
C TYR C 127 13.92 23.97 5.57
N ASP C 128 13.40 23.03 6.35
CA ASP C 128 12.14 23.17 7.08
C ASP C 128 12.42 23.35 8.54
N GLY C 129 13.71 23.35 8.88
CA GLY C 129 14.16 23.48 10.24
C GLY C 129 15.66 23.56 10.26
N ILE C 130 16.20 24.32 11.20
CA ILE C 130 17.64 24.56 11.32
C ILE C 130 18.15 24.36 12.76
N GLU C 131 19.13 23.48 12.93
CA GLU C 131 19.83 23.39 14.20
C GLU C 131 21.14 24.21 14.10
N PHE C 132 21.57 24.82 15.19
CA PHE C 132 22.80 25.61 15.16
C PHE C 132 23.51 25.59 16.49
N ARG C 133 24.74 25.09 16.51
CA ARG C 133 25.57 25.07 17.72
C ARG C 133 26.75 26.00 17.50
N GLY C 134 26.82 27.08 18.28
CA GLY C 134 27.85 28.10 18.13
C GLY C 134 28.04 28.86 19.43
N PHE C 135 29.02 29.75 19.49
CA PHE C 135 29.30 30.43 20.76
C PHE C 135 28.30 31.53 21.07
N ALA C 136 27.92 32.28 20.03
CA ALA C 136 27.10 33.47 20.18
C ALA C 136 25.61 33.20 20.10
N GLN C 137 24.93 33.35 21.24
CA GLN C 137 23.47 33.29 21.31
C GLN C 137 22.81 34.27 20.33
N SER C 138 23.49 35.37 20.03
CA SER C 138 22.95 36.33 19.07
C SER C 138 22.92 35.75 17.65
N ASP C 139 23.77 34.74 17.40
CA ASP C 139 23.72 34.02 16.14
C ASP C 139 22.40 33.23 16.06
N VAL C 140 22.01 32.61 17.17
CA VAL C 140 20.74 31.92 17.25
C VAL C 140 19.57 32.87 17.04
N ASP C 141 19.61 34.05 17.67
CA ASP C 141 18.52 35.03 17.50
C ASP C 141 18.37 35.48 16.04
N ALA C 142 19.49 35.74 15.37
CA ALA C 142 19.47 36.11 13.97
C ALA C 142 18.85 35.03 13.08
N LEU C 143 19.27 33.78 13.29
CA LEU C 143 18.69 32.63 12.59
C LEU C 143 17.17 32.57 12.79
N VAL C 144 16.73 32.68 14.05
CA VAL C 144 15.32 32.67 14.38
C VAL C 144 14.56 33.81 13.70
N LYS C 145 15.19 34.95 13.52
CA LYS C 145 14.49 36.12 13.06
C LYS C 145 14.37 36.17 11.54
N TYR C 146 15.38 35.65 10.87
CA TYR C 146 15.49 35.87 9.44
C TYR C 146 15.34 34.60 8.62
N SER C 147 15.39 33.44 9.28
CA SER C 147 15.25 32.18 8.54
C SER C 147 13.80 31.92 8.16
N GLY C 148 12.86 32.31 9.02
CA GLY C 148 11.45 32.05 8.80
C GLY C 148 11.09 30.59 9.07
N VAL C 149 12.03 29.80 9.59
CA VAL C 149 11.72 28.43 9.95
C VAL C 149 12.09 28.13 11.41
N PRO C 150 11.70 26.94 11.90
CA PRO C 150 12.10 26.69 13.28
C PRO C 150 13.60 26.50 13.41
N VAL C 151 14.21 27.23 14.34
CA VAL C 151 15.62 27.12 14.66
C VAL C 151 15.80 26.45 16.02
N TRP C 152 16.70 25.47 16.11
CA TRP C 152 17.00 24.86 17.40
C TRP C 152 18.42 25.17 17.83
N ASN C 153 18.55 25.77 19.01
CA ASN C 153 19.85 26.03 19.63
C ASN C 153 20.53 24.76 20.14
N GLY C 154 21.54 24.28 19.42
CA GLY C 154 22.25 23.07 19.83
C GLY C 154 23.28 23.27 20.95
N LEU C 155 23.54 24.53 21.27
CA LEU C 155 24.36 24.96 22.42
C LEU C 155 25.08 26.30 22.13
N THR C 156 24.97 27.24 23.06
CA THR C 156 25.66 28.52 22.94
C THR C 156 26.42 28.79 24.23
N ASP C 157 26.99 29.98 24.36
CA ASP C 157 27.63 30.35 25.61
C ASP C 157 26.58 30.56 26.70
N ASP C 158 25.34 30.82 26.29
CA ASP C 158 24.29 31.19 27.23
C ASP C 158 23.51 30.04 27.83
N GLU C 159 23.22 29.03 27.02
CA GLU C 159 22.23 28.06 27.40
C GLU C 159 22.39 26.79 26.55
N HIS C 160 21.91 25.67 27.07
CA HIS C 160 21.96 24.40 26.35
C HIS C 160 20.56 23.81 26.41
N PRO C 161 19.62 24.38 25.65
CA PRO C 161 18.20 24.08 25.78
C PRO C 161 17.80 22.61 25.56
N THR C 162 18.22 21.98 24.46
CA THR C 162 17.90 20.57 24.23
C THR C 162 18.40 19.70 25.38
N GLN C 163 19.60 19.99 25.89
CA GLN C 163 20.14 19.29 27.06
C GLN C 163 19.16 19.31 28.26
N ILE C 164 18.55 20.46 28.49
CA ILE C 164 17.62 20.62 29.59
C ILE C 164 16.44 19.64 29.52
N ILE C 165 15.83 19.50 28.34
CA ILE C 165 14.70 18.58 28.21
C ILE C 165 15.14 17.13 28.46
N ALA C 166 16.27 16.74 27.90
CA ALA C 166 16.86 15.43 28.19
C ALA C 166 17.04 15.18 29.68
N ASP C 167 17.57 16.17 30.39
CA ASP C 167 17.94 15.97 31.79
C ASP C 167 16.72 15.77 32.68
N PHE C 168 15.75 16.65 32.53
CA PHE C 168 14.61 16.57 33.42
C PHE C 168 13.67 15.42 33.08
N MET C 169 13.78 14.95 31.84
CA MET C 169 13.09 13.75 31.42
C MET C 169 13.69 12.54 32.13
N THR C 170 15.01 12.52 32.26
CA THR C 170 15.66 11.41 32.94
C THR C 170 15.20 11.40 34.38
N MET C 171 15.15 12.58 34.98
CA MET C 171 14.74 12.70 36.38
C MET C 171 13.29 12.25 36.54
N LYS C 172 12.40 12.85 35.76
CA LYS C 172 10.99 12.47 35.79
C LYS C 172 10.77 10.97 35.59
N GLU C 173 11.48 10.37 34.64
CA GLU C 173 11.40 8.92 34.45
C GLU C 173 11.72 8.17 35.74
N LYS C 174 12.77 8.60 36.41
CA LYS C 174 13.21 7.95 37.64
C LYS C 174 12.30 8.23 38.85
N PHE C 175 11.81 9.46 38.95
CA PHE C 175 11.21 9.97 40.19
C PHE C 175 9.71 10.30 40.10
N GLY C 176 9.24 10.59 38.90
CA GLY C 176 7.86 10.98 38.73
C GLY C 176 7.80 12.48 38.88
N ASN C 177 6.63 13.03 39.20
CA ASN C 177 6.53 14.46 39.47
C ASN C 177 7.71 15.03 40.25
N LEU C 178 8.38 16.03 39.67
CA LEU C 178 9.59 16.59 40.25
C LEU C 178 9.34 17.67 41.30
N LYS C 179 8.11 18.15 41.41
CA LYS C 179 7.81 19.26 42.32
C LYS C 179 8.44 19.08 43.71
N ASN C 180 9.26 20.05 44.09
CA ASN C 180 9.87 20.08 45.42
C ASN C 180 10.94 19.04 45.65
N LYS C 181 11.30 18.27 44.63
CA LYS C 181 12.43 17.35 44.74
C LYS C 181 13.69 18.20 44.71
N LYS C 182 14.80 17.64 45.19
CA LYS C 182 16.00 18.45 45.39
C LYS C 182 17.12 18.06 44.43
N ILE C 183 17.77 19.06 43.83
CA ILE C 183 18.90 18.80 42.95
C ILE C 183 20.14 19.64 43.31
N VAL C 184 21.30 19.01 43.34
CA VAL C 184 22.53 19.80 43.48
C VAL C 184 23.24 19.85 42.12
N PHE C 185 23.50 21.05 41.62
CA PHE C 185 24.47 21.19 40.56
C PHE C 185 25.79 21.68 41.16
N ILE C 186 26.80 20.84 41.07
CA ILE C 186 28.07 21.08 41.76
C ILE C 186 29.22 21.31 40.79
N GLY C 187 30.03 22.31 41.14
CA GLY C 187 31.26 22.59 40.40
C GLY C 187 31.25 23.99 39.85
N ASP C 188 31.68 24.11 38.59
CA ASP C 188 31.69 25.39 37.90
C ASP C 188 30.27 25.72 37.49
N TYR C 189 29.42 26.06 38.46
CA TYR C 189 27.98 26.08 38.22
C TYR C 189 27.53 27.28 37.45
N LYS C 190 28.47 28.16 37.15
CA LYS C 190 28.13 29.40 36.48
C LYS C 190 28.22 29.23 34.97
N ASN C 191 28.64 28.06 34.51
CA ASN C 191 28.73 27.83 33.06
C ASN C 191 27.39 27.54 32.43
N ASN C 192 27.36 27.46 31.10
CA ASN C 192 26.09 27.29 30.41
C ASN C 192 25.28 26.09 30.92
N VAL C 193 25.96 25.03 31.32
CA VAL C 193 25.29 23.84 31.81
C VAL C 193 24.68 24.07 33.21
N GLY C 194 25.45 24.70 34.10
CA GLY C 194 24.93 25.02 35.41
C GLY C 194 23.71 25.92 35.31
N VAL C 195 23.85 26.97 34.51
CA VAL C 195 22.72 27.86 34.34
C VAL C 195 21.56 27.13 33.63
N SER C 196 21.87 26.31 32.65
CA SER C 196 20.81 25.54 32.02
C SER C 196 20.04 24.69 33.06
N THR C 197 20.78 24.06 33.97
CA THR C 197 20.17 23.24 35.02
C THR C 197 19.27 24.02 35.98
N MET C 198 19.71 25.19 36.41
CA MET C 198 18.87 26.04 37.26
C MET C 198 17.54 26.43 36.58
N ILE C 199 17.60 26.71 35.28
CA ILE C 199 16.42 27.04 34.50
C ILE C 199 15.43 25.87 34.46
N GLY C 200 15.95 24.64 34.36
CA GLY C 200 15.11 23.47 34.30
C GLY C 200 14.49 23.19 35.67
N ALA C 201 15.29 23.38 36.72
CA ALA C 201 14.80 23.22 38.08
C ALA C 201 13.66 24.22 38.33
N ALA C 202 13.85 25.45 37.86
CA ALA C 202 12.77 26.42 37.93
C ALA C 202 11.52 25.88 37.26
N PHE C 203 11.61 25.52 35.97
CA PHE C 203 10.42 25.06 35.22
C PHE C 203 9.72 23.87 35.86
N ASN C 204 10.43 23.10 36.67
CA ASN C 204 9.85 21.89 37.29
C ASN C 204 9.53 21.98 38.80
N GLY C 205 9.55 23.20 39.33
CA GLY C 205 9.32 23.42 40.75
C GLY C 205 10.29 22.73 41.70
N MET C 206 11.53 22.54 41.28
CA MET C 206 12.52 21.86 42.13
C MET C 206 13.33 22.84 43.02
N HIS C 207 13.85 22.33 44.14
CA HIS C 207 14.85 23.02 44.93
C HIS C 207 16.24 22.79 44.34
N VAL C 208 16.83 23.84 43.76
CA VAL C 208 18.24 23.76 43.37
C VAL C 208 19.14 24.36 44.41
N VAL C 209 20.28 23.71 44.59
CA VAL C 209 21.39 24.22 45.36
C VAL C 209 22.55 24.30 44.39
N MET C 210 23.02 25.51 44.11
CA MET C 210 24.14 25.67 43.19
C MET C 210 25.41 25.60 44.02
N CYS C 211 26.17 24.52 43.89
CA CYS C 211 27.25 24.21 44.81
C CYS C 211 28.63 24.47 44.23
N GLY C 212 29.42 25.25 44.97
CA GLY C 212 30.79 25.57 44.57
C GLY C 212 31.21 26.96 45.03
N PRO C 213 32.35 27.45 44.51
CA PRO C 213 32.91 28.75 44.89
C PRO C 213 31.84 29.84 44.96
N ASP C 214 31.96 30.69 45.98
CA ASP C 214 30.93 31.67 46.27
C ASP C 214 30.84 32.84 45.29
N ASN C 215 31.97 33.23 44.69
CA ASN C 215 31.91 34.37 43.77
C ASN C 215 31.46 33.98 42.38
N TYR C 216 31.33 32.67 42.13
CA TYR C 216 30.78 32.21 40.87
C TYR C 216 29.40 32.80 40.62
N LYS C 217 28.62 32.96 41.69
CA LYS C 217 27.25 33.41 41.54
C LYS C 217 27.15 34.83 41.00
N ASN C 218 28.24 35.57 41.13
CA ASN C 218 28.29 36.95 40.64
C ASN C 218 28.31 36.96 39.14
N GLU C 219 28.72 35.83 38.57
CA GLU C 219 28.90 35.69 37.13
C GLU C 219 27.59 35.42 36.39
N ILE C 220 26.57 34.96 37.11
CA ILE C 220 25.34 34.51 36.46
C ILE C 220 24.51 35.72 36.03
N ASP C 221 24.03 35.67 34.79
CA ASP C 221 23.34 36.79 34.21
C ASP C 221 22.17 37.12 35.12
N LYS C 222 21.88 38.41 35.30
CA LYS C 222 20.84 38.86 36.23
C LYS C 222 19.41 38.74 35.72
N ASN C 223 19.20 38.88 34.41
CA ASN C 223 17.86 38.69 33.86
C ASN C 223 17.38 37.24 34.00
N VAL C 224 18.30 36.31 33.72
CA VAL C 224 18.05 34.88 33.87
C VAL C 224 17.73 34.52 35.33
N LEU C 225 18.50 35.09 36.25
CA LEU C 225 18.27 34.84 37.66
C LEU C 225 16.85 35.20 38.01
N ALA C 226 16.45 36.38 37.59
CA ALA C 226 15.13 36.92 37.90
C ALA C 226 14.00 36.08 37.31
N LYS C 227 14.17 35.62 36.07
CA LYS C 227 13.13 34.82 35.41
C LYS C 227 12.94 33.49 36.16
N CYS C 228 14.05 32.96 36.69
CA CYS C 228 14.03 31.72 37.46
C CYS C 228 13.39 31.95 38.81
N ILE C 229 13.73 33.07 39.45
CA ILE C 229 13.09 33.47 40.69
C ILE C 229 11.57 33.49 40.51
N GLU C 230 11.09 34.14 39.44
CA GLU C 230 9.66 34.16 39.15
C GLU C 230 9.11 32.75 38.98
N LEU C 231 9.82 31.89 38.25
CA LEU C 231 9.38 30.51 38.04
C LEU C 231 9.27 29.71 39.35
N PHE C 232 10.22 29.87 40.27
CA PHE C 232 10.14 29.17 41.56
C PHE C 232 8.93 29.62 42.35
N LYS C 233 8.68 30.93 42.31
CA LYS C 233 7.50 31.46 42.98
C LYS C 233 6.23 30.81 42.43
N ARG C 234 6.27 30.46 41.15
CA ARG C 234 5.08 30.00 40.46
C ARG C 234 4.87 28.48 40.57
N ASN C 235 5.96 27.73 40.36
CA ASN C 235 5.93 26.26 40.26
C ASN C 235 6.34 25.53 41.54
N GLY C 236 6.93 26.25 42.48
CA GLY C 236 7.47 25.63 43.69
C GLY C 236 8.99 25.55 43.61
N GLY C 237 9.61 25.01 44.66
CA GLY C 237 11.06 24.90 44.67
C GLY C 237 11.71 26.19 45.10
N SER C 238 13.01 26.30 44.86
CA SER C 238 13.75 27.46 45.33
C SER C 238 15.14 27.43 44.79
N LEU C 239 15.83 28.56 44.94
CA LEU C 239 17.20 28.71 44.50
C LEU C 239 18.09 29.09 45.68
N ARG C 240 19.26 28.48 45.74
CA ARG C 240 20.16 28.60 46.89
C ARG C 240 21.60 28.30 46.48
N PHE C 241 22.56 29.04 47.05
CA PHE C 241 23.98 28.77 46.79
C PHE C 241 24.65 28.17 48.01
N SER C 242 25.52 27.20 47.78
CA SER C 242 26.19 26.49 48.87
C SER C 242 27.65 26.30 48.54
N THR C 243 28.45 26.29 49.59
CA THR C 243 29.88 26.23 49.45
C THR C 243 30.37 24.92 50.08
N ASP C 244 29.43 24.15 50.60
CA ASP C 244 29.72 22.91 51.27
C ASP C 244 29.02 21.77 50.55
N LYS C 245 29.83 20.86 50.01
CA LYS C 245 29.35 19.81 49.14
C LYS C 245 28.54 18.77 49.91
N ILE C 246 28.94 18.52 51.14
CA ILE C 246 28.30 17.51 51.97
C ILE C 246 27.01 18.02 52.61
N LEU C 247 26.91 19.33 52.78
CA LEU C 247 25.70 19.94 53.32
C LEU C 247 24.66 20.12 52.23
N ALA C 248 25.12 20.50 51.04
CA ALA C 248 24.23 20.65 49.88
C ALA C 248 23.58 19.31 49.50
N ALA C 249 24.32 18.23 49.67
CA ALA C 249 23.87 16.88 49.35
C ALA C 249 22.76 16.32 50.28
N GLN C 250 22.71 16.81 51.52
CA GLN C 250 21.68 16.35 52.44
C GLN C 250 20.33 16.34 51.76
N ASP C 251 19.74 15.15 51.64
CA ASP C 251 18.39 15.00 51.12
C ASP C 251 18.22 15.27 49.63
N ALA C 252 19.31 15.18 48.87
CA ALA C 252 19.23 15.42 47.43
C ALA C 252 18.79 14.16 46.68
N ASP C 253 17.95 14.35 45.67
CA ASP C 253 17.53 13.25 44.84
C ASP C 253 18.47 13.15 43.66
N VAL C 254 18.99 14.31 43.26
CA VAL C 254 19.85 14.39 42.10
C VAL C 254 21.12 15.18 42.40
N ILE C 255 22.24 14.63 41.98
CA ILE C 255 23.50 15.35 41.97
C ILE C 255 24.02 15.42 40.55
N TYR C 256 24.23 16.63 40.08
CA TYR C 256 24.58 16.87 38.70
C TYR C 256 25.91 17.66 38.66
N THR C 257 26.94 17.11 38.03
CA THR C 257 28.19 17.86 37.88
C THR C 257 28.60 18.03 36.41
N ASP C 258 29.77 18.61 36.18
CA ASP C 258 30.26 18.88 34.83
C ASP C 258 31.79 19.03 34.82
N VAL C 259 32.40 19.25 33.66
CA VAL C 259 33.87 19.40 33.60
C VAL C 259 34.40 20.72 34.14
N TRP C 260 35.59 20.66 34.70
CA TRP C 260 36.24 21.82 35.29
C TRP C 260 37.04 22.65 34.28
N VAL C 261 37.30 22.07 33.11
CA VAL C 261 38.18 22.68 32.13
C VAL C 261 37.51 22.94 30.79
N SER C 262 37.81 24.10 30.20
CA SER C 262 37.32 24.44 28.85
C SER C 262 38.36 24.11 27.77
N LEU C 263 38.19 22.96 27.12
CA LEU C 263 39.14 22.46 26.12
C LEU C 263 39.65 23.53 25.15
N GLY C 264 40.96 23.73 25.13
CA GLY C 264 41.56 24.72 24.25
C GLY C 264 41.84 26.02 24.97
N GLU C 265 41.49 26.10 26.24
CA GLU C 265 41.89 27.24 27.05
C GLU C 265 43.32 26.99 27.49
N PRO C 266 44.04 28.06 27.88
CA PRO C 266 45.45 27.94 28.29
C PRO C 266 45.57 27.10 29.55
N PHE C 267 46.59 26.24 29.62
CA PHE C 267 46.76 25.37 30.78
C PHE C 267 47.04 26.15 32.06
N GLU C 268 47.37 27.42 31.91
CA GLU C 268 47.59 28.32 33.03
C GLU C 268 46.26 28.67 33.70
N LEU C 269 45.22 28.68 32.89
CA LEU C 269 43.86 28.90 33.39
C LEU C 269 43.30 27.63 34.06
N PHE C 270 43.74 26.45 33.61
CA PHE C 270 43.32 25.20 34.25
C PHE C 270 43.71 25.28 35.70
N ASP C 271 45.02 25.37 35.92
CA ASP C 271 45.58 25.26 37.27
C ASP C 271 44.85 26.17 38.25
N LYS C 272 44.42 27.34 37.78
CA LYS C 272 43.68 28.27 38.62
C LYS C 272 42.33 27.69 39.05
N ARG C 273 41.53 27.27 38.06
CA ARG C 273 40.21 26.72 38.30
C ARG C 273 40.24 25.54 39.27
N ILE C 274 41.04 24.54 38.95
CA ILE C 274 41.10 23.36 39.77
C ILE C 274 41.52 23.73 41.20
N GLY C 275 42.10 24.92 41.34
CA GLY C 275 42.43 25.44 42.66
C GLY C 275 41.20 25.94 43.39
N GLU C 276 40.25 26.49 42.65
CA GLU C 276 39.01 27.01 43.23
C GLU C 276 37.97 25.91 43.46
N LEU C 277 38.10 24.80 42.73
CA LEU C 277 37.09 23.76 42.75
C LEU C 277 37.56 22.52 43.50
N LYS C 278 38.79 22.55 44.00
CA LYS C 278 39.42 21.35 44.56
C LYS C 278 38.59 20.70 45.67
N ASN C 279 37.64 21.48 46.20
CA ASN C 279 36.81 21.05 47.31
C ASN C 279 35.41 20.59 46.89
N PHE C 280 35.17 20.53 45.59
CA PHE C 280 33.86 20.20 45.05
C PHE C 280 33.89 19.03 44.06
N GLN C 281 34.68 18.01 44.39
CA GLN C 281 34.73 16.81 43.56
C GLN C 281 33.71 15.81 44.08
N VAL C 282 32.85 15.32 43.18
CA VAL C 282 31.84 14.34 43.57
C VAL C 282 32.43 12.96 43.90
N ASP C 283 32.36 12.59 45.17
CA ASP C 283 32.89 11.31 45.64
C ASP C 283 31.81 10.47 46.29
N MET C 284 32.17 9.26 46.75
CA MET C 284 31.20 8.41 47.43
C MET C 284 30.67 9.00 48.74
N ASN C 285 31.49 9.81 49.41
CA ASN C 285 31.03 10.47 50.64
C ASN C 285 29.85 11.38 50.33
N MET C 286 29.90 12.04 49.19
CA MET C 286 28.84 12.93 48.77
C MET C 286 27.58 12.16 48.43
N ILE C 287 27.70 11.13 47.58
CA ILE C 287 26.54 10.31 47.24
C ILE C 287 25.94 9.75 48.53
N LYS C 288 26.80 9.25 49.41
CA LYS C 288 26.34 8.59 50.63
C LYS C 288 25.69 9.56 51.64
N ALA C 289 25.86 10.87 51.43
CA ALA C 289 25.22 11.89 52.27
C ALA C 289 23.82 12.28 51.76
N ALA C 290 23.53 11.96 50.50
CA ALA C 290 22.28 12.32 49.87
C ALA C 290 21.34 11.17 50.10
N LYS C 291 20.13 11.23 49.54
CA LYS C 291 19.17 10.15 49.73
C LYS C 291 19.75 8.82 49.29
N ASN C 292 19.19 7.74 49.82
CA ASN C 292 19.58 6.40 49.40
C ASN C 292 19.41 6.26 47.89
N ASP C 293 18.33 6.84 47.37
CA ASP C 293 17.94 6.66 45.98
C ASP C 293 18.47 7.75 45.02
N VAL C 294 19.47 8.51 45.47
CA VAL C 294 20.01 9.61 44.68
C VAL C 294 20.53 9.09 43.34
N ILE C 295 20.42 9.90 42.30
CA ILE C 295 20.99 9.56 41.01
C ILE C 295 22.05 10.58 40.58
N PHE C 296 23.06 10.11 39.87
CA PHE C 296 24.13 10.99 39.46
C PHE C 296 24.03 11.34 37.96
N LEU C 297 24.07 12.63 37.63
CA LEU C 297 24.03 13.06 36.25
C LEU C 297 25.30 13.81 35.86
N HIS C 298 25.54 13.90 34.55
CA HIS C 298 26.70 14.55 33.96
C HIS C 298 26.46 14.52 32.46
N CYS C 299 26.63 15.64 31.76
CA CYS C 299 26.32 15.63 30.34
C CYS C 299 27.40 15.00 29.45
N LEU C 300 28.62 14.83 29.98
CA LEU C 300 29.67 14.07 29.29
C LEU C 300 30.33 14.87 28.17
N PRO C 301 31.59 14.54 27.86
CA PRO C 301 32.38 13.52 28.55
C PRO C 301 32.78 13.96 29.94
N ALA C 302 32.92 12.99 30.84
CA ALA C 302 33.45 13.22 32.17
C ALA C 302 34.86 12.68 32.30
N PHE C 303 35.67 13.37 33.11
CA PHE C 303 36.97 12.84 33.55
C PHE C 303 36.86 12.17 34.92
N HIS C 304 36.81 10.84 34.92
CA HIS C 304 36.56 10.08 36.15
C HIS C 304 37.60 8.98 36.37
N ASP C 305 38.63 8.98 35.53
CA ASP C 305 39.67 7.96 35.60
C ASP C 305 40.87 8.48 34.81
N ASP C 306 41.76 7.59 34.38
CA ASP C 306 42.95 8.01 33.65
C ASP C 306 43.03 7.48 32.21
N HIS C 307 41.89 7.00 31.71
CA HIS C 307 41.81 6.47 30.34
C HIS C 307 41.71 7.54 29.26
N THR C 308 41.97 8.81 29.57
CA THR C 308 42.06 9.83 28.52
C THR C 308 43.43 10.49 28.55
N SER C 309 43.91 10.96 27.39
CA SER C 309 45.25 11.53 27.37
C SER C 309 45.28 12.74 28.29
N PHE C 310 44.31 13.63 28.11
CA PHE C 310 44.21 14.83 28.93
C PHE C 310 44.13 14.49 30.41
N SER C 311 43.43 13.41 30.74
CA SER C 311 43.34 12.94 32.12
C SER C 311 44.72 12.67 32.68
N LYS C 312 45.56 12.04 31.88
CA LYS C 312 46.86 11.59 32.38
C LYS C 312 47.82 12.75 32.53
N GLU C 313 47.71 13.74 31.67
CA GLU C 313 48.64 14.86 31.75
C GLU C 313 48.22 15.78 32.87
N VAL C 314 46.95 15.70 33.26
CA VAL C 314 46.51 16.37 34.47
C VAL C 314 47.04 15.62 35.69
N ALA C 315 46.90 14.30 35.67
CA ALA C 315 47.32 13.46 36.77
C ALA C 315 48.81 13.65 37.03
N THR C 316 49.56 13.76 35.94
CA THR C 316 51.01 13.83 35.94
C THR C 316 51.59 15.19 36.34
N THR C 317 51.03 16.27 35.81
CA THR C 317 51.54 17.60 36.11
C THR C 317 50.99 18.16 37.43
N LEU C 318 49.71 17.91 37.69
CA LEU C 318 49.05 18.47 38.87
C LEU C 318 48.76 17.44 39.96
N GLY C 319 49.13 16.19 39.70
CA GLY C 319 48.75 15.10 40.59
C GLY C 319 49.31 15.21 42.00
N ALA C 320 50.50 15.79 42.13
CA ALA C 320 51.11 15.88 43.44
C ALA C 320 50.55 17.10 44.20
N LYS C 321 50.33 18.19 43.49
CA LYS C 321 49.84 19.42 44.12
C LYS C 321 48.38 19.30 44.55
N TYR C 322 47.60 18.54 43.79
CA TYR C 322 46.21 18.30 44.11
C TYR C 322 45.95 16.81 44.05
N PRO C 323 46.28 16.09 45.13
CA PRO C 323 46.19 14.63 45.14
C PRO C 323 44.83 14.09 44.67
N ILE C 324 43.84 14.99 44.63
CA ILE C 324 42.49 14.71 44.16
C ILE C 324 42.44 14.27 42.67
N VAL C 325 43.36 14.81 41.86
CA VAL C 325 43.50 14.42 40.45
C VAL C 325 44.66 13.44 40.17
N ALA C 326 45.25 12.90 41.23
CA ALA C 326 46.34 11.95 41.07
C ALA C 326 45.99 10.79 40.16
N LYS C 327 44.78 10.25 40.32
CA LYS C 327 44.31 9.12 39.49
C LYS C 327 43.66 9.58 38.18
N GLY C 328 43.63 10.89 37.97
CA GLY C 328 43.08 11.46 36.75
C GLY C 328 41.61 11.85 36.86
N GLU C 329 41.02 11.70 38.04
CA GLU C 329 39.63 12.04 38.28
C GLU C 329 39.52 13.52 38.64
N MET C 330 38.49 14.19 38.15
CA MET C 330 38.32 15.61 38.44
C MET C 330 36.96 15.89 39.07
N GLU C 331 35.95 16.22 38.28
CA GLU C 331 34.63 16.52 38.83
C GLU C 331 33.93 15.32 39.48
N VAL C 332 34.28 14.10 39.09
CA VAL C 332 33.67 12.91 39.68
C VAL C 332 34.70 11.77 39.79
N THR C 333 34.63 11.00 40.88
CA THR C 333 35.54 9.88 41.04
C THR C 333 35.02 8.73 40.22
N ASP C 334 35.91 7.80 39.87
CA ASP C 334 35.51 6.60 39.18
C ASP C 334 34.59 5.78 40.08
N GLU C 335 34.77 5.90 41.39
CA GLU C 335 33.97 5.11 42.31
C GLU C 335 32.49 5.45 42.15
N VAL C 336 32.17 6.74 42.14
CA VAL C 336 30.82 7.17 41.84
C VAL C 336 30.42 6.78 40.42
N PHE C 337 31.28 7.11 39.46
CA PHE C 337 30.97 6.89 38.06
C PHE C 337 30.57 5.46 37.72
N GLN C 338 31.12 4.51 38.47
CA GLN C 338 30.86 3.10 38.19
C GLN C 338 29.73 2.53 39.06
N SER C 339 29.13 3.37 39.90
CA SER C 339 28.06 2.93 40.80
C SER C 339 26.68 2.84 40.15
N LEU C 340 25.71 2.31 40.90
CA LEU C 340 24.32 2.22 40.46
C LEU C 340 23.69 3.60 40.42
N HIS C 341 24.35 4.59 41.03
CA HIS C 341 23.78 5.94 41.07
C HIS C 341 23.89 6.68 39.73
N ASN C 342 24.89 6.31 38.92
CA ASN C 342 25.16 7.02 37.68
C ASN C 342 24.15 6.76 36.55
N LYS C 343 23.32 7.75 36.26
CA LYS C 343 22.38 7.64 35.16
C LYS C 343 22.79 8.54 33.98
N ALA C 344 24.09 8.76 33.83
CA ALA C 344 24.59 9.64 32.78
C ALA C 344 24.37 9.07 31.37
N PHE C 345 24.23 7.75 31.26
CA PHE C 345 24.09 7.14 29.94
C PHE C 345 22.66 7.08 29.45
N ASP C 346 21.72 6.95 30.39
CA ASP C 346 20.30 7.15 30.08
C ASP C 346 20.09 8.62 29.72
N GLN C 347 20.84 9.49 30.36
CA GLN C 347 20.74 10.91 30.10
C GLN C 347 21.34 11.21 28.72
N ALA C 348 22.33 10.43 28.31
CA ALA C 348 22.90 10.55 26.98
C ALA C 348 21.86 10.05 25.99
N GLU C 349 21.34 8.84 26.25
CA GLU C 349 20.28 8.29 25.43
C GLU C 349 19.16 9.30 25.19
N ASN C 350 18.66 9.91 26.27
CA ASN C 350 17.50 10.80 26.20
C ASN C 350 17.73 12.10 25.39
N ARG C 351 18.99 12.40 25.05
CA ARG C 351 19.24 13.51 24.14
C ARG C 351 18.48 13.31 22.82
N MET C 352 18.44 12.06 22.36
CA MET C 352 17.81 11.76 21.08
C MET C 352 16.29 11.83 21.18
N HIS C 353 15.74 11.20 22.22
CA HIS C 353 14.29 11.22 22.41
C HIS C 353 13.73 12.63 22.60
N SER C 354 14.45 13.46 23.33
CA SER C 354 13.95 14.80 23.63
C SER C 354 14.09 15.71 22.42
N ILE C 355 15.26 15.73 21.78
CA ILE C 355 15.40 16.42 20.52
C ILE C 355 14.36 15.98 19.46
N LYS C 356 13.87 14.75 19.57
CA LYS C 356 12.82 14.30 18.66
C LYS C 356 11.50 15.00 18.99
N ALA C 357 11.20 15.07 20.29
CA ALA C 357 10.01 15.77 20.74
C ALA C 357 10.04 17.22 20.33
N ILE C 358 11.24 17.81 20.31
CA ILE C 358 11.41 19.18 19.86
C ILE C 358 11.19 19.35 18.35
N ILE C 359 11.86 18.55 17.53
CA ILE C 359 11.64 18.64 16.08
C ILE C 359 10.16 18.45 15.72
N LEU C 360 9.58 17.34 16.16
CA LEU C 360 8.19 17.02 15.88
C LEU C 360 7.20 18.12 16.27
N SER C 361 7.41 18.72 17.44
CA SER C 361 6.42 19.63 18.00
C SER C 361 6.48 20.97 17.29
N THR C 362 7.62 21.19 16.67
CA THR C 362 8.00 22.49 16.24
C THR C 362 7.73 22.56 14.76
N ILE C 363 7.92 21.44 14.08
CA ILE C 363 7.68 21.34 12.67
C ILE C 363 6.24 20.87 12.44
N GLY C 364 5.79 19.94 13.29
CA GLY C 364 4.41 19.49 13.31
C GLY C 364 4.17 18.33 12.36
N TYR C 365 3.34 17.37 12.79
CA TYR C 365 2.95 16.25 11.92
C TYR C 365 2.08 16.66 10.71
N MET D 24 8.86 -31.75 -21.58
CA MET D 24 7.74 -30.93 -22.02
C MET D 24 7.96 -29.50 -21.50
N PRO D 25 6.98 -28.93 -20.75
CA PRO D 25 7.38 -27.90 -19.78
C PRO D 25 7.47 -28.43 -18.34
N VAL D 26 8.51 -28.02 -17.61
CA VAL D 26 8.60 -28.28 -16.17
C VAL D 26 7.44 -27.54 -15.48
N ASN D 27 6.30 -28.21 -15.36
CA ASN D 27 5.11 -27.59 -14.79
C ASN D 27 4.44 -28.55 -13.82
N LEU D 28 4.79 -28.39 -12.54
CA LEU D 28 4.39 -29.35 -11.53
C LEU D 28 3.12 -28.85 -10.93
N LYS D 29 2.66 -27.72 -11.46
CA LYS D 29 1.42 -27.17 -10.97
C LYS D 29 0.28 -28.20 -11.05
N GLY D 30 -0.32 -28.49 -9.90
CA GLY D 30 -1.45 -29.41 -9.79
C GLY D 30 -1.05 -30.80 -9.32
N ARG D 31 0.26 -31.08 -9.38
CA ARG D 31 0.80 -32.41 -9.13
C ARG D 31 0.84 -32.79 -7.67
N SER D 32 0.83 -34.09 -7.42
CA SER D 32 1.02 -34.60 -6.08
C SER D 32 2.43 -35.17 -6.00
N LEU D 33 3.06 -35.02 -4.85
CA LEU D 33 4.34 -35.67 -4.63
C LEU D 33 4.09 -36.98 -3.90
N ASP D 34 3.62 -37.98 -4.65
CA ASP D 34 3.24 -39.28 -4.09
C ASP D 34 4.43 -40.22 -4.12
N SER D 35 5.06 -40.36 -5.28
CA SER D 35 6.36 -41.02 -5.36
C SER D 35 7.25 -40.17 -6.27
N LEU D 36 8.55 -40.11 -5.99
CA LEU D 36 9.42 -39.27 -6.82
C LEU D 36 9.55 -39.87 -8.21
N LEU D 37 9.37 -41.18 -8.28
CA LEU D 37 9.50 -41.87 -9.55
C LEU D 37 8.43 -41.41 -10.56
N ASN D 38 7.39 -40.76 -10.07
CA ASN D 38 6.35 -40.26 -10.96
C ASN D 38 6.72 -38.93 -11.63
N PHE D 39 8.01 -38.60 -11.58
CA PHE D 39 8.49 -37.31 -12.06
C PHE D 39 9.70 -37.45 -12.97
N THR D 40 9.91 -36.50 -13.86
CA THR D 40 11.05 -36.52 -14.75
C THR D 40 12.32 -35.99 -14.10
N THR D 41 13.45 -36.35 -14.71
CA THR D 41 14.75 -35.91 -14.24
C THR D 41 14.81 -34.39 -14.24
N GLU D 42 14.08 -33.80 -15.18
CA GLU D 42 14.02 -32.34 -15.33
C GLU D 42 13.23 -31.69 -14.18
N GLU D 43 12.17 -32.37 -13.74
CA GLU D 43 11.30 -31.82 -12.72
C GLU D 43 11.99 -31.90 -11.37
N VAL D 44 12.63 -33.05 -11.12
CA VAL D 44 13.39 -33.29 -9.89
C VAL D 44 14.55 -32.30 -9.73
N GLN D 45 15.29 -32.05 -10.80
CA GLN D 45 16.32 -31.01 -10.79
C GLN D 45 15.74 -29.61 -10.50
N HIS D 46 14.63 -29.29 -11.15
CA HIS D 46 13.97 -28.02 -10.92
C HIS D 46 13.60 -27.88 -9.45
N LEU D 47 12.96 -28.90 -8.89
CA LEU D 47 12.69 -28.89 -7.45
C LEU D 47 13.97 -28.66 -6.62
N ILE D 48 15.08 -29.30 -6.99
CA ILE D 48 16.30 -29.08 -6.24
C ILE D 48 16.80 -27.64 -6.37
N ASP D 49 16.88 -27.16 -7.60
CA ASP D 49 17.42 -25.81 -7.88
C ASP D 49 16.55 -24.71 -7.29
N LEU D 50 15.24 -24.88 -7.32
CA LEU D 50 14.33 -23.89 -6.79
C LEU D 50 14.46 -23.85 -5.26
N SER D 51 14.80 -24.99 -4.66
CA SER D 51 14.96 -25.06 -3.22
C SER D 51 16.10 -24.16 -2.81
N ILE D 52 17.18 -24.23 -3.57
CA ILE D 52 18.36 -23.46 -3.28
C ILE D 52 18.02 -22.00 -3.42
N ASP D 53 17.35 -21.66 -4.52
CA ASP D 53 16.94 -20.27 -4.74
C ASP D 53 16.05 -19.72 -3.63
N LEU D 54 15.13 -20.54 -3.12
CA LEU D 54 14.25 -20.13 -2.03
C LEU D 54 15.03 -19.90 -0.75
N LYS D 55 16.03 -20.72 -0.51
CA LYS D 55 16.91 -20.53 0.66
C LYS D 55 17.67 -19.20 0.59
N LYS D 56 18.24 -18.89 -0.57
CA LYS D 56 19.00 -17.66 -0.70
C LYS D 56 18.06 -16.46 -0.53
N ALA D 57 16.85 -16.58 -1.09
CA ALA D 57 15.84 -15.54 -1.00
C ALA D 57 15.44 -15.27 0.46
N LYS D 58 15.30 -16.33 1.24
CA LYS D 58 14.98 -16.12 2.64
C LYS D 58 16.12 -15.40 3.35
N TYR D 59 17.37 -15.81 3.12
CA TYR D 59 18.50 -15.13 3.76
C TYR D 59 18.51 -13.62 3.50
N GLN D 60 17.82 -13.19 2.46
CA GLN D 60 17.79 -11.78 2.13
C GLN D 60 16.56 -11.08 2.71
N GLY D 61 15.64 -11.86 3.26
CA GLY D 61 14.41 -11.33 3.81
C GLY D 61 13.34 -11.05 2.77
N LEU D 62 13.45 -11.68 1.60
CA LEU D 62 12.48 -11.51 0.52
C LEU D 62 11.12 -12.12 0.80
N HIS D 63 11.01 -12.92 1.85
CA HIS D 63 9.73 -13.53 2.19
C HIS D 63 8.84 -12.57 2.97
N ILE D 64 9.40 -11.46 3.43
CA ILE D 64 8.60 -10.51 4.18
C ILE D 64 7.53 -9.85 3.30
N ASN D 65 7.95 -9.26 2.19
CA ASN D 65 7.01 -8.56 1.33
C ASN D 65 6.49 -9.38 0.17
N ASN D 66 7.01 -10.58 -0.03
CA ASN D 66 6.64 -11.39 -1.19
C ASN D 66 6.09 -12.73 -0.75
N ARG D 67 4.79 -12.75 -0.48
CA ARG D 67 4.12 -13.92 0.07
C ARG D 67 3.03 -14.41 -0.88
N PRO D 68 3.37 -15.35 -1.76
CA PRO D 68 2.53 -15.71 -2.90
C PRO D 68 1.31 -16.55 -2.53
N LEU D 69 1.35 -17.25 -1.39
CA LEU D 69 0.22 -18.11 -1.03
C LEU D 69 -0.78 -17.55 0.00
N VAL D 70 -0.79 -16.24 0.24
CA VAL D 70 -1.82 -15.63 1.07
C VAL D 70 -3.20 -15.85 0.45
N GLY D 71 -4.13 -16.44 1.20
CA GLY D 71 -5.44 -16.81 0.68
C GLY D 71 -5.58 -18.30 0.43
N LYS D 72 -4.48 -19.04 0.60
CA LYS D 72 -4.50 -20.51 0.57
C LYS D 72 -4.37 -21.17 1.97
N ASN D 73 -4.79 -22.42 2.09
CA ASN D 73 -4.70 -23.16 3.37
C ASN D 73 -4.34 -24.60 3.11
N ILE D 74 -3.40 -25.14 3.90
CA ILE D 74 -3.01 -26.53 3.75
C ILE D 74 -3.25 -27.31 5.04
N ALA D 75 -3.57 -28.60 4.90
CA ALA D 75 -3.71 -29.48 6.04
C ALA D 75 -2.50 -30.40 6.12
N ILE D 76 -1.88 -30.53 7.28
CA ILE D 76 -0.78 -31.47 7.41
C ILE D 76 -1.11 -32.55 8.45
N LEU D 77 -1.33 -33.78 7.97
CA LEU D 77 -1.69 -34.87 8.85
C LEU D 77 -0.54 -35.83 9.11
N PHE D 78 -0.43 -36.25 10.36
CA PHE D 78 0.59 -37.21 10.78
C PHE D 78 -0.02 -38.37 11.56
N GLN D 79 0.01 -39.57 10.96
CA GLN D 79 -0.49 -40.77 11.62
C GLN D 79 0.46 -41.10 12.76
N LYS D 80 1.73 -40.78 12.55
CA LYS D 80 2.72 -40.94 13.59
C LYS D 80 3.58 -39.69 13.65
N ASP D 81 3.83 -39.18 14.84
CA ASP D 81 4.63 -37.97 14.98
C ASP D 81 5.90 -38.03 14.12
N SER D 82 6.35 -36.86 13.70
CA SER D 82 7.46 -36.75 12.77
C SER D 82 7.92 -35.30 12.86
N THR D 83 8.44 -34.94 14.02
CA THR D 83 8.83 -33.56 14.35
C THR D 83 9.50 -32.80 13.21
N ARG D 84 10.53 -33.39 12.62
CA ARG D 84 11.27 -32.71 11.57
C ARG D 84 10.40 -32.36 10.36
N THR D 85 9.58 -33.30 9.91
CA THR D 85 8.76 -33.08 8.72
C THR D 85 7.66 -32.06 8.98
N ARG D 86 7.01 -32.21 10.14
CA ARG D 86 5.96 -31.28 10.51
C ARG D 86 6.45 -29.85 10.59
N CYS D 87 7.61 -29.65 11.21
CA CYS D 87 8.16 -28.31 11.34
C CYS D 87 8.56 -27.73 10.01
N ALA D 88 9.01 -28.59 9.11
CA ALA D 88 9.47 -28.13 7.80
C ALA D 88 8.26 -27.63 7.01
N PHE D 89 7.15 -28.36 7.10
CA PHE D 89 5.91 -27.93 6.46
C PHE D 89 5.35 -26.64 7.07
N GLU D 90 5.49 -26.50 8.37
CA GLU D 90 4.90 -25.35 9.06
C GLU D 90 5.61 -24.03 8.75
N VAL D 91 6.94 -24.07 8.74
CA VAL D 91 7.72 -22.89 8.43
C VAL D 91 7.63 -22.55 6.94
N ALA D 92 7.68 -23.57 6.09
CA ALA D 92 7.57 -23.35 4.65
C ALA D 92 6.26 -22.64 4.30
N ALA D 93 5.14 -23.23 4.73
CA ALA D 93 3.82 -22.68 4.44
C ALA D 93 3.62 -21.27 5.03
N SER D 94 3.94 -21.09 6.31
CA SER D 94 3.94 -19.76 6.89
C SER D 94 4.82 -18.76 6.11
N ASP D 95 6.05 -19.14 5.75
CA ASP D 95 6.92 -18.24 4.99
C ASP D 95 6.26 -17.79 3.70
N LEU D 96 5.49 -18.70 3.10
CA LEU D 96 4.80 -18.47 1.83
C LEU D 96 3.48 -17.69 1.97
N GLY D 97 2.98 -17.58 3.20
CA GLY D 97 1.75 -16.85 3.45
C GLY D 97 0.52 -17.73 3.61
N ALA D 98 0.69 -19.06 3.59
CA ALA D 98 -0.44 -19.97 3.76
C ALA D 98 -0.76 -20.32 5.23
N GLY D 99 -2.05 -20.47 5.49
CA GLY D 99 -2.51 -21.01 6.77
C GLY D 99 -2.22 -22.50 6.82
N VAL D 100 -1.95 -23.01 8.00
CA VAL D 100 -1.77 -24.44 8.13
C VAL D 100 -2.51 -25.03 9.34
N THR D 101 -3.22 -26.12 9.06
CA THR D 101 -3.90 -26.93 10.05
C THR D 101 -3.07 -28.18 10.35
N TYR D 102 -2.58 -28.30 11.59
CA TYR D 102 -1.88 -29.52 11.98
C TYR D 102 -2.86 -30.53 12.58
N ILE D 103 -2.78 -31.77 12.10
CA ILE D 103 -3.65 -32.86 12.57
C ILE D 103 -2.81 -34.05 13.05
N GLY D 104 -2.79 -34.26 14.35
CA GLY D 104 -1.96 -35.29 14.94
C GLY D 104 -2.47 -36.70 14.71
N PRO D 105 -1.76 -37.69 15.26
CA PRO D 105 -2.11 -39.11 15.17
C PRO D 105 -3.60 -39.39 15.41
N SER D 106 -4.16 -38.89 16.51
CA SER D 106 -5.56 -39.12 16.83
C SER D 106 -6.51 -38.65 15.72
N GLY D 107 -6.18 -37.51 15.11
CA GLY D 107 -7.01 -36.95 14.05
C GLY D 107 -6.74 -37.51 12.66
N SER D 108 -5.51 -37.95 12.40
CA SER D 108 -5.09 -38.39 11.06
C SER D 108 -5.42 -39.86 10.78
N ASN D 109 -6.50 -40.34 11.38
CA ASN D 109 -6.88 -41.76 11.31
C ASN D 109 -7.72 -42.17 10.10
N MET D 110 -7.12 -42.92 9.20
CA MET D 110 -7.79 -43.28 7.95
C MET D 110 -8.31 -44.71 7.96
N GLY D 111 -9.61 -44.83 7.71
CA GLY D 111 -10.18 -46.12 7.39
C GLY D 111 -11.03 -46.75 8.47
N LYS D 112 -10.78 -46.42 9.74
CA LYS D 112 -11.57 -47.02 10.82
C LYS D 112 -12.94 -46.38 11.01
N LYS D 113 -12.97 -45.10 11.37
CA LYS D 113 -14.23 -44.38 11.62
C LYS D 113 -14.93 -43.98 10.31
N GLU D 114 -14.14 -43.85 9.26
CA GLU D 114 -14.65 -43.37 7.98
C GLU D 114 -13.70 -43.76 6.86
N SER D 115 -14.27 -44.12 5.71
CA SER D 115 -13.44 -44.52 4.57
C SER D 115 -12.48 -43.43 4.12
N ILE D 116 -11.25 -43.83 3.77
CA ILE D 116 -10.23 -42.92 3.27
C ILE D 116 -10.76 -42.12 2.10
N GLU D 117 -11.53 -42.79 1.24
CA GLU D 117 -12.12 -42.17 0.08
C GLU D 117 -12.97 -40.96 0.51
N ASP D 118 -13.78 -41.17 1.55
CA ASP D 118 -14.70 -40.16 2.06
C ASP D 118 -13.97 -38.96 2.65
N THR D 119 -13.15 -39.22 3.66
CA THR D 119 -12.34 -38.19 4.31
C THR D 119 -11.63 -37.37 3.26
N ALA D 120 -11.02 -38.06 2.31
CA ALA D 120 -10.24 -37.41 1.26
C ALA D 120 -11.07 -36.37 0.54
N LYS D 121 -12.34 -36.68 0.32
CA LYS D 121 -13.18 -35.85 -0.53
C LYS D 121 -13.62 -34.61 0.21
N VAL D 122 -13.60 -34.67 1.54
CA VAL D 122 -13.93 -33.51 2.38
C VAL D 122 -12.74 -32.55 2.45
N LEU D 123 -11.59 -33.08 2.84
CA LEU D 123 -10.35 -32.33 2.89
C LEU D 123 -10.18 -31.46 1.65
N GLY D 124 -10.43 -32.02 0.46
CA GLY D 124 -10.32 -31.28 -0.78
C GLY D 124 -11.34 -30.14 -0.94
N ARG D 125 -12.46 -30.25 -0.24
CA ARG D 125 -13.43 -29.16 -0.17
C ARG D 125 -12.94 -27.98 0.70
N PHE D 126 -12.08 -28.26 1.68
CA PHE D 126 -11.59 -27.25 2.63
C PHE D 126 -10.21 -26.68 2.28
N TYR D 127 -9.31 -27.54 1.83
CA TYR D 127 -7.88 -27.19 1.71
C TYR D 127 -7.35 -27.08 0.29
N ASP D 128 -6.28 -26.31 0.11
CA ASP D 128 -5.71 -26.10 -1.20
C ASP D 128 -4.60 -27.11 -1.47
N GLY D 129 -4.12 -27.74 -0.41
CA GLY D 129 -3.13 -28.79 -0.48
C GLY D 129 -3.12 -29.61 0.79
N ILE D 130 -2.68 -30.87 0.70
CA ILE D 130 -2.68 -31.77 1.86
C ILE D 130 -1.36 -32.54 1.95
N GLU D 131 -0.71 -32.51 3.11
CA GLU D 131 0.43 -33.37 3.40
C GLU D 131 -0.07 -34.62 4.16
N PHE D 132 0.58 -35.76 3.95
CA PHE D 132 0.21 -36.97 4.70
C PHE D 132 1.40 -37.87 5.04
N ARG D 133 1.56 -38.11 6.33
CA ARG D 133 2.60 -38.98 6.86
C ARG D 133 1.91 -40.17 7.52
N GLY D 134 1.94 -41.34 6.86
CA GLY D 134 1.41 -42.57 7.44
C GLY D 134 2.18 -43.74 6.88
N PHE D 135 1.76 -44.96 7.19
CA PHE D 135 2.50 -46.13 6.71
C PHE D 135 2.11 -46.59 5.30
N ALA D 136 0.81 -46.68 5.06
CA ALA D 136 0.25 -47.12 3.79
C ALA D 136 0.45 -46.11 2.65
N GLN D 137 1.30 -46.48 1.70
CA GLN D 137 1.39 -45.76 0.44
C GLN D 137 0.01 -45.73 -0.24
N SER D 138 -0.79 -46.74 0.01
CA SER D 138 -2.10 -46.83 -0.63
C SER D 138 -2.98 -45.73 -0.10
N ASP D 139 -2.67 -45.27 1.10
CA ASP D 139 -3.36 -44.13 1.68
C ASP D 139 -3.00 -42.83 0.98
N VAL D 140 -1.72 -42.63 0.68
CA VAL D 140 -1.33 -41.50 -0.13
C VAL D 140 -2.06 -41.53 -1.47
N ASP D 141 -2.11 -42.69 -2.12
CA ASP D 141 -2.77 -42.79 -3.43
C ASP D 141 -4.27 -42.42 -3.38
N ALA D 142 -4.98 -42.86 -2.34
CA ALA D 142 -6.39 -42.54 -2.25
C ALA D 142 -6.59 -41.03 -2.09
N LEU D 143 -5.68 -40.40 -1.34
CA LEU D 143 -5.74 -38.96 -1.10
C LEU D 143 -5.47 -38.20 -2.37
N VAL D 144 -4.65 -38.77 -3.26
CA VAL D 144 -4.32 -38.08 -4.50
C VAL D 144 -5.49 -38.18 -5.44
N LYS D 145 -6.10 -39.35 -5.46
CA LYS D 145 -7.23 -39.65 -6.33
C LYS D 145 -8.47 -38.88 -5.91
N TYR D 146 -8.79 -38.95 -4.62
CA TYR D 146 -10.08 -38.46 -4.15
C TYR D 146 -10.18 -36.99 -3.74
N SER D 147 -9.09 -36.39 -3.29
CA SER D 147 -9.13 -35.00 -2.85
C SER D 147 -9.10 -34.05 -4.04
N GLY D 148 -8.29 -34.36 -5.04
CA GLY D 148 -8.25 -33.55 -6.24
C GLY D 148 -7.46 -32.29 -6.02
N VAL D 149 -6.68 -32.27 -4.93
CA VAL D 149 -5.74 -31.17 -4.68
C VAL D 149 -4.37 -31.80 -4.54
N PRO D 150 -3.32 -30.97 -4.62
CA PRO D 150 -1.98 -31.53 -4.45
C PRO D 150 -1.81 -32.24 -3.10
N VAL D 151 -1.23 -33.44 -3.14
CA VAL D 151 -0.94 -34.18 -1.91
C VAL D 151 0.55 -34.44 -1.86
N TRP D 152 1.13 -34.31 -0.67
CA TRP D 152 2.55 -34.51 -0.48
C TRP D 152 2.81 -35.61 0.56
N ASN D 153 3.54 -36.63 0.09
CA ASN D 153 3.95 -37.78 0.89
C ASN D 153 4.97 -37.36 1.92
N GLY D 154 4.58 -37.39 3.19
CA GLY D 154 5.43 -36.90 4.27
C GLY D 154 6.41 -37.96 4.74
N LEU D 155 6.15 -39.20 4.32
CA LEU D 155 6.95 -40.40 4.60
C LEU D 155 6.03 -41.59 4.77
N THR D 156 6.24 -42.63 3.96
CA THR D 156 5.49 -43.88 4.09
C THR D 156 6.46 -45.06 4.24
N ASP D 157 5.92 -46.27 4.34
CA ASP D 157 6.76 -47.45 4.39
C ASP D 157 7.56 -47.62 3.09
N ASP D 158 7.09 -47.03 1.99
CA ASP D 158 7.73 -47.27 0.70
C ASP D 158 8.66 -46.16 0.22
N GLU D 159 8.47 -44.92 0.68
CA GLU D 159 9.29 -43.85 0.16
C GLU D 159 9.26 -42.58 1.01
N HIS D 160 10.26 -41.71 0.81
CA HIS D 160 10.38 -40.43 1.51
C HIS D 160 10.77 -39.30 0.54
N PRO D 161 9.85 -38.89 -0.34
CA PRO D 161 10.16 -37.95 -1.44
C PRO D 161 10.55 -36.53 -1.03
N THR D 162 10.02 -36.01 0.07
CA THR D 162 10.46 -34.68 0.51
C THR D 162 11.90 -34.74 1.01
N GLN D 163 12.25 -35.85 1.65
CA GLN D 163 13.59 -36.08 2.18
C GLN D 163 14.63 -36.23 1.07
N ILE D 164 14.25 -36.85 -0.05
CA ILE D 164 15.19 -37.02 -1.15
C ILE D 164 15.66 -35.70 -1.73
N ILE D 165 14.73 -34.76 -1.91
CA ILE D 165 15.06 -33.45 -2.48
C ILE D 165 15.98 -32.66 -1.53
N ALA D 166 15.76 -32.86 -0.23
CA ALA D 166 16.59 -32.22 0.76
C ALA D 166 18.03 -32.73 0.66
N ASP D 167 18.18 -34.05 0.58
CA ASP D 167 19.50 -34.66 0.58
C ASP D 167 20.29 -34.25 -0.65
N PHE D 168 19.69 -34.42 -1.81
CA PHE D 168 20.43 -34.16 -3.03
C PHE D 168 20.61 -32.68 -3.26
N MET D 169 19.76 -31.89 -2.60
CA MET D 169 19.98 -30.45 -2.48
C MET D 169 21.24 -30.22 -1.66
N THR D 170 21.31 -30.84 -0.48
CA THR D 170 22.48 -30.69 0.37
C THR D 170 23.76 -31.14 -0.36
N MET D 171 23.67 -32.20 -1.16
CA MET D 171 24.86 -32.69 -1.86
C MET D 171 25.26 -31.73 -2.97
N LYS D 172 24.28 -31.25 -3.72
CA LYS D 172 24.59 -30.32 -4.80
C LYS D 172 25.16 -29.00 -4.28
N GLU D 173 24.78 -28.61 -3.07
CA GLU D 173 25.30 -27.40 -2.49
C GLU D 173 26.80 -27.52 -2.19
N LYS D 174 27.25 -28.71 -1.83
CA LYS D 174 28.65 -28.93 -1.47
C LYS D 174 29.56 -29.25 -2.67
N PHE D 175 29.03 -30.01 -3.62
CA PHE D 175 29.84 -30.57 -4.72
C PHE D 175 29.50 -29.98 -6.08
N GLY D 176 28.39 -29.25 -6.17
CA GLY D 176 27.98 -28.72 -7.45
C GLY D 176 27.34 -29.83 -8.25
N ASN D 177 27.49 -29.79 -9.57
CA ASN D 177 26.97 -30.86 -10.41
C ASN D 177 27.33 -32.22 -9.81
N LEU D 178 26.31 -33.07 -9.67
CA LEU D 178 26.42 -34.35 -8.96
C LEU D 178 26.70 -35.55 -9.86
N LYS D 179 26.61 -35.37 -11.18
CA LYS D 179 26.72 -36.50 -12.12
C LYS D 179 28.05 -37.27 -12.03
N ASN D 180 27.94 -38.58 -11.79
CA ASN D 180 29.12 -39.44 -11.61
C ASN D 180 29.85 -39.22 -10.31
N LYS D 181 29.15 -38.81 -9.27
CA LYS D 181 29.77 -38.71 -7.97
C LYS D 181 29.33 -39.92 -7.19
N LYS D 182 30.08 -40.29 -6.15
CA LYS D 182 29.84 -41.56 -5.49
C LYS D 182 29.19 -41.42 -4.13
N ILE D 183 28.05 -42.07 -3.95
CA ILE D 183 27.39 -42.04 -2.65
C ILE D 183 27.18 -43.45 -2.12
N VAL D 184 27.51 -43.66 -0.85
CA VAL D 184 27.34 -44.97 -0.23
C VAL D 184 26.16 -44.92 0.72
N PHE D 185 25.15 -45.74 0.49
CA PHE D 185 24.17 -45.91 1.54
C PHE D 185 24.43 -47.22 2.27
N ILE D 186 24.76 -47.10 3.55
CA ILE D 186 25.19 -48.24 4.34
C ILE D 186 24.28 -48.31 5.53
N GLY D 187 23.94 -49.53 5.91
CA GLY D 187 23.02 -49.81 7.00
C GLY D 187 21.86 -50.67 6.52
N ASP D 188 20.69 -50.41 7.09
CA ASP D 188 19.48 -51.10 6.67
C ASP D 188 19.02 -50.55 5.33
N TYR D 189 19.79 -50.83 4.27
CA TYR D 189 19.62 -50.14 2.99
C TYR D 189 18.35 -50.51 2.23
N LYS D 190 17.57 -51.46 2.75
CA LYS D 190 16.33 -51.89 2.10
C LYS D 190 15.10 -51.16 2.65
N ASN D 191 15.27 -50.40 3.74
CA ASN D 191 14.16 -49.61 4.29
C ASN D 191 13.79 -48.45 3.37
N ASN D 192 12.80 -47.67 3.78
CA ASN D 192 12.37 -46.52 2.96
C ASN D 192 13.47 -45.50 2.61
N VAL D 193 14.29 -45.09 3.58
CA VAL D 193 15.34 -44.11 3.37
C VAL D 193 16.43 -44.56 2.38
N GLY D 194 16.87 -45.81 2.50
CA GLY D 194 17.81 -46.36 1.54
C GLY D 194 17.28 -46.34 0.10
N VAL D 195 16.12 -46.94 -0.11
CA VAL D 195 15.55 -46.99 -1.44
C VAL D 195 15.31 -45.60 -2.00
N SER D 196 15.00 -44.65 -1.12
CA SER D 196 14.78 -43.25 -1.52
C SER D 196 16.09 -42.59 -1.92
N THR D 197 17.17 -42.91 -1.21
CA THR D 197 18.48 -42.36 -1.54
C THR D 197 18.91 -42.89 -2.90
N MET D 198 18.64 -44.19 -3.11
CA MET D 198 18.92 -44.85 -4.38
C MET D 198 18.16 -44.14 -5.51
N ILE D 199 16.88 -43.87 -5.28
CA ILE D 199 16.09 -43.16 -6.28
C ILE D 199 16.73 -41.80 -6.61
N GLY D 200 17.02 -40.99 -5.59
CA GLY D 200 17.66 -39.70 -5.81
C GLY D 200 19.01 -39.77 -6.53
N ALA D 201 19.76 -40.84 -6.25
CA ALA D 201 21.05 -41.06 -6.89
C ALA D 201 20.90 -41.30 -8.41
N ALA D 202 19.78 -41.89 -8.81
CA ALA D 202 19.55 -42.18 -10.21
C ALA D 202 19.19 -40.90 -10.95
N PHE D 203 18.18 -40.19 -10.43
CA PHE D 203 17.80 -38.86 -10.93
C PHE D 203 18.99 -37.92 -11.07
N ASN D 204 20.00 -38.09 -10.23
CA ASN D 204 21.20 -37.27 -10.30
C ASN D 204 22.38 -37.95 -11.00
N GLY D 205 22.17 -39.15 -11.53
CA GLY D 205 23.18 -39.82 -12.31
C GLY D 205 24.47 -40.05 -11.53
N MET D 206 24.33 -40.47 -10.27
CA MET D 206 25.49 -40.79 -9.44
C MET D 206 25.71 -42.30 -9.35
N HIS D 207 26.91 -42.70 -8.96
CA HIS D 207 27.14 -44.09 -8.60
C HIS D 207 26.67 -44.29 -7.16
N VAL D 208 25.70 -45.18 -6.97
CA VAL D 208 25.27 -45.60 -5.64
C VAL D 208 25.84 -46.95 -5.26
N VAL D 209 26.29 -47.06 -4.02
CA VAL D 209 26.69 -48.35 -3.49
C VAL D 209 25.82 -48.66 -2.30
N MET D 210 24.96 -49.67 -2.46
CA MET D 210 24.08 -50.11 -1.37
C MET D 210 24.78 -51.17 -0.51
N CYS D 211 25.20 -50.76 0.68
CA CYS D 211 26.12 -51.56 1.51
C CYS D 211 25.51 -52.05 2.82
N GLY D 212 25.36 -53.36 2.94
CA GLY D 212 24.82 -53.96 4.16
C GLY D 212 24.55 -55.43 3.96
N PRO D 213 23.88 -56.07 4.93
CA PRO D 213 23.55 -57.49 4.90
C PRO D 213 23.20 -57.96 3.49
N ASP D 214 23.83 -59.04 3.04
CA ASP D 214 23.70 -59.52 1.67
C ASP D 214 22.24 -59.72 1.20
N ASN D 215 21.40 -60.25 2.08
CA ASN D 215 20.03 -60.59 1.69
C ASN D 215 19.01 -59.43 1.58
N TYR D 216 19.40 -58.20 1.93
CA TYR D 216 18.47 -57.07 1.88
C TYR D 216 18.08 -56.69 0.45
N LYS D 217 19.00 -56.86 -0.49
CA LYS D 217 18.70 -56.55 -1.89
C LYS D 217 17.56 -57.41 -2.44
N ASN D 218 17.11 -58.37 -1.64
CA ASN D 218 16.05 -59.29 -2.05
C ASN D 218 14.70 -58.80 -1.58
N GLU D 219 14.72 -57.81 -0.70
CA GLU D 219 13.49 -57.22 -0.20
C GLU D 219 13.25 -55.84 -0.82
N ILE D 220 13.98 -55.56 -1.91
CA ILE D 220 13.79 -54.31 -2.62
C ILE D 220 12.92 -54.51 -3.86
N ASP D 221 11.75 -53.85 -3.84
CA ASP D 221 10.79 -53.85 -4.93
C ASP D 221 11.45 -53.84 -6.31
N LYS D 222 11.18 -54.88 -7.09
CA LYS D 222 11.84 -55.07 -8.38
C LYS D 222 11.53 -53.96 -9.40
N ASN D 223 10.37 -53.33 -9.26
CA ASN D 223 10.00 -52.27 -10.18
C ASN D 223 10.77 -50.97 -9.96
N VAL D 224 10.93 -50.61 -8.69
CA VAL D 224 11.76 -49.48 -8.33
C VAL D 224 13.13 -49.66 -8.97
N LEU D 225 13.67 -50.86 -8.83
CA LEU D 225 15.00 -51.19 -9.35
C LEU D 225 15.09 -50.97 -10.86
N ALA D 226 14.16 -51.58 -11.58
CA ALA D 226 14.10 -51.43 -13.03
C ALA D 226 14.07 -49.95 -13.41
N LYS D 227 13.15 -49.21 -12.78
CA LYS D 227 13.03 -47.78 -13.01
C LYS D 227 14.33 -47.06 -12.72
N CYS D 228 15.00 -47.46 -11.64
CA CYS D 228 16.29 -46.87 -11.31
C CYS D 228 17.34 -47.17 -12.39
N ILE D 229 17.37 -48.41 -12.89
CA ILE D 229 18.36 -48.79 -13.88
C ILE D 229 18.22 -47.94 -15.12
N GLU D 230 16.96 -47.75 -15.53
CA GLU D 230 16.59 -46.88 -16.64
C GLU D 230 17.15 -45.45 -16.49
N LEU D 231 16.97 -44.87 -15.31
CA LEU D 231 17.48 -43.53 -15.01
C LEU D 231 19.00 -43.47 -15.06
N PHE D 232 19.68 -44.49 -14.51
CA PHE D 232 21.14 -44.58 -14.66
C PHE D 232 21.54 -44.61 -16.14
N LYS D 233 20.76 -45.31 -16.96
CA LYS D 233 20.98 -45.36 -18.41
C LYS D 233 20.94 -43.97 -19.03
N ARG D 234 20.04 -43.16 -18.49
CA ARG D 234 19.74 -41.83 -18.99
C ARG D 234 20.62 -40.71 -18.39
N ASN D 235 20.88 -40.80 -17.09
CA ASN D 235 21.59 -39.74 -16.37
C ASN D 235 23.04 -40.08 -16.18
N GLY D 236 23.34 -41.37 -16.13
CA GLY D 236 24.70 -41.83 -16.08
C GLY D 236 25.29 -42.12 -14.71
N GLY D 237 24.54 -42.79 -13.85
CA GLY D 237 25.19 -43.30 -12.66
C GLY D 237 25.52 -44.77 -12.79
N SER D 238 25.42 -45.49 -11.67
CA SER D 238 25.25 -46.95 -11.64
C SER D 238 24.85 -47.40 -10.21
N LEU D 239 24.33 -48.62 -10.14
CA LEU D 239 23.91 -49.24 -8.88
C LEU D 239 24.89 -50.35 -8.52
N ARG D 240 25.02 -50.65 -7.24
CA ARG D 240 25.94 -51.70 -6.86
C ARG D 240 25.66 -52.17 -5.45
N PHE D 241 25.93 -53.43 -5.15
CA PHE D 241 25.76 -53.91 -3.79
C PHE D 241 27.08 -54.31 -3.15
N SER D 242 27.31 -53.82 -1.94
CA SER D 242 28.51 -54.22 -1.23
C SER D 242 28.15 -54.90 0.08
N THR D 243 29.16 -55.53 0.68
CA THR D 243 28.96 -56.27 1.89
C THR D 243 30.09 -55.82 2.79
N ASP D 244 30.96 -54.98 2.21
CA ASP D 244 32.16 -54.50 2.89
C ASP D 244 32.23 -52.97 2.95
N LYS D 245 32.09 -52.42 4.16
CA LYS D 245 32.15 -50.98 4.42
C LYS D 245 33.39 -50.27 3.83
N ILE D 246 34.55 -50.90 3.93
CA ILE D 246 35.78 -50.28 3.44
C ILE D 246 35.99 -50.35 1.93
N LEU D 247 35.62 -51.47 1.32
CA LEU D 247 35.71 -51.60 -0.13
C LEU D 247 34.75 -50.62 -0.78
N ALA D 248 33.61 -50.42 -0.10
CA ALA D 248 32.54 -49.55 -0.60
C ALA D 248 32.93 -48.07 -0.55
N ALA D 249 33.58 -47.66 0.53
CA ALA D 249 33.93 -46.25 0.73
C ALA D 249 34.96 -45.71 -0.28
N GLN D 250 35.59 -46.61 -1.04
CA GLN D 250 36.62 -46.19 -1.99
C GLN D 250 36.08 -45.06 -2.87
N ASP D 251 36.83 -43.97 -2.93
CA ASP D 251 36.44 -42.83 -3.77
C ASP D 251 34.99 -42.35 -3.61
N ALA D 252 34.44 -42.43 -2.40
CA ALA D 252 33.06 -42.02 -2.18
C ALA D 252 32.96 -40.57 -1.71
N ASP D 253 32.19 -39.77 -2.45
CA ASP D 253 31.93 -38.38 -2.08
C ASP D 253 30.97 -38.25 -0.89
N VAL D 254 30.03 -39.19 -0.80
CA VAL D 254 29.03 -39.12 0.24
C VAL D 254 28.82 -40.48 0.87
N ILE D 255 28.71 -40.49 2.20
CA ILE D 255 28.34 -41.67 2.95
C ILE D 255 27.08 -41.36 3.76
N TYR D 256 26.01 -42.08 3.45
CA TYR D 256 24.68 -41.85 4.03
C TYR D 256 24.27 -43.08 4.85
N THR D 257 23.92 -42.88 6.11
CA THR D 257 23.45 -43.99 6.94
C THR D 257 22.11 -43.69 7.60
N ASP D 258 21.65 -44.62 8.44
CA ASP D 258 20.37 -44.46 9.10
C ASP D 258 20.38 -45.38 10.31
N VAL D 259 19.34 -45.28 11.15
CA VAL D 259 19.25 -46.06 12.36
C VAL D 259 19.09 -47.54 12.02
N TRP D 260 19.55 -48.41 12.93
CA TRP D 260 19.31 -49.84 12.78
C TRP D 260 17.98 -50.20 13.41
N VAL D 261 17.66 -49.52 14.50
CA VAL D 261 16.51 -49.89 15.31
C VAL D 261 15.39 -48.85 15.28
N SER D 262 14.36 -49.14 14.51
CA SER D 262 13.11 -48.41 14.65
C SER D 262 12.44 -48.95 15.91
N LEU D 263 12.33 -48.12 16.95
CA LEU D 263 11.70 -48.57 18.19
C LEU D 263 10.21 -48.89 17.98
N GLY D 264 9.79 -50.05 18.46
CA GLY D 264 10.68 -50.98 19.13
C GLY D 264 9.91 -52.25 19.43
N GLU D 265 10.03 -53.22 18.54
CA GLU D 265 9.20 -54.42 18.63
C GLU D 265 9.45 -55.20 19.93
N PRO D 266 10.68 -55.71 20.13
CA PRO D 266 11.03 -56.17 21.47
C PRO D 266 12.35 -55.53 21.89
N PHE D 267 13.25 -56.37 22.40
CA PHE D 267 14.67 -56.06 22.47
C PHE D 267 15.37 -57.33 22.01
N GLU D 268 14.71 -58.03 21.08
CA GLU D 268 15.17 -59.31 20.55
C GLU D 268 15.29 -59.24 19.04
N LEU D 269 14.47 -58.39 18.43
CA LEU D 269 14.64 -58.09 17.02
C LEU D 269 15.84 -57.18 16.90
N PHE D 270 16.04 -56.36 17.92
CA PHE D 270 17.25 -55.56 18.05
C PHE D 270 18.40 -56.55 18.00
N ASP D 271 18.32 -57.53 18.89
CA ASP D 271 19.24 -58.66 18.89
C ASP D 271 19.59 -59.11 17.47
N LYS D 272 18.56 -59.37 16.67
CA LYS D 272 18.73 -59.90 15.32
C LYS D 272 19.23 -58.83 14.35
N ARG D 273 18.81 -57.59 14.60
CA ARG D 273 19.20 -56.45 13.77
C ARG D 273 20.64 -56.03 14.00
N ILE D 274 20.96 -55.66 15.23
CA ILE D 274 22.35 -55.39 15.56
C ILE D 274 23.12 -56.64 15.19
N GLY D 275 22.46 -57.79 15.34
CA GLY D 275 22.99 -59.07 14.90
C GLY D 275 23.47 -59.02 13.47
N GLU D 276 22.57 -58.69 12.53
CA GLU D 276 22.92 -58.59 11.11
C GLU D 276 23.73 -57.34 10.74
N LEU D 277 23.53 -56.26 11.48
CA LEU D 277 24.08 -54.94 11.12
C LEU D 277 25.42 -54.59 11.80
N LYS D 278 25.83 -55.43 12.76
CA LYS D 278 26.99 -55.17 13.63
C LYS D 278 28.32 -54.80 12.92
N ASN D 279 28.47 -55.19 11.66
CA ASN D 279 29.71 -54.93 10.93
C ASN D 279 29.61 -53.72 10.01
N PHE D 280 28.45 -53.06 10.01
CA PHE D 280 28.20 -51.97 9.08
C PHE D 280 28.14 -50.59 9.75
N GLN D 281 28.66 -50.51 10.98
CA GLN D 281 28.72 -49.22 11.66
C GLN D 281 29.62 -48.24 10.95
N VAL D 282 29.21 -46.98 10.89
CA VAL D 282 30.01 -45.94 10.27
C VAL D 282 31.01 -45.34 11.25
N ASP D 283 32.28 -45.56 11.00
CA ASP D 283 33.34 -45.12 11.89
C ASP D 283 34.41 -44.35 11.12
N MET D 284 35.37 -43.80 11.85
CA MET D 284 36.42 -43.00 11.24
C MET D 284 37.33 -43.78 10.28
N ASN D 285 37.32 -45.11 10.40
CA ASN D 285 38.02 -45.95 9.42
C ASN D 285 37.42 -45.77 8.03
N MET D 286 36.10 -45.92 7.97
CA MET D 286 35.36 -45.80 6.71
C MET D 286 35.51 -44.40 6.12
N ILE D 287 35.43 -43.38 6.93
CA ILE D 287 35.55 -42.06 6.41
C ILE D 287 36.88 -41.84 5.85
N LYS D 288 37.88 -42.42 6.49
CA LYS D 288 39.24 -42.19 6.08
C LYS D 288 39.56 -42.92 4.80
N ALA D 289 38.86 -44.03 4.62
CA ALA D 289 38.95 -44.83 3.42
C ALA D 289 38.19 -44.22 2.31
N ALA D 290 37.43 -43.21 2.61
CA ALA D 290 36.72 -42.49 1.58
C ALA D 290 37.52 -41.23 1.46
N LYS D 291 37.07 -40.31 0.63
CA LYS D 291 37.82 -39.14 0.33
C LYS D 291 38.18 -38.12 1.38
N ASN D 292 39.18 -37.27 1.14
CA ASN D 292 39.51 -36.20 2.06
C ASN D 292 38.22 -35.42 2.18
N ASP D 293 37.55 -35.26 1.04
CA ASP D 293 36.45 -34.32 0.90
C ASP D 293 35.06 -34.88 1.28
N VAL D 294 34.95 -36.19 1.43
CA VAL D 294 33.68 -36.86 1.71
C VAL D 294 32.85 -36.09 2.76
N ILE D 295 31.52 -36.27 2.71
CA ILE D 295 30.62 -35.76 3.74
C ILE D 295 29.76 -36.88 4.34
N PHE D 296 29.29 -36.69 5.56
CA PHE D 296 28.41 -37.65 6.20
C PHE D 296 26.96 -37.13 6.22
N LEU D 297 26.02 -37.93 5.74
CA LEU D 297 24.61 -37.57 5.82
C LEU D 297 23.85 -38.57 6.70
N HIS D 298 22.76 -38.10 7.31
CA HIS D 298 21.94 -38.90 8.20
C HIS D 298 20.64 -38.14 8.47
N CYS D 299 19.49 -38.78 8.21
CA CYS D 299 18.20 -38.10 8.31
C CYS D 299 17.86 -37.70 9.75
N LEU D 300 18.56 -38.29 10.72
CA LEU D 300 18.37 -38.01 12.15
C LEU D 300 16.95 -38.32 12.55
N PRO D 301 16.73 -38.58 13.84
CA PRO D 301 17.76 -38.63 14.89
C PRO D 301 18.77 -39.75 14.67
N ALA D 302 20.05 -39.46 14.92
CA ALA D 302 21.07 -40.50 14.93
C ALA D 302 21.31 -41.01 16.36
N PHE D 303 21.92 -42.18 16.50
CA PHE D 303 22.34 -42.68 17.81
C PHE D 303 23.84 -42.80 17.82
N HIS D 304 24.52 -41.72 18.18
CA HIS D 304 25.97 -41.63 18.08
C HIS D 304 26.56 -41.44 19.47
N ASP D 305 25.79 -41.77 20.49
CA ASP D 305 26.30 -41.70 21.85
C ASP D 305 25.23 -42.08 22.86
N ASP D 306 25.56 -41.92 24.13
CA ASP D 306 24.71 -42.37 25.22
C ASP D 306 23.79 -41.26 25.75
N HIS D 307 23.92 -40.04 25.22
CA HIS D 307 23.09 -38.93 25.69
C HIS D 307 21.61 -39.22 25.57
N THR D 308 21.27 -40.33 24.92
CA THR D 308 19.89 -40.72 24.75
C THR D 308 19.60 -41.92 25.66
N SER D 309 18.44 -41.91 26.32
CA SER D 309 18.09 -42.96 27.27
C SER D 309 17.81 -44.29 26.56
N PHE D 310 17.11 -44.22 25.42
CA PHE D 310 16.91 -45.39 24.58
C PHE D 310 18.24 -46.00 24.16
N SER D 311 19.21 -45.15 23.87
CA SER D 311 20.55 -45.63 23.55
C SER D 311 21.11 -46.43 24.74
N LYS D 312 21.14 -45.82 25.92
CA LYS D 312 21.71 -46.48 27.09
C LYS D 312 21.05 -47.83 27.42
N GLU D 313 19.74 -47.94 27.24
CA GLU D 313 19.04 -49.20 27.43
C GLU D 313 19.51 -50.26 26.45
N VAL D 314 20.08 -49.83 25.33
CA VAL D 314 20.70 -50.76 24.39
C VAL D 314 22.08 -51.15 24.91
N ALA D 315 22.90 -50.16 25.21
CA ALA D 315 24.23 -50.41 25.79
C ALA D 315 24.16 -51.42 26.95
N THR D 316 23.07 -51.35 27.69
CA THR D 316 22.83 -52.23 28.82
C THR D 316 22.48 -53.62 28.34
N THR D 317 21.30 -53.74 27.74
CA THR D 317 20.78 -55.03 27.36
C THR D 317 21.62 -55.77 26.31
N LEU D 318 22.50 -55.07 25.62
CA LEU D 318 23.26 -55.70 24.52
C LEU D 318 24.72 -55.28 24.37
N GLY D 319 25.28 -54.59 25.37
CA GLY D 319 26.69 -54.19 25.34
C GLY D 319 27.57 -55.38 24.99
N ALA D 320 27.07 -56.55 25.37
CA ALA D 320 27.51 -57.83 24.84
C ALA D 320 26.27 -58.71 24.93
N LYS D 321 25.97 -59.51 23.91
CA LYS D 321 26.85 -59.81 22.78
C LYS D 321 27.70 -58.68 22.18
N TYR D 322 27.03 -57.74 21.52
CA TYR D 322 27.70 -56.82 20.61
C TYR D 322 28.40 -55.64 21.28
N PRO D 323 29.75 -55.67 21.29
CA PRO D 323 30.65 -54.67 21.87
C PRO D 323 30.55 -53.27 21.26
N ILE D 324 30.05 -53.14 20.04
CA ILE D 324 29.90 -51.83 19.39
C ILE D 324 28.89 -50.94 20.11
N VAL D 325 27.69 -51.46 20.28
CA VAL D 325 26.58 -50.72 20.88
C VAL D 325 26.72 -50.62 22.41
N ALA D 326 27.86 -51.06 22.93
CA ALA D 326 28.07 -51.04 24.37
C ALA D 326 28.18 -49.60 24.87
N LYS D 327 28.70 -48.72 24.03
CA LYS D 327 28.98 -47.36 24.44
C LYS D 327 27.94 -46.36 23.93
N GLY D 328 26.79 -46.88 23.49
CA GLY D 328 25.71 -46.04 23.01
C GLY D 328 25.64 -45.87 21.50
N GLU D 329 26.79 -45.71 20.86
CA GLU D 329 26.82 -45.50 19.41
C GLU D 329 26.27 -46.73 18.70
N MET D 330 25.62 -46.52 17.56
CA MET D 330 25.09 -47.63 16.77
C MET D 330 25.51 -47.51 15.31
N GLU D 331 24.68 -46.86 14.51
CA GLU D 331 24.96 -46.72 13.07
C GLU D 331 26.19 -45.83 12.80
N VAL D 332 26.52 -44.95 13.74
CA VAL D 332 27.69 -44.09 13.58
C VAL D 332 28.32 -43.80 14.92
N THR D 333 29.62 -43.54 14.90
CA THR D 333 30.39 -43.27 16.11
C THR D 333 30.38 -41.78 16.39
N ASP D 334 30.15 -41.42 17.66
CA ASP D 334 30.17 -40.02 18.09
C ASP D 334 31.42 -39.37 17.55
N GLU D 335 32.46 -40.16 17.35
CA GLU D 335 33.71 -39.64 16.83
C GLU D 335 33.48 -39.09 15.42
N VAL D 336 32.65 -39.80 14.65
CA VAL D 336 32.35 -39.42 13.27
C VAL D 336 31.31 -38.32 13.21
N PHE D 337 30.25 -38.46 14.02
CA PHE D 337 29.17 -37.47 14.09
C PHE D 337 29.67 -36.04 14.38
N GLN D 338 30.89 -35.90 14.91
CA GLN D 338 31.39 -34.59 15.38
C GLN D 338 32.44 -34.00 14.47
N SER D 339 32.91 -34.80 13.52
CA SER D 339 33.91 -34.35 12.55
C SER D 339 33.36 -33.28 11.59
N LEU D 340 34.26 -32.57 10.92
CA LEU D 340 33.86 -31.59 9.92
C LEU D 340 33.10 -32.25 8.75
N HIS D 341 33.01 -33.58 8.77
CA HIS D 341 32.40 -34.31 7.66
C HIS D 341 30.87 -34.34 7.72
N ASN D 342 30.34 -34.31 8.95
CA ASN D 342 28.92 -34.44 9.18
C ASN D 342 28.10 -33.22 8.73
N LYS D 343 27.29 -33.38 7.69
CA LYS D 343 26.47 -32.28 7.19
C LYS D 343 24.99 -32.44 7.56
N ALA D 344 24.71 -33.36 8.47
CA ALA D 344 23.35 -33.78 8.73
C ALA D 344 22.46 -32.65 9.26
N PHE D 345 23.08 -31.59 9.79
CA PHE D 345 22.28 -30.47 10.26
C PHE D 345 21.95 -29.46 9.15
N ASP D 346 22.81 -29.42 8.15
CA ASP D 346 22.52 -28.73 6.90
C ASP D 346 21.47 -29.50 6.11
N GLN D 347 21.52 -30.81 6.24
CA GLN D 347 20.56 -31.68 5.57
C GLN D 347 19.20 -31.45 6.21
N ALA D 348 19.21 -31.18 7.52
CA ALA D 348 18.00 -30.91 8.27
C ALA D 348 17.36 -29.54 7.92
N GLU D 349 18.15 -28.47 7.96
CA GLU D 349 17.65 -27.17 7.59
C GLU D 349 17.02 -27.28 6.22
N ASN D 350 17.70 -27.98 5.32
CA ASN D 350 17.22 -28.17 3.97
C ASN D 350 15.87 -28.87 3.83
N ARG D 351 15.46 -29.65 4.83
CA ARG D 351 14.13 -30.25 4.78
C ARG D 351 13.12 -29.17 4.44
N MET D 352 13.34 -27.99 5.02
CA MET D 352 12.32 -26.94 4.98
C MET D 352 12.33 -26.22 3.63
N HIS D 353 13.50 -25.74 3.22
CA HIS D 353 13.67 -25.13 1.91
C HIS D 353 13.09 -25.97 0.77
N SER D 354 13.25 -27.29 0.84
CA SER D 354 12.83 -28.14 -0.26
C SER D 354 11.32 -28.41 -0.22
N ILE D 355 10.75 -28.46 0.98
CA ILE D 355 9.32 -28.63 1.09
C ILE D 355 8.63 -27.36 0.57
N LYS D 356 9.30 -26.22 0.76
CA LYS D 356 8.76 -24.97 0.26
C LYS D 356 8.70 -24.99 -1.26
N ALA D 357 9.76 -25.46 -1.90
CA ALA D 357 9.80 -25.53 -3.36
C ALA D 357 8.74 -26.49 -3.86
N ILE D 358 8.49 -27.54 -3.08
CA ILE D 358 7.44 -28.49 -3.44
C ILE D 358 6.04 -27.91 -3.21
N ILE D 359 5.86 -27.15 -2.13
CA ILE D 359 4.56 -26.51 -1.91
C ILE D 359 4.27 -25.45 -2.98
N LEU D 360 5.28 -24.66 -3.30
CA LEU D 360 5.11 -23.53 -4.22
C LEU D 360 4.93 -23.96 -5.67
N SER D 361 5.67 -24.99 -6.10
CA SER D 361 5.57 -25.51 -7.47
C SER D 361 4.23 -26.15 -7.72
N THR D 362 3.72 -26.77 -6.68
CA THR D 362 2.60 -27.65 -6.75
C THR D 362 1.27 -26.85 -6.60
N ILE D 363 1.28 -25.82 -5.77
CA ILE D 363 0.14 -24.92 -5.63
C ILE D 363 0.16 -23.85 -6.72
N GLY D 364 1.37 -23.40 -7.09
CA GLY D 364 1.56 -22.29 -7.99
C GLY D 364 1.48 -20.94 -7.29
N TYR D 365 2.35 -20.00 -7.67
CA TYR D 365 2.19 -18.61 -7.25
C TYR D 365 0.99 -17.99 -8.00
#